data_1BKB
# 
_entry.id   1BKB 
# 
_audit_conform.dict_name       mmcif_pdbx.dic 
_audit_conform.dict_version    5.398 
_audit_conform.dict_location   http://mmcif.pdb.org/dictionaries/ascii/mmcif_pdbx.dic 
# 
loop_
_database_2.database_id 
_database_2.database_code 
_database_2.pdbx_database_accession 
_database_2.pdbx_DOI 
PDB   1BKB         pdb_00001bkb 10.2210/pdb1bkb/pdb 
WWPDB D_1000171855 ?            ?                   
# 
loop_
_pdbx_audit_revision_history.ordinal 
_pdbx_audit_revision_history.data_content_type 
_pdbx_audit_revision_history.major_revision 
_pdbx_audit_revision_history.minor_revision 
_pdbx_audit_revision_history.revision_date 
1 'Structure model' 1 0 1998-11-04 
2 'Structure model' 1 1 2008-03-24 
3 'Structure model' 1 2 2011-07-13 
4 'Structure model' 1 3 2024-10-30 
# 
_pdbx_audit_revision_details.ordinal             1 
_pdbx_audit_revision_details.revision_ordinal    1 
_pdbx_audit_revision_details.data_content_type   'Structure model' 
_pdbx_audit_revision_details.provider            repository 
_pdbx_audit_revision_details.type                'Initial release' 
_pdbx_audit_revision_details.description         ? 
_pdbx_audit_revision_details.details             ? 
# 
loop_
_pdbx_audit_revision_group.ordinal 
_pdbx_audit_revision_group.revision_ordinal 
_pdbx_audit_revision_group.data_content_type 
_pdbx_audit_revision_group.group 
1 2 'Structure model' 'Version format compliance' 
2 3 'Structure model' 'Version format compliance' 
3 4 'Structure model' 'Data collection'           
4 4 'Structure model' 'Database references'       
5 4 'Structure model' 'Derived calculations'      
6 4 'Structure model' 'Structure summary'         
# 
loop_
_pdbx_audit_revision_category.ordinal 
_pdbx_audit_revision_category.revision_ordinal 
_pdbx_audit_revision_category.data_content_type 
_pdbx_audit_revision_category.category 
1 4 'Structure model' chem_comp_atom            
2 4 'Structure model' chem_comp_bond            
3 4 'Structure model' database_2                
4 4 'Structure model' pdbx_entry_details        
5 4 'Structure model' pdbx_modification_feature 
6 4 'Structure model' struct_conn               
7 4 'Structure model' struct_ref_seq_dif        
# 
loop_
_pdbx_audit_revision_item.ordinal 
_pdbx_audit_revision_item.revision_ordinal 
_pdbx_audit_revision_item.data_content_type 
_pdbx_audit_revision_item.item 
1  4 'Structure model' '_database_2.pdbx_DOI'                
2  4 'Structure model' '_database_2.pdbx_database_accession' 
3  4 'Structure model' '_struct_conn.pdbx_leaving_atom_flag' 
4  4 'Structure model' '_struct_conn.ptnr1_auth_comp_id'     
5  4 'Structure model' '_struct_conn.ptnr1_auth_seq_id'      
6  4 'Structure model' '_struct_conn.ptnr1_label_atom_id'    
7  4 'Structure model' '_struct_conn.ptnr1_label_comp_id'    
8  4 'Structure model' '_struct_conn.ptnr1_label_seq_id'     
9  4 'Structure model' '_struct_conn.ptnr2_auth_comp_id'     
10 4 'Structure model' '_struct_conn.ptnr2_auth_seq_id'      
11 4 'Structure model' '_struct_conn.ptnr2_label_atom_id'    
12 4 'Structure model' '_struct_conn.ptnr2_label_comp_id'    
13 4 'Structure model' '_struct_conn.ptnr2_label_seq_id'     
14 4 'Structure model' '_struct_ref_seq_dif.details'         
# 
_pdbx_database_status.status_code                     REL 
_pdbx_database_status.entry_id                        1BKB 
_pdbx_database_status.recvd_initial_deposition_date   1998-07-05 
_pdbx_database_status.deposit_site                    ? 
_pdbx_database_status.process_site                    BNL 
_pdbx_database_status.status_code_sf                  REL 
_pdbx_database_status.status_code_mr                  ? 
_pdbx_database_status.SG_entry                        ? 
_pdbx_database_status.pdb_format_compatible           Y 
_pdbx_database_status.status_code_cs                  ? 
_pdbx_database_status.status_code_nmr_data            ? 
_pdbx_database_status.methods_development_category    ? 
# 
loop_
_audit_author.name 
_audit_author.pdbx_ordinal 
'Peat, T.S.'        1 
'Newman, J.'        2 
'Waldo, G.S.'       3 
'Berendzen, J.'     4 
'Terwilliger, T.C.' 5 
# 
_citation.id                        primary 
_citation.title                     
'Structure of translation initiation factor 5A from Pyrobaculum aerophilum at 1.75 A resolution.' 
_citation.journal_abbrev            Structure 
_citation.journal_volume            6 
_citation.page_first                1207 
_citation.page_last                 1214 
_citation.year                      1998 
_citation.journal_id_ASTM           STRUE6 
_citation.country                   UK 
_citation.journal_id_ISSN           0969-2126 
_citation.journal_id_CSD            2005 
_citation.book_publisher            ? 
_citation.pdbx_database_id_PubMed   9753699 
_citation.pdbx_database_id_DOI      '10.1016/S0969-2126(98)00120-8' 
# 
loop_
_citation_author.citation_id 
_citation_author.name 
_citation_author.ordinal 
_citation_author.identifier_ORCID 
primary 'Peat, T.S.'        1 ? 
primary 'Newman, J.'        2 ? 
primary 'Waldo, G.S.'       3 ? 
primary 'Berendzen, J.'     4 ? 
primary 'Terwilliger, T.C.' 5 ? 
# 
loop_
_entity.id 
_entity.type 
_entity.src_method 
_entity.pdbx_description 
_entity.formula_weight 
_entity.pdbx_number_of_molecules 
_entity.pdbx_ec 
_entity.pdbx_mutation 
_entity.pdbx_fragment 
_entity.details 
1 polymer man 'TRANSLATION INITIATION FACTOR 5A' 15334.187 1   ? YES ? 
'MSE HAS REPLACED MET, AS SELENO-METHIONINE WAS INCORPORATED INTO THE PROTEIN' 
2 water   nat water                              18.015    143 ? ?   ? ? 
# 
_entity_poly.entity_id                      1 
_entity_poly.type                           'polypeptide(L)' 
_entity_poly.nstd_linkage                   no 
_entity_poly.nstd_monomer                   yes 
_entity_poly.pdbx_seq_one_letter_code       
;KWV(MSE)STKYVEAGELKEGSYVVIDGEPCRVVEIEKSKTGKHGSAKARIVAVGVFDGGKRTLSLPVDAQVEVPIIEKF
TAQILSVSGDVIQL(MSE)D(MSE)RDYKTIEVP(MSE)KYVEEEAKGRLAPGAEVEVWQILDRYKIIRVKG
;
_entity_poly.pdbx_seq_one_letter_code_can   
;KWVMSTKYVEAGELKEGSYVVIDGEPCRVVEIEKSKTGKHGSAKARIVAVGVFDGGKRTLSLPVDAQVEVPIIEKFTAQI
LSVSGDVIQLMDMRDYKTIEVPMKYVEEEAKGRLAPGAEVEVWQILDRYKIIRVKG
;
_entity_poly.pdbx_strand_id                 A 
_entity_poly.pdbx_target_identifier         ? 
# 
_pdbx_entity_nonpoly.entity_id   2 
_pdbx_entity_nonpoly.name        water 
_pdbx_entity_nonpoly.comp_id     HOH 
# 
loop_
_entity_poly_seq.entity_id 
_entity_poly_seq.num 
_entity_poly_seq.mon_id 
_entity_poly_seq.hetero 
1 1   LYS n 
1 2   TRP n 
1 3   VAL n 
1 4   MSE n 
1 5   SER n 
1 6   THR n 
1 7   LYS n 
1 8   TYR n 
1 9   VAL n 
1 10  GLU n 
1 11  ALA n 
1 12  GLY n 
1 13  GLU n 
1 14  LEU n 
1 15  LYS n 
1 16  GLU n 
1 17  GLY n 
1 18  SER n 
1 19  TYR n 
1 20  VAL n 
1 21  VAL n 
1 22  ILE n 
1 23  ASP n 
1 24  GLY n 
1 25  GLU n 
1 26  PRO n 
1 27  CYS n 
1 28  ARG n 
1 29  VAL n 
1 30  VAL n 
1 31  GLU n 
1 32  ILE n 
1 33  GLU n 
1 34  LYS n 
1 35  SER n 
1 36  LYS n 
1 37  THR n 
1 38  GLY n 
1 39  LYS n 
1 40  HIS n 
1 41  GLY n 
1 42  SER n 
1 43  ALA n 
1 44  LYS n 
1 45  ALA n 
1 46  ARG n 
1 47  ILE n 
1 48  VAL n 
1 49  ALA n 
1 50  VAL n 
1 51  GLY n 
1 52  VAL n 
1 53  PHE n 
1 54  ASP n 
1 55  GLY n 
1 56  GLY n 
1 57  LYS n 
1 58  ARG n 
1 59  THR n 
1 60  LEU n 
1 61  SER n 
1 62  LEU n 
1 63  PRO n 
1 64  VAL n 
1 65  ASP n 
1 66  ALA n 
1 67  GLN n 
1 68  VAL n 
1 69  GLU n 
1 70  VAL n 
1 71  PRO n 
1 72  ILE n 
1 73  ILE n 
1 74  GLU n 
1 75  LYS n 
1 76  PHE n 
1 77  THR n 
1 78  ALA n 
1 79  GLN n 
1 80  ILE n 
1 81  LEU n 
1 82  SER n 
1 83  VAL n 
1 84  SER n 
1 85  GLY n 
1 86  ASP n 
1 87  VAL n 
1 88  ILE n 
1 89  GLN n 
1 90  LEU n 
1 91  MSE n 
1 92  ASP n 
1 93  MSE n 
1 94  ARG n 
1 95  ASP n 
1 96  TYR n 
1 97  LYS n 
1 98  THR n 
1 99  ILE n 
1 100 GLU n 
1 101 VAL n 
1 102 PRO n 
1 103 MSE n 
1 104 LYS n 
1 105 TYR n 
1 106 VAL n 
1 107 GLU n 
1 108 GLU n 
1 109 GLU n 
1 110 ALA n 
1 111 LYS n 
1 112 GLY n 
1 113 ARG n 
1 114 LEU n 
1 115 ALA n 
1 116 PRO n 
1 117 GLY n 
1 118 ALA n 
1 119 GLU n 
1 120 VAL n 
1 121 GLU n 
1 122 VAL n 
1 123 TRP n 
1 124 GLN n 
1 125 ILE n 
1 126 LEU n 
1 127 ASP n 
1 128 ARG n 
1 129 TYR n 
1 130 LYS n 
1 131 ILE n 
1 132 ILE n 
1 133 ARG n 
1 134 VAL n 
1 135 LYS n 
1 136 GLY n 
# 
_entity_src_gen.entity_id                          1 
_entity_src_gen.pdbx_src_id                        1 
_entity_src_gen.pdbx_alt_source_flag               sample 
_entity_src_gen.pdbx_seq_type                      ? 
_entity_src_gen.pdbx_beg_seq_num                   ? 
_entity_src_gen.pdbx_end_seq_num                   ? 
_entity_src_gen.gene_src_common_name               ? 
_entity_src_gen.gene_src_genus                     Pyrobaculum 
_entity_src_gen.pdbx_gene_src_gene                 ? 
_entity_src_gen.gene_src_species                   ? 
_entity_src_gen.gene_src_strain                    ? 
_entity_src_gen.gene_src_tissue                    ? 
_entity_src_gen.gene_src_tissue_fraction           ? 
_entity_src_gen.gene_src_details                   ? 
_entity_src_gen.pdbx_gene_src_fragment             ? 
_entity_src_gen.pdbx_gene_src_scientific_name      'Pyrobaculum aerophilum' 
_entity_src_gen.pdbx_gene_src_ncbi_taxonomy_id     13773 
_entity_src_gen.pdbx_gene_src_variant              ? 
_entity_src_gen.pdbx_gene_src_cell_line            ? 
_entity_src_gen.pdbx_gene_src_atcc                 ? 
_entity_src_gen.pdbx_gene_src_organ                ? 
_entity_src_gen.pdbx_gene_src_organelle            ? 
_entity_src_gen.pdbx_gene_src_cell                 ? 
_entity_src_gen.pdbx_gene_src_cellular_location    ? 
_entity_src_gen.host_org_common_name               ? 
_entity_src_gen.pdbx_host_org_scientific_name      'Escherichia coli BL21' 
_entity_src_gen.pdbx_host_org_ncbi_taxonomy_id     511693 
_entity_src_gen.host_org_genus                     Escherichia 
_entity_src_gen.pdbx_host_org_gene                 ? 
_entity_src_gen.pdbx_host_org_organ                ? 
_entity_src_gen.host_org_species                   'Escherichia coli' 
_entity_src_gen.pdbx_host_org_tissue               ? 
_entity_src_gen.pdbx_host_org_tissue_fraction      ? 
_entity_src_gen.pdbx_host_org_strain               BL21 
_entity_src_gen.pdbx_host_org_variant              ? 
_entity_src_gen.pdbx_host_org_cell_line            ? 
_entity_src_gen.pdbx_host_org_atcc                 ? 
_entity_src_gen.pdbx_host_org_culture_collection   ? 
_entity_src_gen.pdbx_host_org_cell                 ? 
_entity_src_gen.pdbx_host_org_organelle            ? 
_entity_src_gen.pdbx_host_org_cellular_location    ? 
_entity_src_gen.pdbx_host_org_vector_type          PET 
_entity_src_gen.pdbx_host_org_vector               PET 
_entity_src_gen.host_org_details                   ? 
_entity_src_gen.expression_system_id               ? 
_entity_src_gen.plasmid_name                       PET 
_entity_src_gen.plasmid_details                    ? 
_entity_src_gen.pdbx_description                   ? 
# 
loop_
_chem_comp.id 
_chem_comp.type 
_chem_comp.mon_nstd_flag 
_chem_comp.name 
_chem_comp.pdbx_synonyms 
_chem_comp.formula 
_chem_comp.formula_weight 
ALA 'L-peptide linking' y ALANINE          ? 'C3 H7 N O2'     89.093  
ARG 'L-peptide linking' y ARGININE         ? 'C6 H15 N4 O2 1' 175.209 
ASP 'L-peptide linking' y 'ASPARTIC ACID'  ? 'C4 H7 N O4'     133.103 
CYS 'L-peptide linking' y CYSTEINE         ? 'C3 H7 N O2 S'   121.158 
GLN 'L-peptide linking' y GLUTAMINE        ? 'C5 H10 N2 O3'   146.144 
GLU 'L-peptide linking' y 'GLUTAMIC ACID'  ? 'C5 H9 N O4'     147.129 
GLY 'peptide linking'   y GLYCINE          ? 'C2 H5 N O2'     75.067  
HIS 'L-peptide linking' y HISTIDINE        ? 'C6 H10 N3 O2 1' 156.162 
HOH non-polymer         . WATER            ? 'H2 O'           18.015  
ILE 'L-peptide linking' y ISOLEUCINE       ? 'C6 H13 N O2'    131.173 
LEU 'L-peptide linking' y LEUCINE          ? 'C6 H13 N O2'    131.173 
LYS 'L-peptide linking' y LYSINE           ? 'C6 H15 N2 O2 1' 147.195 
MET 'L-peptide linking' y METHIONINE       ? 'C5 H11 N O2 S'  149.211 
MSE 'L-peptide linking' n SELENOMETHIONINE ? 'C5 H11 N O2 Se' 196.106 
PHE 'L-peptide linking' y PHENYLALANINE    ? 'C9 H11 N O2'    165.189 
PRO 'L-peptide linking' y PROLINE          ? 'C5 H9 N O2'     115.130 
SER 'L-peptide linking' y SERINE           ? 'C3 H7 N O3'     105.093 
THR 'L-peptide linking' y THREONINE        ? 'C4 H9 N O3'     119.119 
TRP 'L-peptide linking' y TRYPTOPHAN       ? 'C11 H12 N2 O2'  204.225 
TYR 'L-peptide linking' y TYROSINE         ? 'C9 H11 N O3'    181.189 
VAL 'L-peptide linking' y VALINE           ? 'C5 H11 N O2'    117.146 
# 
loop_
_pdbx_poly_seq_scheme.asym_id 
_pdbx_poly_seq_scheme.entity_id 
_pdbx_poly_seq_scheme.seq_id 
_pdbx_poly_seq_scheme.mon_id 
_pdbx_poly_seq_scheme.ndb_seq_num 
_pdbx_poly_seq_scheme.pdb_seq_num 
_pdbx_poly_seq_scheme.auth_seq_num 
_pdbx_poly_seq_scheme.pdb_mon_id 
_pdbx_poly_seq_scheme.auth_mon_id 
_pdbx_poly_seq_scheme.pdb_strand_id 
_pdbx_poly_seq_scheme.pdb_ins_code 
_pdbx_poly_seq_scheme.hetero 
A 1 1   LYS 1   4   4   LYS LYS A . n 
A 1 2   TRP 2   5   5   TRP TRP A . n 
A 1 3   VAL 3   6   6   VAL VAL A . n 
A 1 4   MSE 4   7   7   MSE MSE A . n 
A 1 5   SER 5   8   8   SER SER A . n 
A 1 6   THR 6   9   9   THR THR A . n 
A 1 7   LYS 7   10  10  LYS LYS A . n 
A 1 8   TYR 8   11  11  TYR TYR A . n 
A 1 9   VAL 9   12  12  VAL VAL A . n 
A 1 10  GLU 10  13  13  GLU GLU A . n 
A 1 11  ALA 11  14  14  ALA ALA A . n 
A 1 12  GLY 12  15  15  GLY GLY A . n 
A 1 13  GLU 13  16  16  GLU GLU A . n 
A 1 14  LEU 14  17  17  LEU LEU A . n 
A 1 15  LYS 15  18  18  LYS LYS A . n 
A 1 16  GLU 16  19  19  GLU GLU A . n 
A 1 17  GLY 17  20  20  GLY GLY A . n 
A 1 18  SER 18  21  21  SER SER A . n 
A 1 19  TYR 19  22  22  TYR TYR A . n 
A 1 20  VAL 20  23  23  VAL VAL A . n 
A 1 21  VAL 21  24  24  VAL VAL A . n 
A 1 22  ILE 22  25  25  ILE ILE A . n 
A 1 23  ASP 23  26  26  ASP ASP A . n 
A 1 24  GLY 24  27  27  GLY GLY A . n 
A 1 25  GLU 25  28  28  GLU GLU A . n 
A 1 26  PRO 26  29  29  PRO PRO A . n 
A 1 27  CYS 27  30  30  CYS CYS A . n 
A 1 28  ARG 28  31  31  ARG ARG A . n 
A 1 29  VAL 29  32  32  VAL VAL A . n 
A 1 30  VAL 30  33  33  VAL VAL A . n 
A 1 31  GLU 31  34  34  GLU GLU A . n 
A 1 32  ILE 32  35  35  ILE ILE A . n 
A 1 33  GLU 33  36  36  GLU GLU A . n 
A 1 34  LYS 34  37  37  LYS LYS A . n 
A 1 35  SER 35  38  38  SER SER A . n 
A 1 36  LYS 36  39  39  LYS LYS A . n 
A 1 37  THR 37  40  40  THR THR A . n 
A 1 38  GLY 38  41  41  GLY GLY A . n 
A 1 39  LYS 39  42  42  LYS LYS A . n 
A 1 40  HIS 40  43  43  HIS HIS A . n 
A 1 41  GLY 41  44  44  GLY GLY A . n 
A 1 42  SER 42  45  45  SER SER A . n 
A 1 43  ALA 43  46  46  ALA ALA A . n 
A 1 44  LYS 44  47  47  LYS LYS A . n 
A 1 45  ALA 45  48  48  ALA ALA A . n 
A 1 46  ARG 46  49  49  ARG ARG A . n 
A 1 47  ILE 47  50  50  ILE ILE A . n 
A 1 48  VAL 48  51  51  VAL VAL A . n 
A 1 49  ALA 49  52  52  ALA ALA A . n 
A 1 50  VAL 50  53  53  VAL VAL A . n 
A 1 51  GLY 51  54  54  GLY GLY A . n 
A 1 52  VAL 52  55  55  VAL VAL A . n 
A 1 53  PHE 53  56  56  PHE PHE A . n 
A 1 54  ASP 54  57  57  ASP ASP A . n 
A 1 55  GLY 55  58  58  GLY GLY A . n 
A 1 56  GLY 56  59  59  GLY GLY A . n 
A 1 57  LYS 57  60  60  LYS LYS A . n 
A 1 58  ARG 58  61  61  ARG ARG A . n 
A 1 59  THR 59  62  62  THR THR A . n 
A 1 60  LEU 60  63  63  LEU LEU A . n 
A 1 61  SER 61  64  64  SER SER A . n 
A 1 62  LEU 62  65  65  LEU LEU A . n 
A 1 63  PRO 63  66  66  PRO PRO A . n 
A 1 64  VAL 64  67  67  VAL VAL A . n 
A 1 65  ASP 65  68  68  ASP ASP A . n 
A 1 66  ALA 66  69  69  ALA ALA A . n 
A 1 67  GLN 67  70  70  GLN GLN A . n 
A 1 68  VAL 68  71  71  VAL VAL A . n 
A 1 69  GLU 69  72  72  GLU GLU A . n 
A 1 70  VAL 70  73  73  VAL VAL A . n 
A 1 71  PRO 71  74  74  PRO PRO A . n 
A 1 72  ILE 72  75  75  ILE ILE A . n 
A 1 73  ILE 73  76  76  ILE ILE A . n 
A 1 74  GLU 74  77  77  GLU GLU A . n 
A 1 75  LYS 75  78  78  LYS LYS A . n 
A 1 76  PHE 76  79  79  PHE PHE A . n 
A 1 77  THR 77  80  80  THR THR A . n 
A 1 78  ALA 78  81  81  ALA ALA A . n 
A 1 79  GLN 79  82  82  GLN GLN A . n 
A 1 80  ILE 80  83  83  ILE ILE A . n 
A 1 81  LEU 81  84  84  LEU LEU A . n 
A 1 82  SER 82  85  85  SER SER A . n 
A 1 83  VAL 83  86  86  VAL VAL A . n 
A 1 84  SER 84  87  87  SER SER A . n 
A 1 85  GLY 85  88  88  GLY GLY A . n 
A 1 86  ASP 86  89  89  ASP ASP A . n 
A 1 87  VAL 87  90  90  VAL VAL A . n 
A 1 88  ILE 88  91  91  ILE ILE A . n 
A 1 89  GLN 89  92  92  GLN GLN A . n 
A 1 90  LEU 90  93  93  LEU LEU A . n 
A 1 91  MSE 91  94  94  MSE MSE A . n 
A 1 92  ASP 92  95  95  ASP ASP A . n 
A 1 93  MSE 93  96  96  MSE MSE A . n 
A 1 94  ARG 94  97  97  ARG ARG A . n 
A 1 95  ASP 95  98  98  ASP ASP A . n 
A 1 96  TYR 96  99  99  TYR TYR A . n 
A 1 97  LYS 97  100 100 LYS LYS A . n 
A 1 98  THR 98  101 101 THR THR A . n 
A 1 99  ILE 99  102 102 ILE ILE A . n 
A 1 100 GLU 100 103 103 GLU GLU A . n 
A 1 101 VAL 101 104 104 VAL VAL A . n 
A 1 102 PRO 102 105 105 PRO PRO A . n 
A 1 103 MSE 103 106 106 MSE MSE A . n 
A 1 104 LYS 104 107 107 LYS LYS A . n 
A 1 105 TYR 105 108 108 TYR TYR A . n 
A 1 106 VAL 106 109 109 VAL VAL A . n 
A 1 107 GLU 107 110 110 GLU GLU A . n 
A 1 108 GLU 108 111 111 GLU GLU A . n 
A 1 109 GLU 109 112 112 GLU GLU A . n 
A 1 110 ALA 110 113 113 ALA ALA A . n 
A 1 111 LYS 111 114 114 LYS LYS A . n 
A 1 112 GLY 112 115 115 GLY GLY A . n 
A 1 113 ARG 113 116 116 ARG ARG A . n 
A 1 114 LEU 114 117 117 LEU LEU A . n 
A 1 115 ALA 115 118 118 ALA ALA A . n 
A 1 116 PRO 116 119 119 PRO PRO A . n 
A 1 117 GLY 117 120 120 GLY GLY A . n 
A 1 118 ALA 118 121 121 ALA ALA A . n 
A 1 119 GLU 119 122 122 GLU GLU A . n 
A 1 120 VAL 120 123 123 VAL VAL A . n 
A 1 121 GLU 121 124 124 GLU GLU A . n 
A 1 122 VAL 122 125 125 VAL VAL A . n 
A 1 123 TRP 123 126 126 TRP TRP A . n 
A 1 124 GLN 124 127 127 GLN GLN A . n 
A 1 125 ILE 125 128 128 ILE ILE A . n 
A 1 126 LEU 126 129 129 LEU LEU A . n 
A 1 127 ASP 127 130 130 ASP ASP A . n 
A 1 128 ARG 128 131 131 ARG ARG A . n 
A 1 129 TYR 129 132 132 TYR TYR A . n 
A 1 130 LYS 130 133 133 LYS LYS A . n 
A 1 131 ILE 131 134 134 ILE ILE A . n 
A 1 132 ILE 132 135 135 ILE ILE A . n 
A 1 133 ARG 133 136 136 ARG ARG A . n 
A 1 134 VAL 134 137 137 VAL VAL A . n 
A 1 135 LYS 135 138 138 LYS LYS A . n 
A 1 136 GLY 136 139 139 GLY GLY A . n 
# 
loop_
_pdbx_nonpoly_scheme.asym_id 
_pdbx_nonpoly_scheme.entity_id 
_pdbx_nonpoly_scheme.mon_id 
_pdbx_nonpoly_scheme.ndb_seq_num 
_pdbx_nonpoly_scheme.pdb_seq_num 
_pdbx_nonpoly_scheme.auth_seq_num 
_pdbx_nonpoly_scheme.pdb_mon_id 
_pdbx_nonpoly_scheme.auth_mon_id 
_pdbx_nonpoly_scheme.pdb_strand_id 
_pdbx_nonpoly_scheme.pdb_ins_code 
B 2 HOH 1   201 201 HOH HOH A . 
B 2 HOH 2   202 202 HOH HOH A . 
B 2 HOH 3   203 203 HOH HOH A . 
B 2 HOH 4   204 204 HOH HOH A . 
B 2 HOH 5   205 205 HOH HOH A . 
B 2 HOH 6   206 206 HOH HOH A . 
B 2 HOH 7   207 207 HOH HOH A . 
B 2 HOH 8   208 208 HOH HOH A . 
B 2 HOH 9   209 209 HOH HOH A . 
B 2 HOH 10  210 210 HOH HOH A . 
B 2 HOH 11  211 211 HOH HOH A . 
B 2 HOH 12  212 212 HOH HOH A . 
B 2 HOH 13  213 213 HOH HOH A . 
B 2 HOH 14  214 214 HOH HOH A . 
B 2 HOH 15  215 215 HOH HOH A . 
B 2 HOH 16  216 216 HOH HOH A . 
B 2 HOH 17  217 217 HOH HOH A . 
B 2 HOH 18  218 218 HOH HOH A . 
B 2 HOH 19  219 219 HOH HOH A . 
B 2 HOH 20  220 220 HOH HOH A . 
B 2 HOH 21  221 221 HOH HOH A . 
B 2 HOH 22  222 222 HOH HOH A . 
B 2 HOH 23  223 223 HOH HOH A . 
B 2 HOH 24  224 224 HOH HOH A . 
B 2 HOH 25  225 225 HOH HOH A . 
B 2 HOH 26  226 226 HOH HOH A . 
B 2 HOH 27  227 227 HOH HOH A . 
B 2 HOH 28  228 228 HOH HOH A . 
B 2 HOH 29  229 229 HOH HOH A . 
B 2 HOH 30  230 230 HOH HOH A . 
B 2 HOH 31  231 231 HOH HOH A . 
B 2 HOH 32  232 232 HOH HOH A . 
B 2 HOH 33  233 233 HOH HOH A . 
B 2 HOH 34  234 234 HOH HOH A . 
B 2 HOH 35  235 235 HOH HOH A . 
B 2 HOH 36  236 236 HOH HOH A . 
B 2 HOH 37  237 237 HOH HOH A . 
B 2 HOH 38  238 238 HOH HOH A . 
B 2 HOH 39  239 239 HOH HOH A . 
B 2 HOH 40  240 240 HOH HOH A . 
B 2 HOH 41  241 241 HOH HOH A . 
B 2 HOH 42  242 242 HOH HOH A . 
B 2 HOH 43  243 243 HOH HOH A . 
B 2 HOH 44  244 244 HOH HOH A . 
B 2 HOH 45  245 245 HOH HOH A . 
B 2 HOH 46  246 246 HOH HOH A . 
B 2 HOH 47  247 247 HOH HOH A . 
B 2 HOH 48  248 248 HOH HOH A . 
B 2 HOH 49  249 249 HOH HOH A . 
B 2 HOH 50  250 250 HOH HOH A . 
B 2 HOH 51  251 251 HOH HOH A . 
B 2 HOH 52  252 252 HOH HOH A . 
B 2 HOH 53  253 253 HOH HOH A . 
B 2 HOH 54  254 254 HOH HOH A . 
B 2 HOH 55  255 255 HOH HOH A . 
B 2 HOH 56  256 256 HOH HOH A . 
B 2 HOH 57  257 257 HOH HOH A . 
B 2 HOH 58  258 258 HOH HOH A . 
B 2 HOH 59  259 259 HOH HOH A . 
B 2 HOH 60  260 260 HOH HOH A . 
B 2 HOH 61  261 261 HOH HOH A . 
B 2 HOH 62  262 262 HOH HOH A . 
B 2 HOH 63  263 263 HOH HOH A . 
B 2 HOH 64  264 264 HOH HOH A . 
B 2 HOH 65  265 265 HOH HOH A . 
B 2 HOH 66  266 266 HOH HOH A . 
B 2 HOH 67  267 267 HOH HOH A . 
B 2 HOH 68  268 268 HOH HOH A . 
B 2 HOH 69  269 269 HOH HOH A . 
B 2 HOH 70  270 270 HOH HOH A . 
B 2 HOH 71  271 271 HOH HOH A . 
B 2 HOH 72  272 272 HOH HOH A . 
B 2 HOH 73  273 273 HOH HOH A . 
B 2 HOH 74  274 274 HOH HOH A . 
B 2 HOH 75  275 275 HOH HOH A . 
B 2 HOH 76  276 276 HOH HOH A . 
B 2 HOH 77  277 277 HOH HOH A . 
B 2 HOH 78  278 278 HOH HOH A . 
B 2 HOH 79  279 279 HOH HOH A . 
B 2 HOH 80  280 280 HOH HOH A . 
B 2 HOH 81  281 281 HOH HOH A . 
B 2 HOH 82  282 282 HOH HOH A . 
B 2 HOH 83  283 283 HOH HOH A . 
B 2 HOH 84  284 284 HOH HOH A . 
B 2 HOH 85  285 285 HOH HOH A . 
B 2 HOH 86  286 286 HOH HOH A . 
B 2 HOH 87  287 287 HOH HOH A . 
B 2 HOH 88  288 288 HOH HOH A . 
B 2 HOH 89  289 289 HOH HOH A . 
B 2 HOH 90  290 290 HOH HOH A . 
B 2 HOH 91  291 291 HOH HOH A . 
B 2 HOH 92  292 292 HOH HOH A . 
B 2 HOH 93  293 293 HOH HOH A . 
B 2 HOH 94  294 294 HOH HOH A . 
B 2 HOH 95  295 295 HOH HOH A . 
B 2 HOH 96  296 296 HOH HOH A . 
B 2 HOH 97  297 297 HOH HOH A . 
B 2 HOH 98  298 298 HOH HOH A . 
B 2 HOH 99  299 299 HOH HOH A . 
B 2 HOH 100 300 300 HOH HOH A . 
B 2 HOH 101 301 301 HOH HOH A . 
B 2 HOH 102 302 302 HOH HOH A . 
B 2 HOH 103 303 303 HOH HOH A . 
B 2 HOH 104 304 304 HOH HOH A . 
B 2 HOH 105 305 305 HOH HOH A . 
B 2 HOH 106 306 306 HOH HOH A . 
B 2 HOH 107 307 307 HOH HOH A . 
B 2 HOH 108 308 308 HOH HOH A . 
B 2 HOH 109 309 309 HOH HOH A . 
B 2 HOH 110 310 310 HOH HOH A . 
B 2 HOH 111 311 311 HOH HOH A . 
B 2 HOH 112 312 312 HOH HOH A . 
B 2 HOH 113 313 313 HOH HOH A . 
B 2 HOH 114 314 314 HOH HOH A . 
B 2 HOH 115 315 315 HOH HOH A . 
B 2 HOH 116 316 316 HOH HOH A . 
B 2 HOH 117 317 317 HOH HOH A . 
B 2 HOH 118 318 318 HOH HOH A . 
B 2 HOH 119 319 319 HOH HOH A . 
B 2 HOH 120 320 320 HOH HOH A . 
B 2 HOH 121 321 321 HOH HOH A . 
B 2 HOH 122 322 322 HOH HOH A . 
B 2 HOH 123 323 323 HOH HOH A . 
B 2 HOH 124 324 324 HOH HOH A . 
B 2 HOH 125 325 325 HOH HOH A . 
B 2 HOH 126 326 326 HOH HOH A . 
B 2 HOH 127 327 327 HOH HOH A . 
B 2 HOH 128 328 328 HOH HOH A . 
B 2 HOH 129 329 329 HOH HOH A . 
B 2 HOH 130 330 330 HOH HOH A . 
B 2 HOH 131 331 331 HOH HOH A . 
B 2 HOH 132 332 332 HOH HOH A . 
B 2 HOH 133 333 333 HOH HOH A . 
B 2 HOH 134 334 334 HOH HOH A . 
B 2 HOH 135 335 335 HOH HOH A . 
B 2 HOH 136 336 336 HOH HOH A . 
B 2 HOH 137 337 337 HOH HOH A . 
B 2 HOH 138 338 338 HOH HOH A . 
B 2 HOH 139 339 339 HOH HOH A . 
B 2 HOH 140 340 340 HOH HOH A . 
B 2 HOH 141 341 341 HOH HOH A . 
B 2 HOH 142 342 342 HOH HOH A . 
B 2 HOH 143 343 343 HOH HOH A . 
# 
loop_
_software.name 
_software.classification 
_software.version 
_software.citation_id 
_software.pdbx_ordinal 
CNS    refinement       0.3 ? 1 
SOLVE  phasing          .   ? 2 
DENZO  'data reduction' .   ? 3 
MOSFLM 'data reduction' .   ? 4 
CCP4   'data scaling'   .   ? 5 
CNS    phasing          0.3 ? 6 
# 
_cell.entry_id           1BKB 
_cell.length_a           114.130 
_cell.length_b           114.130 
_cell.length_c           32.590 
_cell.angle_alpha        90.00 
_cell.angle_beta         90.00 
_cell.angle_gamma        90.00 
_cell.Z_PDB              8 
_cell.pdbx_unique_axis   ? 
# 
_symmetry.entry_id                         1BKB 
_symmetry.space_group_name_H-M             'I 4' 
_symmetry.pdbx_full_space_group_name_H-M   ? 
_symmetry.cell_setting                     ? 
_symmetry.Int_Tables_number                79 
# 
_exptl.entry_id          1BKB 
_exptl.method            'X-RAY DIFFRACTION' 
_exptl.crystals_number   1 
# 
_exptl_crystal.id                    1 
_exptl_crystal.density_meas          ? 
_exptl_crystal.density_Matthews      3.53 
_exptl_crystal.density_percent_sol   60.0 
_exptl_crystal.description           
'A THREE WAVELENGTH DATA SET WAS USED TO FIND THE SELENIUM POSITIONS AND PHASE THE ELECTRON DENSITY MAPS.' 
# 
_exptl_crystal_grow.crystal_id      1 
_exptl_crystal_grow.method          ? 
_exptl_crystal_grow.temp            281 
_exptl_crystal_grow.temp_details    ? 
_exptl_crystal_grow.pH              7.5 
_exptl_crystal_grow.pdbx_pH_range   ? 
_exptl_crystal_grow.pdbx_details    
'PROTEIN WAS CRYSTALLIZED AT 8 DEGREES IN 50MM HEPES PH 7.5, 6-8% PEG 4000, 5MM BETA- MERCAPTOETHANOL, temperature 281K' 
# 
_diffrn.id                     1 
_diffrn.ambient_temp           110.0 
_diffrn.ambient_temp_details   ? 
_diffrn.crystal_id             1 
# 
_diffrn_detector.diffrn_id              1 
_diffrn_detector.detector               'IMAGE PLATE' 
_diffrn_detector.type                   MARRESEARCH 
_diffrn_detector.pdbx_collection_date   1998-05 
_diffrn_detector.details                ? 
# 
_diffrn_radiation.diffrn_id                        1 
_diffrn_radiation.wavelength_id                    1 
_diffrn_radiation.pdbx_monochromatic_or_laue_m_l   M 
_diffrn_radiation.monochromator                    'SINGLE CRYSTAL' 
_diffrn_radiation.pdbx_diffrn_protocol             'SINGLE WAVELENGTH' 
_diffrn_radiation.pdbx_scattering_type             x-ray 
# 
_diffrn_radiation_wavelength.id           1 
_diffrn_radiation_wavelength.wavelength   0.9788 
_diffrn_radiation_wavelength.wt           1.0 
# 
_diffrn_source.diffrn_id                   1 
_diffrn_source.source                      SYNCHROTRON 
_diffrn_source.type                        'NSLS BEAMLINE X8C' 
_diffrn_source.pdbx_synchrotron_site       NSLS 
_diffrn_source.pdbx_synchrotron_beamline   X8C 
_diffrn_source.pdbx_wavelength             0.9788 
_diffrn_source.pdbx_wavelength_list        ? 
# 
_reflns.entry_id                     1BKB 
_reflns.observed_criterion_sigma_I   0.000 
_reflns.observed_criterion_sigma_F   ? 
_reflns.d_resolution_low             50.000 
_reflns.d_resolution_high            1.750 
_reflns.number_obs                   21532 
_reflns.number_all                   ? 
_reflns.percent_possible_obs         99.8 
_reflns.pdbx_Rmerge_I_obs            0.0620000 
_reflns.pdbx_Rsym_value              0.0540000 
_reflns.pdbx_netI_over_sigmaI        8.0000 
_reflns.B_iso_Wilson_estimate        17.10 
_reflns.pdbx_redundancy              7.800 
_reflns.pdbx_diffrn_id               1 
_reflns.pdbx_ordinal                 1 
# 
_reflns_shell.d_res_high             1.75 
_reflns_shell.d_res_low              1.83 
_reflns_shell.percent_possible_all   99.8 
_reflns_shell.Rmerge_I_obs           0.2670000 
_reflns_shell.pdbx_Rsym_value        0.2300000 
_reflns_shell.meanI_over_sigI_obs    3.300 
_reflns_shell.pdbx_redundancy        7.50 
_reflns_shell.pdbx_diffrn_id         ? 
_reflns_shell.pdbx_ordinal           1 
# 
_refine.entry_id                                 1BKB 
_refine.ls_number_reflns_obs                     21532 
_refine.ls_number_reflns_all                     ? 
_refine.pdbx_ls_sigma_I                          ? 
_refine.pdbx_ls_sigma_F                          0.000 
_refine.pdbx_data_cutoff_high_absF               ? 
_refine.pdbx_data_cutoff_low_absF                ? 
_refine.pdbx_data_cutoff_high_rms_absF           ? 
_refine.ls_d_res_low                             50.00 
_refine.ls_d_res_high                            1.75 
_refine.ls_percent_reflns_obs                    99.7 
_refine.ls_R_factor_obs                          0.2140000 
_refine.ls_R_factor_all                          ? 
_refine.ls_R_factor_R_work                       0.2140000 
_refine.ls_R_factor_R_free                       0.2360000 
_refine.ls_R_factor_R_free_error                 0.007 
_refine.ls_R_factor_R_free_error_details         ? 
_refine.ls_percent_reflns_R_free                 4.900 
_refine.ls_number_reflns_R_free                  1052 
_refine.ls_number_parameters                     ? 
_refine.ls_number_restraints                     ? 
_refine.occupancy_min                            ? 
_refine.occupancy_max                            ? 
_refine.B_iso_mean                               24.30 
_refine.aniso_B[1][1]                            3.20000 
_refine.aniso_B[2][2]                            3.20000 
_refine.aniso_B[3][3]                            -6.40000 
_refine.aniso_B[1][2]                            0.00000 
_refine.aniso_B[1][3]                            0.00000 
_refine.aniso_B[2][3]                            0.00000 
_refine.solvent_model_details                    COMBINATION 
_refine.solvent_model_param_ksol                 0.37 
_refine.solvent_model_param_bsol                 110.6 
_refine.pdbx_ls_cross_valid_method               THROUGHOUT 
_refine.details                                  
;ALTHOUGH AN ANOMALOUS PARAMETER FILE SHOULD HAVE BEEN USED IN REFINEMENT (SE ATOMS IN STRUCTURE), THIS WAS NOT DONE. DATA CUTOFF HIGH (ABS(F)) : 1392611.86 DATA CUTOFF LOW (ABS(F)) : 0.00
;
_refine.pdbx_starting_model                      ? 
_refine.pdbx_method_to_determine_struct          MAD 
_refine.pdbx_isotropic_thermal_model             RESTRAINED 
_refine.pdbx_stereochemistry_target_values       ? 
_refine.pdbx_stereochem_target_val_spec_case     ? 
_refine.pdbx_R_Free_selection_details            RANDOM 
_refine.pdbx_overall_ESU_R                       ? 
_refine.pdbx_overall_ESU_R_Free                  ? 
_refine.overall_SU_ML                            ? 
_refine.overall_SU_B                             ? 
_refine.pdbx_refine_id                           'X-RAY DIFFRACTION' 
_refine.pdbx_diffrn_id                           1 
_refine.pdbx_TLS_residual_ADP_flag               ? 
_refine.correlation_coeff_Fo_to_Fc               ? 
_refine.correlation_coeff_Fo_to_Fc_free          ? 
_refine.pdbx_solvent_vdw_probe_radii             ? 
_refine.pdbx_solvent_ion_probe_radii             ? 
_refine.pdbx_solvent_shrinkage_radii             ? 
_refine.pdbx_overall_phase_error                 ? 
_refine.overall_SU_R_Cruickshank_DPI             ? 
_refine.pdbx_overall_SU_R_free_Cruickshank_DPI   ? 
_refine.pdbx_overall_SU_R_Blow_DPI               ? 
_refine.pdbx_overall_SU_R_free_Blow_DPI          ? 
# 
_refine_analyze.entry_id                        1BKB 
_refine_analyze.Luzzati_coordinate_error_obs    0.21 
_refine_analyze.Luzzati_sigma_a_obs             0.13 
_refine_analyze.Luzzati_d_res_low_obs           5.00 
_refine_analyze.Luzzati_coordinate_error_free   0.23 
_refine_analyze.Luzzati_sigma_a_free            0.15 
_refine_analyze.Luzzati_d_res_low_free          ? 
_refine_analyze.number_disordered_residues      ? 
_refine_analyze.occupancy_sum_hydrogen          ? 
_refine_analyze.occupancy_sum_non_hydrogen      ? 
_refine_analyze.pdbx_refine_id                  'X-RAY DIFFRACTION' 
# 
_refine_hist.pdbx_refine_id                   'X-RAY DIFFRACTION' 
_refine_hist.cycle_id                         LAST 
_refine_hist.pdbx_number_atoms_protein        1033 
_refine_hist.pdbx_number_atoms_nucleic_acid   0 
_refine_hist.pdbx_number_atoms_ligand         0 
_refine_hist.number_atoms_solvent             143 
_refine_hist.number_atoms_total               1176 
_refine_hist.d_res_high                       1.75 
_refine_hist.d_res_low                        50.00 
# 
loop_
_refine_ls_restr.type 
_refine_ls_restr.dev_ideal 
_refine_ls_restr.dev_ideal_target 
_refine_ls_restr.weight 
_refine_ls_restr.number 
_refine_ls_restr.pdbx_refine_id 
_refine_ls_restr.pdbx_restraint_function 
c_bond_d                0.005 ?     ? ? 'X-RAY DIFFRACTION' ? 
c_bond_d_na             ?     ?     ? ? 'X-RAY DIFFRACTION' ? 
c_bond_d_prot           ?     ?     ? ? 'X-RAY DIFFRACTION' ? 
c_angle_d               ?     ?     ? ? 'X-RAY DIFFRACTION' ? 
c_angle_d_na            ?     ?     ? ? 'X-RAY DIFFRACTION' ? 
c_angle_d_prot          ?     ?     ? ? 'X-RAY DIFFRACTION' ? 
c_angle_deg             1.30  ?     ? ? 'X-RAY DIFFRACTION' ? 
c_angle_deg_na          ?     ?     ? ? 'X-RAY DIFFRACTION' ? 
c_angle_deg_prot        ?     ?     ? ? 'X-RAY DIFFRACTION' ? 
c_dihedral_angle_d      25.50 ?     ? ? 'X-RAY DIFFRACTION' ? 
c_dihedral_angle_d_na   ?     ?     ? ? 'X-RAY DIFFRACTION' ? 
c_dihedral_angle_d_prot ?     ?     ? ? 'X-RAY DIFFRACTION' ? 
c_improper_angle_d      0.70  ?     ? ? 'X-RAY DIFFRACTION' ? 
c_improper_angle_d_na   ?     ?     ? ? 'X-RAY DIFFRACTION' ? 
c_improper_angle_d_prot ?     ?     ? ? 'X-RAY DIFFRACTION' ? 
c_mcbond_it             0.64  1.500 ? ? 'X-RAY DIFFRACTION' ? 
c_mcangle_it            1.13  2.000 ? ? 'X-RAY DIFFRACTION' ? 
c_scbond_it             0.41  2.000 ? ? 'X-RAY DIFFRACTION' ? 
c_scangle_it            0.73  2.500 ? ? 'X-RAY DIFFRACTION' ? 
# 
_refine_ls_shell.pdbx_total_number_of_bins_used   8 
_refine_ls_shell.d_res_high                       1.75 
_refine_ls_shell.d_res_low                        1.83 
_refine_ls_shell.number_reflns_R_work             2507 
_refine_ls_shell.R_factor_R_work                  0.2530000 
_refine_ls_shell.percent_reflns_obs               99.90 
_refine_ls_shell.R_factor_R_free                  0.2780000 
_refine_ls_shell.R_factor_R_free_error            0.022 
_refine_ls_shell.percent_reflns_R_free            5.80 
_refine_ls_shell.number_reflns_R_free             153 
_refine_ls_shell.pdbx_refine_id                   'X-RAY DIFFRACTION' 
_refine_ls_shell.number_reflns_all                ? 
_refine_ls_shell.R_factor_all                     ? 
# 
loop_
_pdbx_xplor_file.serial_no 
_pdbx_xplor_file.param_file 
_pdbx_xplor_file.topol_file 
_pdbx_xplor_file.pdbx_refine_id 
1 PROTEIN_REP.PARAM PROTEIN.TOP 'X-RAY DIFFRACTION' 
2 WATER_REP.PARAM   WATER.TOP   'X-RAY DIFFRACTION' 
# 
_struct.entry_id                  1BKB 
_struct.title                     'INITIATION FACTOR 5A FROM ARCHEBACTERIUM PYROBACULUM AEROPHILUM' 
_struct.pdbx_model_details        ? 
_struct.pdbx_CASP_flag            ? 
_struct.pdbx_model_type_details   ? 
# 
_struct_keywords.entry_id        1BKB 
_struct_keywords.pdbx_keywords   TRANSLATION 
_struct_keywords.text            'TRANSLATION INITIATION FACTOR, TRANSLATION' 
# 
loop_
_struct_asym.id 
_struct_asym.pdbx_blank_PDB_chainid_flag 
_struct_asym.pdbx_modified 
_struct_asym.entity_id 
_struct_asym.details 
A N N 1 ? 
B N N 2 ? 
# 
_struct_ref.id                         1 
_struct_ref.db_name                    UNP 
_struct_ref.db_code                    IF5A_PYRAE 
_struct_ref.entity_id                  1 
_struct_ref.pdbx_db_accession          P56635 
_struct_ref.pdbx_align_begin           1 
_struct_ref.pdbx_seq_one_letter_code   
;KWVMSTKYVEAGELKEGSYVVIDGEPCRVVEIEKSKTGKHGSAKARIVAVGVFDGGKRTLSLPVDAQVEVPIIEKFTAQI
LSVSGDVIQLMDMRDYKTIEVPMKYVEEEAKGRLAPGAEVEVWQILDRYKIIRVKG
;
_struct_ref.pdbx_db_isoform            ? 
# 
_struct_ref_seq.align_id                      1 
_struct_ref_seq.ref_id                        1 
_struct_ref_seq.pdbx_PDB_id_code              1BKB 
_struct_ref_seq.pdbx_strand_id                A 
_struct_ref_seq.seq_align_beg                 1 
_struct_ref_seq.pdbx_seq_align_beg_ins_code   ? 
_struct_ref_seq.seq_align_end                 136 
_struct_ref_seq.pdbx_seq_align_end_ins_code   ? 
_struct_ref_seq.pdbx_db_accession             P56635 
_struct_ref_seq.db_align_beg                  1 
_struct_ref_seq.pdbx_db_align_beg_ins_code    ? 
_struct_ref_seq.db_align_end                  136 
_struct_ref_seq.pdbx_db_align_end_ins_code    ? 
_struct_ref_seq.pdbx_auth_seq_align_beg       4 
_struct_ref_seq.pdbx_auth_seq_align_end       139 
# 
loop_
_struct_ref_seq_dif.align_id 
_struct_ref_seq_dif.pdbx_pdb_id_code 
_struct_ref_seq_dif.mon_id 
_struct_ref_seq_dif.pdbx_pdb_strand_id 
_struct_ref_seq_dif.seq_num 
_struct_ref_seq_dif.pdbx_pdb_ins_code 
_struct_ref_seq_dif.pdbx_seq_db_name 
_struct_ref_seq_dif.pdbx_seq_db_accession_code 
_struct_ref_seq_dif.db_mon_id 
_struct_ref_seq_dif.pdbx_seq_db_seq_num 
_struct_ref_seq_dif.details 
_struct_ref_seq_dif.pdbx_auth_seq_num 
_struct_ref_seq_dif.pdbx_ordinal 
1 1BKB MSE A 4   ? UNP P56635 MET 4   conflict 7   1 
1 1BKB MSE A 91  ? UNP P56635 MET 91  conflict 94  2 
1 1BKB MSE A 93  ? UNP P56635 MET 93  conflict 96  3 
1 1BKB MSE A 103 ? UNP P56635 MET 103 conflict 106 4 
# 
_pdbx_struct_assembly.id                   1 
_pdbx_struct_assembly.details              author_defined_assembly 
_pdbx_struct_assembly.method_details       ? 
_pdbx_struct_assembly.oligomeric_details   tetrameric 
_pdbx_struct_assembly.oligomeric_count     4 
# 
_pdbx_struct_assembly_gen.assembly_id       1 
_pdbx_struct_assembly_gen.oper_expression   1,2,3,4 
_pdbx_struct_assembly_gen.asym_id_list      A,B 
# 
loop_
_pdbx_struct_oper_list.id 
_pdbx_struct_oper_list.type 
_pdbx_struct_oper_list.name 
_pdbx_struct_oper_list.symmetry_operation 
_pdbx_struct_oper_list.matrix[1][1] 
_pdbx_struct_oper_list.matrix[1][2] 
_pdbx_struct_oper_list.matrix[1][3] 
_pdbx_struct_oper_list.vector[1] 
_pdbx_struct_oper_list.matrix[2][1] 
_pdbx_struct_oper_list.matrix[2][2] 
_pdbx_struct_oper_list.matrix[2][3] 
_pdbx_struct_oper_list.vector[2] 
_pdbx_struct_oper_list.matrix[3][1] 
_pdbx_struct_oper_list.matrix[3][2] 
_pdbx_struct_oper_list.matrix[3][3] 
_pdbx_struct_oper_list.vector[3] 
1 'identity operation'         1_555 x,y,z      1.0000000000 0.0000000000  0.0000000000  0.0000000000  0.0000000000  1.0000000000  0.0000000000  0.0000000000   0.0000000000  0.0000000000  1.0000000000  0.0000000000  
2 'crystal symmetry operation' 4_665 y+1,-x+1,z 0.8560484880 0.3506248805  -0.3797936010 7.3337399061  -0.4058433849 0.0008904528  -0.9139422050 35.1854752035  -0.3201126881 0.9365155633  0.1430610591  15.1637222928 
3 'crystal symmetry operation' 3_645 -y+1,x-1,z 0.8560484880 -0.4058433849 -0.3201126881 12.8558553034 0.3506248805  0.0008904528  0.9365155633  -16.8037846091 -0.3797936010 -0.9139422050 0.1430610591  32.7734601058 
4 'crystal symmetry operation' 2_755 -x+2,-y,z  0.7120969760 -0.0552185044 -0.6999062891 20.1895952095 -0.0552185044 -0.9982190943 0.0225733583  18.3816905944  -0.6999062891 0.0225733583  -0.7138778817 47.9371823987 
# 
_struct_biol.id   1 
# 
loop_
_struct_conf.conf_type_id 
_struct_conf.id 
_struct_conf.pdbx_PDB_helix_id 
_struct_conf.beg_label_comp_id 
_struct_conf.beg_label_asym_id 
_struct_conf.beg_label_seq_id 
_struct_conf.pdbx_beg_PDB_ins_code 
_struct_conf.end_label_comp_id 
_struct_conf.end_label_asym_id 
_struct_conf.end_label_seq_id 
_struct_conf.pdbx_end_PDB_ins_code 
_struct_conf.beg_auth_comp_id 
_struct_conf.beg_auth_asym_id 
_struct_conf.beg_auth_seq_id 
_struct_conf.end_auth_comp_id 
_struct_conf.end_auth_asym_id 
_struct_conf.end_auth_seq_id 
_struct_conf.pdbx_PDB_helix_class 
_struct_conf.details 
_struct_conf.pdbx_PDB_helix_length 
HELX_P HELX_P1 1 ALA A 11  ? GLU A 13  ? ALA A 14  GLU A 16  5 ? 3 
HELX_P HELX_P2 2 GLU A 108 ? ARG A 113 ? GLU A 111 ARG A 116 1 ? 6 
# 
_struct_conf_type.id          HELX_P 
_struct_conf_type.criteria    ? 
_struct_conf_type.reference   ? 
# 
loop_
_struct_conn.id 
_struct_conn.conn_type_id 
_struct_conn.pdbx_leaving_atom_flag 
_struct_conn.pdbx_PDB_id 
_struct_conn.ptnr1_label_asym_id 
_struct_conn.ptnr1_label_comp_id 
_struct_conn.ptnr1_label_seq_id 
_struct_conn.ptnr1_label_atom_id 
_struct_conn.pdbx_ptnr1_label_alt_id 
_struct_conn.pdbx_ptnr1_PDB_ins_code 
_struct_conn.pdbx_ptnr1_standard_comp_id 
_struct_conn.ptnr1_symmetry 
_struct_conn.ptnr2_label_asym_id 
_struct_conn.ptnr2_label_comp_id 
_struct_conn.ptnr2_label_seq_id 
_struct_conn.ptnr2_label_atom_id 
_struct_conn.pdbx_ptnr2_label_alt_id 
_struct_conn.pdbx_ptnr2_PDB_ins_code 
_struct_conn.ptnr1_auth_asym_id 
_struct_conn.ptnr1_auth_comp_id 
_struct_conn.ptnr1_auth_seq_id 
_struct_conn.ptnr2_auth_asym_id 
_struct_conn.ptnr2_auth_comp_id 
_struct_conn.ptnr2_auth_seq_id 
_struct_conn.ptnr2_symmetry 
_struct_conn.pdbx_ptnr3_label_atom_id 
_struct_conn.pdbx_ptnr3_label_seq_id 
_struct_conn.pdbx_ptnr3_label_comp_id 
_struct_conn.pdbx_ptnr3_label_asym_id 
_struct_conn.pdbx_ptnr3_label_alt_id 
_struct_conn.pdbx_ptnr3_PDB_ins_code 
_struct_conn.details 
_struct_conn.pdbx_dist_value 
_struct_conn.pdbx_value_order 
_struct_conn.pdbx_role 
covale1 covale both ? A VAL 3   C ? ? ? 1_555 A MSE 4   N ? ? A VAL 6   A MSE 7   1_555 ? ? ? ? ? ? ? 1.330 ? ? 
covale2 covale both ? A MSE 4   C ? ? ? 1_555 A SER 5   N ? ? A MSE 7   A SER 8   1_555 ? ? ? ? ? ? ? 1.326 ? ? 
covale3 covale both ? A LEU 90  C ? ? ? 1_555 A MSE 91  N ? ? A LEU 93  A MSE 94  1_555 ? ? ? ? ? ? ? 1.331 ? ? 
covale4 covale both ? A MSE 91  C ? ? ? 1_555 A ASP 92  N ? ? A MSE 94  A ASP 95  1_555 ? ? ? ? ? ? ? 1.329 ? ? 
covale5 covale both ? A ASP 92  C ? ? ? 1_555 A MSE 93  N ? ? A ASP 95  A MSE 96  1_555 ? ? ? ? ? ? ? 1.332 ? ? 
covale6 covale both ? A MSE 93  C ? ? ? 1_555 A ARG 94  N ? ? A MSE 96  A ARG 97  1_555 ? ? ? ? ? ? ? 1.328 ? ? 
covale7 covale both ? A PRO 102 C ? ? ? 1_555 A MSE 103 N ? ? A PRO 105 A MSE 106 1_555 ? ? ? ? ? ? ? 1.330 ? ? 
covale8 covale both ? A MSE 103 C ? ? ? 1_555 A LYS 104 N ? ? A MSE 106 A LYS 107 1_555 ? ? ? ? ? ? ? 1.332 ? ? 
# 
_struct_conn_type.id          covale 
_struct_conn_type.criteria    ? 
_struct_conn_type.reference   ? 
# 
loop_
_pdbx_modification_feature.ordinal 
_pdbx_modification_feature.label_comp_id 
_pdbx_modification_feature.label_asym_id 
_pdbx_modification_feature.label_seq_id 
_pdbx_modification_feature.label_alt_id 
_pdbx_modification_feature.modified_residue_label_comp_id 
_pdbx_modification_feature.modified_residue_label_asym_id 
_pdbx_modification_feature.modified_residue_label_seq_id 
_pdbx_modification_feature.modified_residue_label_alt_id 
_pdbx_modification_feature.auth_comp_id 
_pdbx_modification_feature.auth_asym_id 
_pdbx_modification_feature.auth_seq_id 
_pdbx_modification_feature.PDB_ins_code 
_pdbx_modification_feature.symmetry 
_pdbx_modification_feature.modified_residue_auth_comp_id 
_pdbx_modification_feature.modified_residue_auth_asym_id 
_pdbx_modification_feature.modified_residue_auth_seq_id 
_pdbx_modification_feature.modified_residue_PDB_ins_code 
_pdbx_modification_feature.modified_residue_symmetry 
_pdbx_modification_feature.comp_id_linking_atom 
_pdbx_modification_feature.modified_residue_id_linking_atom 
_pdbx_modification_feature.modified_residue_id 
_pdbx_modification_feature.ref_pcm_id 
_pdbx_modification_feature.ref_comp_id 
_pdbx_modification_feature.type 
_pdbx_modification_feature.category 
1 MSE A 4   ? . . . . MSE A 7   ? 1_555 . . . . . . . MET 1 MSE Selenomethionine 'Named protein modification' 
2 MSE A 91  ? . . . . MSE A 94  ? 1_555 . . . . . . . MET 1 MSE Selenomethionine 'Named protein modification' 
3 MSE A 93  ? . . . . MSE A 96  ? 1_555 . . . . . . . MET 1 MSE Selenomethionine 'Named protein modification' 
4 MSE A 103 ? . . . . MSE A 106 ? 1_555 . . . . . . . MET 1 MSE Selenomethionine 'Named protein modification' 
# 
loop_
_struct_sheet.id 
_struct_sheet.type 
_struct_sheet.number_strands 
_struct_sheet.details 
A ? 2 ? 
B ? 4 ? 
C ? 3 ? 
D ? 2 ? 
# 
loop_
_struct_sheet_order.sheet_id 
_struct_sheet_order.range_id_1 
_struct_sheet_order.range_id_2 
_struct_sheet_order.offset 
_struct_sheet_order.sense 
A 1 2 ? anti-parallel 
B 1 2 ? anti-parallel 
B 2 3 ? anti-parallel 
B 3 4 ? anti-parallel 
C 1 2 ? anti-parallel 
C 2 3 ? anti-parallel 
D 1 2 ? anti-parallel 
# 
loop_
_struct_sheet_range.sheet_id 
_struct_sheet_range.id 
_struct_sheet_range.beg_label_comp_id 
_struct_sheet_range.beg_label_asym_id 
_struct_sheet_range.beg_label_seq_id 
_struct_sheet_range.pdbx_beg_PDB_ins_code 
_struct_sheet_range.end_label_comp_id 
_struct_sheet_range.end_label_asym_id 
_struct_sheet_range.end_label_seq_id 
_struct_sheet_range.pdbx_end_PDB_ins_code 
_struct_sheet_range.beg_auth_comp_id 
_struct_sheet_range.beg_auth_asym_id 
_struct_sheet_range.beg_auth_seq_id 
_struct_sheet_range.end_auth_comp_id 
_struct_sheet_range.end_auth_asym_id 
_struct_sheet_range.end_auth_seq_id 
A 1 LYS A 7   ? GLU A 10  ? LYS A 10  GLU A 13  
A 2 GLN A 67  ? VAL A 70  ? GLN A 70  VAL A 73  
B 1 TYR A 19  ? ILE A 22  ? TYR A 22  ILE A 25  
B 2 GLU A 25  ? SER A 35  ? GLU A 28  SER A 38  
B 3 LYS A 44  ? GLY A 51  ? LYS A 47  GLY A 54  
B 4 LYS A 57  ? PRO A 63  ? LYS A 60  PRO A 66  
C 1 GLU A 74  ? GLN A 79  ? GLU A 77  GLN A 82  
C 2 GLU A 119 ? ILE A 125 ? GLU A 122 ILE A 128 
C 3 ARG A 128 ? VAL A 134 ? ARG A 131 VAL A 137 
D 1 ILE A 88  ? LEU A 90  ? ILE A 91  LEU A 93  
D 2 ILE A 99  ? VAL A 101 ? ILE A 102 VAL A 104 
# 
loop_
_pdbx_struct_sheet_hbond.sheet_id 
_pdbx_struct_sheet_hbond.range_id_1 
_pdbx_struct_sheet_hbond.range_id_2 
_pdbx_struct_sheet_hbond.range_1_label_atom_id 
_pdbx_struct_sheet_hbond.range_1_label_comp_id 
_pdbx_struct_sheet_hbond.range_1_label_asym_id 
_pdbx_struct_sheet_hbond.range_1_label_seq_id 
_pdbx_struct_sheet_hbond.range_1_PDB_ins_code 
_pdbx_struct_sheet_hbond.range_1_auth_atom_id 
_pdbx_struct_sheet_hbond.range_1_auth_comp_id 
_pdbx_struct_sheet_hbond.range_1_auth_asym_id 
_pdbx_struct_sheet_hbond.range_1_auth_seq_id 
_pdbx_struct_sheet_hbond.range_2_label_atom_id 
_pdbx_struct_sheet_hbond.range_2_label_comp_id 
_pdbx_struct_sheet_hbond.range_2_label_asym_id 
_pdbx_struct_sheet_hbond.range_2_label_seq_id 
_pdbx_struct_sheet_hbond.range_2_PDB_ins_code 
_pdbx_struct_sheet_hbond.range_2_auth_atom_id 
_pdbx_struct_sheet_hbond.range_2_auth_comp_id 
_pdbx_struct_sheet_hbond.range_2_auth_asym_id 
_pdbx_struct_sheet_hbond.range_2_auth_seq_id 
A 1 2 O LYS A 7   ? O LYS A 10  N VAL A 70  ? N VAL A 73  
B 1 2 O VAL A 20  ? O VAL A 23  N CYS A 27  ? N CYS A 30  
B 2 3 O ARG A 28  ? O ARG A 31  N VAL A 50  ? N VAL A 53  
B 3 4 O ALA A 45  ? O ALA A 48  N LEU A 62  ? N LEU A 65  
C 1 2 O GLU A 74  ? O GLU A 77  N GLN A 124 ? N GLN A 127 
C 2 3 O GLU A 121 ? O GLU A 124 N ARG A 133 ? N ARG A 136 
D 1 2 O ILE A 88  ? O ILE A 91  N VAL A 101 ? N VAL A 104 
# 
_pdbx_entry_details.entry_id                   1BKB 
_pdbx_entry_details.compound_details           ? 
_pdbx_entry_details.source_details             ? 
_pdbx_entry_details.nonpolymer_details         ? 
_pdbx_entry_details.sequence_details           ? 
_pdbx_entry_details.has_ligand_of_interest     ? 
_pdbx_entry_details.has_protein_modification   Y 
# 
loop_
_pdbx_validate_torsion.id 
_pdbx_validate_torsion.PDB_model_num 
_pdbx_validate_torsion.auth_comp_id 
_pdbx_validate_torsion.auth_asym_id 
_pdbx_validate_torsion.auth_seq_id 
_pdbx_validate_torsion.PDB_ins_code 
_pdbx_validate_torsion.label_alt_id 
_pdbx_validate_torsion.phi 
_pdbx_validate_torsion.psi 
1 1 VAL A 6   ? ? -133.29 -63.00  
2 1 TYR A 108 ? ? -98.90  34.55   
3 1 LEU A 129 ? ? 58.44   -125.16 
4 1 LYS A 138 ? ? 115.28  -92.59  
# 
loop_
_pdbx_struct_mod_residue.id 
_pdbx_struct_mod_residue.label_asym_id 
_pdbx_struct_mod_residue.label_comp_id 
_pdbx_struct_mod_residue.label_seq_id 
_pdbx_struct_mod_residue.auth_asym_id 
_pdbx_struct_mod_residue.auth_comp_id 
_pdbx_struct_mod_residue.auth_seq_id 
_pdbx_struct_mod_residue.PDB_ins_code 
_pdbx_struct_mod_residue.parent_comp_id 
_pdbx_struct_mod_residue.details 
1 A MSE 4   A MSE 7   ? MET SELENOMETHIONINE 
2 A MSE 91  A MSE 94  ? MET SELENOMETHIONINE 
3 A MSE 93  A MSE 96  ? MET SELENOMETHIONINE 
4 A MSE 103 A MSE 106 ? MET SELENOMETHIONINE 
# 
loop_
_chem_comp_atom.comp_id 
_chem_comp_atom.atom_id 
_chem_comp_atom.type_symbol 
_chem_comp_atom.pdbx_aromatic_flag 
_chem_comp_atom.pdbx_stereo_config 
_chem_comp_atom.pdbx_ordinal 
ALA N    N  N N 1   
ALA CA   C  N S 2   
ALA C    C  N N 3   
ALA O    O  N N 4   
ALA CB   C  N N 5   
ALA OXT  O  N N 6   
ALA H    H  N N 7   
ALA H2   H  N N 8   
ALA HA   H  N N 9   
ALA HB1  H  N N 10  
ALA HB2  H  N N 11  
ALA HB3  H  N N 12  
ALA HXT  H  N N 13  
ARG N    N  N N 14  
ARG CA   C  N S 15  
ARG C    C  N N 16  
ARG O    O  N N 17  
ARG CB   C  N N 18  
ARG CG   C  N N 19  
ARG CD   C  N N 20  
ARG NE   N  N N 21  
ARG CZ   C  N N 22  
ARG NH1  N  N N 23  
ARG NH2  N  N N 24  
ARG OXT  O  N N 25  
ARG H    H  N N 26  
ARG H2   H  N N 27  
ARG HA   H  N N 28  
ARG HB2  H  N N 29  
ARG HB3  H  N N 30  
ARG HG2  H  N N 31  
ARG HG3  H  N N 32  
ARG HD2  H  N N 33  
ARG HD3  H  N N 34  
ARG HE   H  N N 35  
ARG HH11 H  N N 36  
ARG HH12 H  N N 37  
ARG HH21 H  N N 38  
ARG HH22 H  N N 39  
ARG HXT  H  N N 40  
ASP N    N  N N 41  
ASP CA   C  N S 42  
ASP C    C  N N 43  
ASP O    O  N N 44  
ASP CB   C  N N 45  
ASP CG   C  N N 46  
ASP OD1  O  N N 47  
ASP OD2  O  N N 48  
ASP OXT  O  N N 49  
ASP H    H  N N 50  
ASP H2   H  N N 51  
ASP HA   H  N N 52  
ASP HB2  H  N N 53  
ASP HB3  H  N N 54  
ASP HD2  H  N N 55  
ASP HXT  H  N N 56  
CYS N    N  N N 57  
CYS CA   C  N R 58  
CYS C    C  N N 59  
CYS O    O  N N 60  
CYS CB   C  N N 61  
CYS SG   S  N N 62  
CYS OXT  O  N N 63  
CYS H    H  N N 64  
CYS H2   H  N N 65  
CYS HA   H  N N 66  
CYS HB2  H  N N 67  
CYS HB3  H  N N 68  
CYS HG   H  N N 69  
CYS HXT  H  N N 70  
GLN N    N  N N 71  
GLN CA   C  N S 72  
GLN C    C  N N 73  
GLN O    O  N N 74  
GLN CB   C  N N 75  
GLN CG   C  N N 76  
GLN CD   C  N N 77  
GLN OE1  O  N N 78  
GLN NE2  N  N N 79  
GLN OXT  O  N N 80  
GLN H    H  N N 81  
GLN H2   H  N N 82  
GLN HA   H  N N 83  
GLN HB2  H  N N 84  
GLN HB3  H  N N 85  
GLN HG2  H  N N 86  
GLN HG3  H  N N 87  
GLN HE21 H  N N 88  
GLN HE22 H  N N 89  
GLN HXT  H  N N 90  
GLU N    N  N N 91  
GLU CA   C  N S 92  
GLU C    C  N N 93  
GLU O    O  N N 94  
GLU CB   C  N N 95  
GLU CG   C  N N 96  
GLU CD   C  N N 97  
GLU OE1  O  N N 98  
GLU OE2  O  N N 99  
GLU OXT  O  N N 100 
GLU H    H  N N 101 
GLU H2   H  N N 102 
GLU HA   H  N N 103 
GLU HB2  H  N N 104 
GLU HB3  H  N N 105 
GLU HG2  H  N N 106 
GLU HG3  H  N N 107 
GLU HE2  H  N N 108 
GLU HXT  H  N N 109 
GLY N    N  N N 110 
GLY CA   C  N N 111 
GLY C    C  N N 112 
GLY O    O  N N 113 
GLY OXT  O  N N 114 
GLY H    H  N N 115 
GLY H2   H  N N 116 
GLY HA2  H  N N 117 
GLY HA3  H  N N 118 
GLY HXT  H  N N 119 
HIS N    N  N N 120 
HIS CA   C  N S 121 
HIS C    C  N N 122 
HIS O    O  N N 123 
HIS CB   C  N N 124 
HIS CG   C  Y N 125 
HIS ND1  N  Y N 126 
HIS CD2  C  Y N 127 
HIS CE1  C  Y N 128 
HIS NE2  N  Y N 129 
HIS OXT  O  N N 130 
HIS H    H  N N 131 
HIS H2   H  N N 132 
HIS HA   H  N N 133 
HIS HB2  H  N N 134 
HIS HB3  H  N N 135 
HIS HD1  H  N N 136 
HIS HD2  H  N N 137 
HIS HE1  H  N N 138 
HIS HE2  H  N N 139 
HIS HXT  H  N N 140 
HOH O    O  N N 141 
HOH H1   H  N N 142 
HOH H2   H  N N 143 
ILE N    N  N N 144 
ILE CA   C  N S 145 
ILE C    C  N N 146 
ILE O    O  N N 147 
ILE CB   C  N S 148 
ILE CG1  C  N N 149 
ILE CG2  C  N N 150 
ILE CD1  C  N N 151 
ILE OXT  O  N N 152 
ILE H    H  N N 153 
ILE H2   H  N N 154 
ILE HA   H  N N 155 
ILE HB   H  N N 156 
ILE HG12 H  N N 157 
ILE HG13 H  N N 158 
ILE HG21 H  N N 159 
ILE HG22 H  N N 160 
ILE HG23 H  N N 161 
ILE HD11 H  N N 162 
ILE HD12 H  N N 163 
ILE HD13 H  N N 164 
ILE HXT  H  N N 165 
LEU N    N  N N 166 
LEU CA   C  N S 167 
LEU C    C  N N 168 
LEU O    O  N N 169 
LEU CB   C  N N 170 
LEU CG   C  N N 171 
LEU CD1  C  N N 172 
LEU CD2  C  N N 173 
LEU OXT  O  N N 174 
LEU H    H  N N 175 
LEU H2   H  N N 176 
LEU HA   H  N N 177 
LEU HB2  H  N N 178 
LEU HB3  H  N N 179 
LEU HG   H  N N 180 
LEU HD11 H  N N 181 
LEU HD12 H  N N 182 
LEU HD13 H  N N 183 
LEU HD21 H  N N 184 
LEU HD22 H  N N 185 
LEU HD23 H  N N 186 
LEU HXT  H  N N 187 
LYS N    N  N N 188 
LYS CA   C  N S 189 
LYS C    C  N N 190 
LYS O    O  N N 191 
LYS CB   C  N N 192 
LYS CG   C  N N 193 
LYS CD   C  N N 194 
LYS CE   C  N N 195 
LYS NZ   N  N N 196 
LYS OXT  O  N N 197 
LYS H    H  N N 198 
LYS H2   H  N N 199 
LYS HA   H  N N 200 
LYS HB2  H  N N 201 
LYS HB3  H  N N 202 
LYS HG2  H  N N 203 
LYS HG3  H  N N 204 
LYS HD2  H  N N 205 
LYS HD3  H  N N 206 
LYS HE2  H  N N 207 
LYS HE3  H  N N 208 
LYS HZ1  H  N N 209 
LYS HZ2  H  N N 210 
LYS HZ3  H  N N 211 
LYS HXT  H  N N 212 
MET N    N  N N 213 
MET CA   C  N S 214 
MET C    C  N N 215 
MET O    O  N N 216 
MET CB   C  N N 217 
MET CG   C  N N 218 
MET SD   S  N N 219 
MET CE   C  N N 220 
MET OXT  O  N N 221 
MET H    H  N N 222 
MET H2   H  N N 223 
MET HA   H  N N 224 
MET HB2  H  N N 225 
MET HB3  H  N N 226 
MET HG2  H  N N 227 
MET HG3  H  N N 228 
MET HE1  H  N N 229 
MET HE2  H  N N 230 
MET HE3  H  N N 231 
MET HXT  H  N N 232 
MSE N    N  N N 233 
MSE CA   C  N S 234 
MSE C    C  N N 235 
MSE O    O  N N 236 
MSE OXT  O  N N 237 
MSE CB   C  N N 238 
MSE CG   C  N N 239 
MSE SE   SE N N 240 
MSE CE   C  N N 241 
MSE H    H  N N 242 
MSE H2   H  N N 243 
MSE HA   H  N N 244 
MSE HXT  H  N N 245 
MSE HB2  H  N N 246 
MSE HB3  H  N N 247 
MSE HG2  H  N N 248 
MSE HG3  H  N N 249 
MSE HE1  H  N N 250 
MSE HE2  H  N N 251 
MSE HE3  H  N N 252 
PHE N    N  N N 253 
PHE CA   C  N S 254 
PHE C    C  N N 255 
PHE O    O  N N 256 
PHE CB   C  N N 257 
PHE CG   C  Y N 258 
PHE CD1  C  Y N 259 
PHE CD2  C  Y N 260 
PHE CE1  C  Y N 261 
PHE CE2  C  Y N 262 
PHE CZ   C  Y N 263 
PHE OXT  O  N N 264 
PHE H    H  N N 265 
PHE H2   H  N N 266 
PHE HA   H  N N 267 
PHE HB2  H  N N 268 
PHE HB3  H  N N 269 
PHE HD1  H  N N 270 
PHE HD2  H  N N 271 
PHE HE1  H  N N 272 
PHE HE2  H  N N 273 
PHE HZ   H  N N 274 
PHE HXT  H  N N 275 
PRO N    N  N N 276 
PRO CA   C  N S 277 
PRO C    C  N N 278 
PRO O    O  N N 279 
PRO CB   C  N N 280 
PRO CG   C  N N 281 
PRO CD   C  N N 282 
PRO OXT  O  N N 283 
PRO H    H  N N 284 
PRO HA   H  N N 285 
PRO HB2  H  N N 286 
PRO HB3  H  N N 287 
PRO HG2  H  N N 288 
PRO HG3  H  N N 289 
PRO HD2  H  N N 290 
PRO HD3  H  N N 291 
PRO HXT  H  N N 292 
SER N    N  N N 293 
SER CA   C  N S 294 
SER C    C  N N 295 
SER O    O  N N 296 
SER CB   C  N N 297 
SER OG   O  N N 298 
SER OXT  O  N N 299 
SER H    H  N N 300 
SER H2   H  N N 301 
SER HA   H  N N 302 
SER HB2  H  N N 303 
SER HB3  H  N N 304 
SER HG   H  N N 305 
SER HXT  H  N N 306 
THR N    N  N N 307 
THR CA   C  N S 308 
THR C    C  N N 309 
THR O    O  N N 310 
THR CB   C  N R 311 
THR OG1  O  N N 312 
THR CG2  C  N N 313 
THR OXT  O  N N 314 
THR H    H  N N 315 
THR H2   H  N N 316 
THR HA   H  N N 317 
THR HB   H  N N 318 
THR HG1  H  N N 319 
THR HG21 H  N N 320 
THR HG22 H  N N 321 
THR HG23 H  N N 322 
THR HXT  H  N N 323 
TRP N    N  N N 324 
TRP CA   C  N S 325 
TRP C    C  N N 326 
TRP O    O  N N 327 
TRP CB   C  N N 328 
TRP CG   C  Y N 329 
TRP CD1  C  Y N 330 
TRP CD2  C  Y N 331 
TRP NE1  N  Y N 332 
TRP CE2  C  Y N 333 
TRP CE3  C  Y N 334 
TRP CZ2  C  Y N 335 
TRP CZ3  C  Y N 336 
TRP CH2  C  Y N 337 
TRP OXT  O  N N 338 
TRP H    H  N N 339 
TRP H2   H  N N 340 
TRP HA   H  N N 341 
TRP HB2  H  N N 342 
TRP HB3  H  N N 343 
TRP HD1  H  N N 344 
TRP HE1  H  N N 345 
TRP HE3  H  N N 346 
TRP HZ2  H  N N 347 
TRP HZ3  H  N N 348 
TRP HH2  H  N N 349 
TRP HXT  H  N N 350 
TYR N    N  N N 351 
TYR CA   C  N S 352 
TYR C    C  N N 353 
TYR O    O  N N 354 
TYR CB   C  N N 355 
TYR CG   C  Y N 356 
TYR CD1  C  Y N 357 
TYR CD2  C  Y N 358 
TYR CE1  C  Y N 359 
TYR CE2  C  Y N 360 
TYR CZ   C  Y N 361 
TYR OH   O  N N 362 
TYR OXT  O  N N 363 
TYR H    H  N N 364 
TYR H2   H  N N 365 
TYR HA   H  N N 366 
TYR HB2  H  N N 367 
TYR HB3  H  N N 368 
TYR HD1  H  N N 369 
TYR HD2  H  N N 370 
TYR HE1  H  N N 371 
TYR HE2  H  N N 372 
TYR HH   H  N N 373 
TYR HXT  H  N N 374 
VAL N    N  N N 375 
VAL CA   C  N S 376 
VAL C    C  N N 377 
VAL O    O  N N 378 
VAL CB   C  N N 379 
VAL CG1  C  N N 380 
VAL CG2  C  N N 381 
VAL OXT  O  N N 382 
VAL H    H  N N 383 
VAL H2   H  N N 384 
VAL HA   H  N N 385 
VAL HB   H  N N 386 
VAL HG11 H  N N 387 
VAL HG12 H  N N 388 
VAL HG13 H  N N 389 
VAL HG21 H  N N 390 
VAL HG22 H  N N 391 
VAL HG23 H  N N 392 
VAL HXT  H  N N 393 
# 
loop_
_chem_comp_bond.comp_id 
_chem_comp_bond.atom_id_1 
_chem_comp_bond.atom_id_2 
_chem_comp_bond.value_order 
_chem_comp_bond.pdbx_aromatic_flag 
_chem_comp_bond.pdbx_stereo_config 
_chem_comp_bond.pdbx_ordinal 
ALA N   CA   sing N N 1   
ALA N   H    sing N N 2   
ALA N   H2   sing N N 3   
ALA CA  C    sing N N 4   
ALA CA  CB   sing N N 5   
ALA CA  HA   sing N N 6   
ALA C   O    doub N N 7   
ALA C   OXT  sing N N 8   
ALA CB  HB1  sing N N 9   
ALA CB  HB2  sing N N 10  
ALA CB  HB3  sing N N 11  
ALA OXT HXT  sing N N 12  
ARG N   CA   sing N N 13  
ARG N   H    sing N N 14  
ARG N   H2   sing N N 15  
ARG CA  C    sing N N 16  
ARG CA  CB   sing N N 17  
ARG CA  HA   sing N N 18  
ARG C   O    doub N N 19  
ARG C   OXT  sing N N 20  
ARG CB  CG   sing N N 21  
ARG CB  HB2  sing N N 22  
ARG CB  HB3  sing N N 23  
ARG CG  CD   sing N N 24  
ARG CG  HG2  sing N N 25  
ARG CG  HG3  sing N N 26  
ARG CD  NE   sing N N 27  
ARG CD  HD2  sing N N 28  
ARG CD  HD3  sing N N 29  
ARG NE  CZ   sing N N 30  
ARG NE  HE   sing N N 31  
ARG CZ  NH1  sing N N 32  
ARG CZ  NH2  doub N N 33  
ARG NH1 HH11 sing N N 34  
ARG NH1 HH12 sing N N 35  
ARG NH2 HH21 sing N N 36  
ARG NH2 HH22 sing N N 37  
ARG OXT HXT  sing N N 38  
ASP N   CA   sing N N 39  
ASP N   H    sing N N 40  
ASP N   H2   sing N N 41  
ASP CA  C    sing N N 42  
ASP CA  CB   sing N N 43  
ASP CA  HA   sing N N 44  
ASP C   O    doub N N 45  
ASP C   OXT  sing N N 46  
ASP CB  CG   sing N N 47  
ASP CB  HB2  sing N N 48  
ASP CB  HB3  sing N N 49  
ASP CG  OD1  doub N N 50  
ASP CG  OD2  sing N N 51  
ASP OD2 HD2  sing N N 52  
ASP OXT HXT  sing N N 53  
CYS N   CA   sing N N 54  
CYS N   H    sing N N 55  
CYS N   H2   sing N N 56  
CYS CA  C    sing N N 57  
CYS CA  CB   sing N N 58  
CYS CA  HA   sing N N 59  
CYS C   O    doub N N 60  
CYS C   OXT  sing N N 61  
CYS CB  SG   sing N N 62  
CYS CB  HB2  sing N N 63  
CYS CB  HB3  sing N N 64  
CYS SG  HG   sing N N 65  
CYS OXT HXT  sing N N 66  
GLN N   CA   sing N N 67  
GLN N   H    sing N N 68  
GLN N   H2   sing N N 69  
GLN CA  C    sing N N 70  
GLN CA  CB   sing N N 71  
GLN CA  HA   sing N N 72  
GLN C   O    doub N N 73  
GLN C   OXT  sing N N 74  
GLN CB  CG   sing N N 75  
GLN CB  HB2  sing N N 76  
GLN CB  HB3  sing N N 77  
GLN CG  CD   sing N N 78  
GLN CG  HG2  sing N N 79  
GLN CG  HG3  sing N N 80  
GLN CD  OE1  doub N N 81  
GLN CD  NE2  sing N N 82  
GLN NE2 HE21 sing N N 83  
GLN NE2 HE22 sing N N 84  
GLN OXT HXT  sing N N 85  
GLU N   CA   sing N N 86  
GLU N   H    sing N N 87  
GLU N   H2   sing N N 88  
GLU CA  C    sing N N 89  
GLU CA  CB   sing N N 90  
GLU CA  HA   sing N N 91  
GLU C   O    doub N N 92  
GLU C   OXT  sing N N 93  
GLU CB  CG   sing N N 94  
GLU CB  HB2  sing N N 95  
GLU CB  HB3  sing N N 96  
GLU CG  CD   sing N N 97  
GLU CG  HG2  sing N N 98  
GLU CG  HG3  sing N N 99  
GLU CD  OE1  doub N N 100 
GLU CD  OE2  sing N N 101 
GLU OE2 HE2  sing N N 102 
GLU OXT HXT  sing N N 103 
GLY N   CA   sing N N 104 
GLY N   H    sing N N 105 
GLY N   H2   sing N N 106 
GLY CA  C    sing N N 107 
GLY CA  HA2  sing N N 108 
GLY CA  HA3  sing N N 109 
GLY C   O    doub N N 110 
GLY C   OXT  sing N N 111 
GLY OXT HXT  sing N N 112 
HIS N   CA   sing N N 113 
HIS N   H    sing N N 114 
HIS N   H2   sing N N 115 
HIS CA  C    sing N N 116 
HIS CA  CB   sing N N 117 
HIS CA  HA   sing N N 118 
HIS C   O    doub N N 119 
HIS C   OXT  sing N N 120 
HIS CB  CG   sing N N 121 
HIS CB  HB2  sing N N 122 
HIS CB  HB3  sing N N 123 
HIS CG  ND1  sing Y N 124 
HIS CG  CD2  doub Y N 125 
HIS ND1 CE1  doub Y N 126 
HIS ND1 HD1  sing N N 127 
HIS CD2 NE2  sing Y N 128 
HIS CD2 HD2  sing N N 129 
HIS CE1 NE2  sing Y N 130 
HIS CE1 HE1  sing N N 131 
HIS NE2 HE2  sing N N 132 
HIS OXT HXT  sing N N 133 
HOH O   H1   sing N N 134 
HOH O   H2   sing N N 135 
ILE N   CA   sing N N 136 
ILE N   H    sing N N 137 
ILE N   H2   sing N N 138 
ILE CA  C    sing N N 139 
ILE CA  CB   sing N N 140 
ILE CA  HA   sing N N 141 
ILE C   O    doub N N 142 
ILE C   OXT  sing N N 143 
ILE CB  CG1  sing N N 144 
ILE CB  CG2  sing N N 145 
ILE CB  HB   sing N N 146 
ILE CG1 CD1  sing N N 147 
ILE CG1 HG12 sing N N 148 
ILE CG1 HG13 sing N N 149 
ILE CG2 HG21 sing N N 150 
ILE CG2 HG22 sing N N 151 
ILE CG2 HG23 sing N N 152 
ILE CD1 HD11 sing N N 153 
ILE CD1 HD12 sing N N 154 
ILE CD1 HD13 sing N N 155 
ILE OXT HXT  sing N N 156 
LEU N   CA   sing N N 157 
LEU N   H    sing N N 158 
LEU N   H2   sing N N 159 
LEU CA  C    sing N N 160 
LEU CA  CB   sing N N 161 
LEU CA  HA   sing N N 162 
LEU C   O    doub N N 163 
LEU C   OXT  sing N N 164 
LEU CB  CG   sing N N 165 
LEU CB  HB2  sing N N 166 
LEU CB  HB3  sing N N 167 
LEU CG  CD1  sing N N 168 
LEU CG  CD2  sing N N 169 
LEU CG  HG   sing N N 170 
LEU CD1 HD11 sing N N 171 
LEU CD1 HD12 sing N N 172 
LEU CD1 HD13 sing N N 173 
LEU CD2 HD21 sing N N 174 
LEU CD2 HD22 sing N N 175 
LEU CD2 HD23 sing N N 176 
LEU OXT HXT  sing N N 177 
LYS N   CA   sing N N 178 
LYS N   H    sing N N 179 
LYS N   H2   sing N N 180 
LYS CA  C    sing N N 181 
LYS CA  CB   sing N N 182 
LYS CA  HA   sing N N 183 
LYS C   O    doub N N 184 
LYS C   OXT  sing N N 185 
LYS CB  CG   sing N N 186 
LYS CB  HB2  sing N N 187 
LYS CB  HB3  sing N N 188 
LYS CG  CD   sing N N 189 
LYS CG  HG2  sing N N 190 
LYS CG  HG3  sing N N 191 
LYS CD  CE   sing N N 192 
LYS CD  HD2  sing N N 193 
LYS CD  HD3  sing N N 194 
LYS CE  NZ   sing N N 195 
LYS CE  HE2  sing N N 196 
LYS CE  HE3  sing N N 197 
LYS NZ  HZ1  sing N N 198 
LYS NZ  HZ2  sing N N 199 
LYS NZ  HZ3  sing N N 200 
LYS OXT HXT  sing N N 201 
MET N   CA   sing N N 202 
MET N   H    sing N N 203 
MET N   H2   sing N N 204 
MET CA  C    sing N N 205 
MET CA  CB   sing N N 206 
MET CA  HA   sing N N 207 
MET C   O    doub N N 208 
MET C   OXT  sing N N 209 
MET CB  CG   sing N N 210 
MET CB  HB2  sing N N 211 
MET CB  HB3  sing N N 212 
MET CG  SD   sing N N 213 
MET CG  HG2  sing N N 214 
MET CG  HG3  sing N N 215 
MET SD  CE   sing N N 216 
MET CE  HE1  sing N N 217 
MET CE  HE2  sing N N 218 
MET CE  HE3  sing N N 219 
MET OXT HXT  sing N N 220 
MSE N   CA   sing N N 221 
MSE N   H    sing N N 222 
MSE N   H2   sing N N 223 
MSE CA  C    sing N N 224 
MSE CA  CB   sing N N 225 
MSE CA  HA   sing N N 226 
MSE C   O    doub N N 227 
MSE C   OXT  sing N N 228 
MSE OXT HXT  sing N N 229 
MSE CB  CG   sing N N 230 
MSE CB  HB2  sing N N 231 
MSE CB  HB3  sing N N 232 
MSE CG  SE   sing N N 233 
MSE CG  HG2  sing N N 234 
MSE CG  HG3  sing N N 235 
MSE SE  CE   sing N N 236 
MSE CE  HE1  sing N N 237 
MSE CE  HE2  sing N N 238 
MSE CE  HE3  sing N N 239 
PHE N   CA   sing N N 240 
PHE N   H    sing N N 241 
PHE N   H2   sing N N 242 
PHE CA  C    sing N N 243 
PHE CA  CB   sing N N 244 
PHE CA  HA   sing N N 245 
PHE C   O    doub N N 246 
PHE C   OXT  sing N N 247 
PHE CB  CG   sing N N 248 
PHE CB  HB2  sing N N 249 
PHE CB  HB3  sing N N 250 
PHE CG  CD1  doub Y N 251 
PHE CG  CD2  sing Y N 252 
PHE CD1 CE1  sing Y N 253 
PHE CD1 HD1  sing N N 254 
PHE CD2 CE2  doub Y N 255 
PHE CD2 HD2  sing N N 256 
PHE CE1 CZ   doub Y N 257 
PHE CE1 HE1  sing N N 258 
PHE CE2 CZ   sing Y N 259 
PHE CE2 HE2  sing N N 260 
PHE CZ  HZ   sing N N 261 
PHE OXT HXT  sing N N 262 
PRO N   CA   sing N N 263 
PRO N   CD   sing N N 264 
PRO N   H    sing N N 265 
PRO CA  C    sing N N 266 
PRO CA  CB   sing N N 267 
PRO CA  HA   sing N N 268 
PRO C   O    doub N N 269 
PRO C   OXT  sing N N 270 
PRO CB  CG   sing N N 271 
PRO CB  HB2  sing N N 272 
PRO CB  HB3  sing N N 273 
PRO CG  CD   sing N N 274 
PRO CG  HG2  sing N N 275 
PRO CG  HG3  sing N N 276 
PRO CD  HD2  sing N N 277 
PRO CD  HD3  sing N N 278 
PRO OXT HXT  sing N N 279 
SER N   CA   sing N N 280 
SER N   H    sing N N 281 
SER N   H2   sing N N 282 
SER CA  C    sing N N 283 
SER CA  CB   sing N N 284 
SER CA  HA   sing N N 285 
SER C   O    doub N N 286 
SER C   OXT  sing N N 287 
SER CB  OG   sing N N 288 
SER CB  HB2  sing N N 289 
SER CB  HB3  sing N N 290 
SER OG  HG   sing N N 291 
SER OXT HXT  sing N N 292 
THR N   CA   sing N N 293 
THR N   H    sing N N 294 
THR N   H2   sing N N 295 
THR CA  C    sing N N 296 
THR CA  CB   sing N N 297 
THR CA  HA   sing N N 298 
THR C   O    doub N N 299 
THR C   OXT  sing N N 300 
THR CB  OG1  sing N N 301 
THR CB  CG2  sing N N 302 
THR CB  HB   sing N N 303 
THR OG1 HG1  sing N N 304 
THR CG2 HG21 sing N N 305 
THR CG2 HG22 sing N N 306 
THR CG2 HG23 sing N N 307 
THR OXT HXT  sing N N 308 
TRP N   CA   sing N N 309 
TRP N   H    sing N N 310 
TRP N   H2   sing N N 311 
TRP CA  C    sing N N 312 
TRP CA  CB   sing N N 313 
TRP CA  HA   sing N N 314 
TRP C   O    doub N N 315 
TRP C   OXT  sing N N 316 
TRP CB  CG   sing N N 317 
TRP CB  HB2  sing N N 318 
TRP CB  HB3  sing N N 319 
TRP CG  CD1  doub Y N 320 
TRP CG  CD2  sing Y N 321 
TRP CD1 NE1  sing Y N 322 
TRP CD1 HD1  sing N N 323 
TRP CD2 CE2  doub Y N 324 
TRP CD2 CE3  sing Y N 325 
TRP NE1 CE2  sing Y N 326 
TRP NE1 HE1  sing N N 327 
TRP CE2 CZ2  sing Y N 328 
TRP CE3 CZ3  doub Y N 329 
TRP CE3 HE3  sing N N 330 
TRP CZ2 CH2  doub Y N 331 
TRP CZ2 HZ2  sing N N 332 
TRP CZ3 CH2  sing Y N 333 
TRP CZ3 HZ3  sing N N 334 
TRP CH2 HH2  sing N N 335 
TRP OXT HXT  sing N N 336 
TYR N   CA   sing N N 337 
TYR N   H    sing N N 338 
TYR N   H2   sing N N 339 
TYR CA  C    sing N N 340 
TYR CA  CB   sing N N 341 
TYR CA  HA   sing N N 342 
TYR C   O    doub N N 343 
TYR C   OXT  sing N N 344 
TYR CB  CG   sing N N 345 
TYR CB  HB2  sing N N 346 
TYR CB  HB3  sing N N 347 
TYR CG  CD1  doub Y N 348 
TYR CG  CD2  sing Y N 349 
TYR CD1 CE1  sing Y N 350 
TYR CD1 HD1  sing N N 351 
TYR CD2 CE2  doub Y N 352 
TYR CD2 HD2  sing N N 353 
TYR CE1 CZ   doub Y N 354 
TYR CE1 HE1  sing N N 355 
TYR CE2 CZ   sing Y N 356 
TYR CE2 HE2  sing N N 357 
TYR CZ  OH   sing N N 358 
TYR OH  HH   sing N N 359 
TYR OXT HXT  sing N N 360 
VAL N   CA   sing N N 361 
VAL N   H    sing N N 362 
VAL N   H2   sing N N 363 
VAL CA  C    sing N N 364 
VAL CA  CB   sing N N 365 
VAL CA  HA   sing N N 366 
VAL C   O    doub N N 367 
VAL C   OXT  sing N N 368 
VAL CB  CG1  sing N N 369 
VAL CB  CG2  sing N N 370 
VAL CB  HB   sing N N 371 
VAL CG1 HG11 sing N N 372 
VAL CG1 HG12 sing N N 373 
VAL CG1 HG13 sing N N 374 
VAL CG2 HG21 sing N N 375 
VAL CG2 HG22 sing N N 376 
VAL CG2 HG23 sing N N 377 
VAL OXT HXT  sing N N 378 
# 
_atom_sites.entry_id                    1BKB 
_atom_sites.fract_transf_matrix[1][1]   -0.00066116 
_atom_sites.fract_transf_matrix[1][2]   0.00843356 
_atom_sites.fract_transf_matrix[1][3]   -0.00228267 
_atom_sites.fract_transf_matrix[2][1]   -0.00325798 
_atom_sites.fract_transf_matrix[2][2]   -0.00236206 
_atom_sites.fract_transf_matrix[2][3]   -0.00778324 
_atom_sites.fract_transf_matrix[3][1]   -0.02838972 
_atom_sites.fract_transf_matrix[3][2]   0.00091562 
_atom_sites.fract_transf_matrix[3][3]   0.01160574 
_atom_sites.fract_transf_vector[1]      0.983882 
_atom_sites.fract_transf_vector[2]      0.241151 
_atom_sites.fract_transf_vector[3]      0.709736 
# 
loop_
_atom_type.symbol 
C  
N  
O  
S  
SE 
# 
loop_
_atom_site.group_PDB 
_atom_site.id 
_atom_site.type_symbol 
_atom_site.label_atom_id 
_atom_site.label_alt_id 
_atom_site.label_comp_id 
_atom_site.label_asym_id 
_atom_site.label_entity_id 
_atom_site.label_seq_id 
_atom_site.pdbx_PDB_ins_code 
_atom_site.Cartn_x 
_atom_site.Cartn_y 
_atom_site.Cartn_z 
_atom_site.occupancy 
_atom_site.B_iso_or_equiv 
_atom_site.pdbx_formal_charge 
_atom_site.auth_seq_id 
_atom_site.auth_comp_id 
_atom_site.auth_asym_id 
_atom_site.auth_atom_id 
_atom_site.pdbx_PDB_model_num 
ATOM   1    N  N   . LYS A 1 1   ? -15.824 0.195   18.164  1.00 48.72 ? 4   LYS A N   1 
ATOM   2    C  CA  . LYS A 1 1   ? -15.922 0.911   16.859  1.00 48.60 ? 4   LYS A CA  1 
ATOM   3    C  C   . LYS A 1 1   ? -15.537 -0.001  15.700  1.00 48.54 ? 4   LYS A C   1 
ATOM   4    O  O   . LYS A 1 1   ? -14.505 -0.670  15.743  1.00 48.70 ? 4   LYS A O   1 
ATOM   5    C  CB  . LYS A 1 1   ? -15.006 2.139   16.855  0.62 48.61 ? 4   LYS A CB  1 
ATOM   6    C  CG  . LYS A 1 1   ? -14.964 2.866   15.519  0.81 48.62 ? 4   LYS A CG  1 
ATOM   7    C  CD  . LYS A 1 1   ? -13.951 3.998   15.523  0.57 48.69 ? 4   LYS A CD  1 
ATOM   8    C  CE  . LYS A 1 1   ? -13.858 4.652   14.152  0.41 48.75 ? 4   LYS A CE  1 
ATOM   9    N  NZ  . LYS A 1 1   ? -12.844 5.743   14.117  0.54 48.85 ? 4   LYS A NZ  1 
ATOM   10   N  N   . TRP A 1 2   ? -16.369 -0.019  14.665  1.00 48.25 ? 5   TRP A N   1 
ATOM   11   C  CA  . TRP A 1 2   ? -16.107 -0.840  13.490  1.00 47.89 ? 5   TRP A CA  1 
ATOM   12   C  C   . TRP A 1 2   ? -15.541 0.041   12.381  1.00 47.73 ? 5   TRP A C   1 
ATOM   13   O  O   . TRP A 1 2   ? -15.710 1.261   12.402  1.00 47.83 ? 5   TRP A O   1 
ATOM   14   C  CB  . TRP A 1 2   ? -17.395 -1.494  12.997  0.82 47.71 ? 5   TRP A CB  1 
ATOM   15   C  CG  . TRP A 1 2   ? -17.191 -2.452  11.861  0.37 47.57 ? 5   TRP A CG  1 
ATOM   16   C  CD1 . TRP A 1 2   ? -16.588 -3.675  11.919  1.00 47.46 ? 5   TRP A CD1 1 
ATOM   17   C  CD2 . TRP A 1 2   ? -17.599 -2.269  10.499  0.81 47.51 ? 5   TRP A CD2 1 
ATOM   18   N  NE1 . TRP A 1 2   ? -16.597 -4.266  10.678  0.31 47.51 ? 5   TRP A NE1 1 
ATOM   19   C  CE2 . TRP A 1 2   ? -17.211 -3.426  9.788   0.98 47.43 ? 5   TRP A CE2 1 
ATOM   20   C  CE3 . TRP A 1 2   ? -18.254 -1.238  9.810   1.00 47.39 ? 5   TRP A CE3 1 
ATOM   21   C  CZ2 . TRP A 1 2   ? -17.458 -3.582  8.419   0.56 47.49 ? 5   TRP A CZ2 1 
ATOM   22   C  CZ3 . TRP A 1 2   ? -18.501 -1.395  8.448   0.65 47.48 ? 5   TRP A CZ3 1 
ATOM   23   C  CH2 . TRP A 1 2   ? -18.103 -2.560  7.769   0.63 47.50 ? 5   TRP A CH2 1 
ATOM   24   N  N   . VAL A 1 3   ? -14.872 -0.582  11.415  1.00 47.41 ? 6   VAL A N   1 
ATOM   25   C  CA  . VAL A 1 3   ? -14.290 0.142   10.294  1.00 46.88 ? 6   VAL A CA  1 
ATOM   26   C  C   . VAL A 1 3   ? -14.616 -0.545  8.967   1.00 46.57 ? 6   VAL A C   1 
ATOM   27   O  O   . VAL A 1 3   ? -15.296 0.025   8.112   1.00 46.63 ? 6   VAL A O   1 
ATOM   28   C  CB  . VAL A 1 3   ? -12.756 0.266   10.451  0.40 46.95 ? 6   VAL A CB  1 
ATOM   29   C  CG1 . VAL A 1 3   ? -12.432 1.138   11.654  0.55 46.94 ? 6   VAL A CG1 1 
ATOM   30   C  CG2 . VAL A 1 3   ? -12.129 -1.110  10.631  0.60 47.07 ? 6   VAL A CG2 1 
HETATM 31   N  N   . MSE A 1 4   ? -14.132 -1.773  8.808   1.00 45.80 ? 7   MSE A N   1 
HETATM 32   C  CA  . MSE A 1 4   ? -14.364 -2.554  7.598   1.00 45.05 ? 7   MSE A CA  1 
HETATM 33   C  C   . MSE A 1 4   ? -14.234 -4.028  7.951   1.00 44.13 ? 7   MSE A C   1 
HETATM 34   O  O   . MSE A 1 4   ? -13.834 -4.379  9.061   0.57 44.03 ? 7   MSE A O   1 
HETATM 35   C  CB  . MSE A 1 4   ? -13.315 -2.240  6.526   0.82 45.43 ? 7   MSE A CB  1 
HETATM 36   C  CG  . MSE A 1 4   ? -13.175 -0.789  6.125   0.37 45.79 ? 7   MSE A CG  1 
HETATM 37   SE SE  . MSE A 1 4   ? -11.889 -0.618  4.864   0.32 46.40 ? 7   MSE A SE  1 
HETATM 38   C  CE  . MSE A 1 4   ? -10.487 -1.360  5.689   0.59 46.20 ? 7   MSE A CE  1 
ATOM   39   N  N   . SER A 1 5   ? -14.574 -4.886  6.998   0.92 43.03 ? 8   SER A N   1 
ATOM   40   C  CA  . SER A 1 5   ? -14.454 -6.324  7.194   1.00 41.80 ? 8   SER A CA  1 
ATOM   41   C  C   . SER A 1 5   ? -13.130 -6.714  6.550   0.45 40.72 ? 8   SER A C   1 
ATOM   42   O  O   . SER A 1 5   ? -12.911 -6.454  5.368   1.00 40.98 ? 8   SER A O   1 
ATOM   43   C  CB  . SER A 1 5   ? -15.607 -7.061  6.509   0.38 41.77 ? 8   SER A CB  1 
ATOM   44   O  OG  . SER A 1 5   ? -16.855 -6.681  7.063   0.59 41.69 ? 8   SER A OG  1 
ATOM   45   N  N   . THR A 1 6   ? -12.243 -7.322  7.329   0.99 39.37 ? 9   THR A N   1 
ATOM   46   C  CA  . THR A 1 6   ? -10.939 -7.723  6.817   1.00 37.70 ? 9   THR A CA  1 
ATOM   47   C  C   . THR A 1 6   ? -11.070 -8.686  5.641   1.00 36.54 ? 9   THR A C   1 
ATOM   48   O  O   . THR A 1 6   ? -11.834 -9.650  5.699   0.43 36.16 ? 9   THR A O   1 
ATOM   49   C  CB  . THR A 1 6   ? -10.099 -8.396  7.914   0.75 37.83 ? 9   THR A CB  1 
ATOM   50   O  OG1 . THR A 1 6   ? -10.016 -7.529  9.053   0.30 37.72 ? 9   THR A OG1 1 
ATOM   51   C  CG2 . THR A 1 6   ? -8.693  -8.672  7.404   0.51 37.77 ? 9   THR A CG2 1 
ATOM   52   N  N   . LYS A 1 7   ? -10.319 -8.418  4.576   1.00 35.02 ? 10  LYS A N   1 
ATOM   53   C  CA  . LYS A 1 7   ? -10.336 -9.259  3.381   1.00 33.19 ? 10  LYS A CA  1 
ATOM   54   C  C   . LYS A 1 7   ? -9.113  -10.175 3.385   1.00 31.91 ? 10  LYS A C   1 
ATOM   55   O  O   . LYS A 1 7   ? -8.016  -9.747  3.741   1.00 31.02 ? 10  LYS A O   1 
ATOM   56   C  CB  . LYS A 1 7   ? -10.323 -8.386  2.125   1.00 33.60 ? 10  LYS A CB  1 
ATOM   57   C  CG  . LYS A 1 7   ? -10.336 -9.166  0.818   0.85 33.64 ? 10  LYS A CG  1 
ATOM   58   C  CD  . LYS A 1 7   ? -10.294 -8.222  -0.375  0.30 33.98 ? 10  LYS A CD  1 
ATOM   59   C  CE  . LYS A 1 7   ? -10.279 -8.985  -1.690  0.69 34.27 ? 10  LYS A CE  1 
ATOM   60   N  NZ  . LYS A 1 7   ? -10.235 -8.068  -2.862  0.40 34.48 ? 10  LYS A NZ  1 
ATOM   61   N  N   . TYR A 1 8   ? -9.302  -11.433 2.991   1.00 30.49 ? 11  TYR A N   1 
ATOM   62   C  CA  . TYR A 1 8   ? -8.195  -12.383 2.971   1.00 29.02 ? 11  TYR A CA  1 
ATOM   63   C  C   . TYR A 1 8   ? -8.082  -13.172 1.671   1.00 28.05 ? 11  TYR A C   1 
ATOM   64   O  O   . TYR A 1 8   ? -9.013  -13.234 0.871   1.00 28.11 ? 11  TYR A O   1 
ATOM   65   C  CB  . TYR A 1 8   ? -8.323  -13.406 4.108   1.00 29.65 ? 11  TYR A CB  1 
ATOM   66   C  CG  . TYR A 1 8   ? -8.487  -12.838 5.498   1.00 30.03 ? 11  TYR A CG  1 
ATOM   67   C  CD1 . TYR A 1 8   ? -9.708  -12.316 5.921   0.80 30.42 ? 11  TYR A CD1 1 
ATOM   68   C  CD2 . TYR A 1 8   ? -7.425  -12.844 6.402   0.91 30.19 ? 11  TYR A CD2 1 
ATOM   69   C  CE1 . TYR A 1 8   ? -9.869  -11.820 7.212   0.60 30.42 ? 11  TYR A CE1 1 
ATOM   70   C  CE2 . TYR A 1 8   ? -7.575  -12.348 7.693   0.66 30.30 ? 11  TYR A CE2 1 
ATOM   71   C  CZ  . TYR A 1 8   ? -8.799  -11.839 8.092   0.82 30.39 ? 11  TYR A CZ  1 
ATOM   72   O  OH  . TYR A 1 8   ? -8.953  -11.354 9.371   0.39 30.38 ? 11  TYR A OH  1 
ATOM   73   N  N   . VAL A 1 9   ? -6.914  -13.777 1.483   1.00 26.32 ? 12  VAL A N   1 
ATOM   74   C  CA  . VAL A 1 9   ? -6.633  -14.624 0.332   1.00 24.80 ? 12  VAL A CA  1 
ATOM   75   C  C   . VAL A 1 9   ? -5.631  -15.640 0.856   1.00 23.68 ? 12  VAL A C   1 
ATOM   76   O  O   . VAL A 1 9   ? -4.998  -15.409 1.888   1.00 23.06 ? 12  VAL A O   1 
ATOM   77   C  CB  . VAL A 1 9   ? -5.985  -13.846 -0.844  1.00 24.93 ? 12  VAL A CB  1 
ATOM   78   C  CG1 . VAL A 1 9   ? -6.861  -12.665 -1.237  0.68 24.81 ? 12  VAL A CG1 1 
ATOM   79   C  CG2 . VAL A 1 9   ? -4.585  -13.389 -0.471  1.00 24.36 ? 12  VAL A CG2 1 
ATOM   80   N  N   . GLU A 1 10  ? -5.494  -16.768 0.174   1.00 22.46 ? 13  GLU A N   1 
ATOM   81   C  CA  . GLU A 1 10  ? -4.530  -17.766 0.614   1.00 21.61 ? 13  GLU A CA  1 
ATOM   82   C  C   . GLU A 1 10  ? -3.145  -17.309 0.183   1.00 21.17 ? 13  GLU A C   1 
ATOM   83   O  O   . GLU A 1 10  ? -2.976  -16.749 -0.900  1.00 20.83 ? 13  GLU A O   1 
ATOM   84   C  CB  . GLU A 1 10  ? -4.854  -19.137 0.009   0.99 21.75 ? 13  GLU A CB  1 
ATOM   85   C  CG  . GLU A 1 10  ? -6.118  -19.775 0.574   0.76 22.09 ? 13  GLU A CG  1 
ATOM   86   C  CD  . GLU A 1 10  ? -6.426  -21.123 -0.056  1.00 22.57 ? 13  GLU A CD  1 
ATOM   87   O  OE1 . GLU A 1 10  ? -5.527  -21.985 -0.091  0.47 22.70 ? 13  GLU A OE1 1 
ATOM   88   O  OE2 . GLU A 1 10  ? -7.571  -21.321 -0.506  0.40 23.24 ? 13  GLU A OE2 1 
ATOM   89   N  N   . ALA A 1 11  ? -2.157  -17.541 1.040   1.00 20.88 ? 14  ALA A N   1 
ATOM   90   C  CA  . ALA A 1 11  ? -0.782  -17.147 0.754   1.00 21.33 ? 14  ALA A CA  1 
ATOM   91   C  C   . ALA A 1 11  ? -0.321  -17.629 -0.615  1.00 21.67 ? 14  ALA A C   1 
ATOM   92   O  O   . ALA A 1 11  ? 0.379   -16.913 -1.330  0.94 22.11 ? 14  ALA A O   1 
ATOM   93   C  CB  . ALA A 1 11  ? 0.145   -17.692 1.828   1.00 21.36 ? 14  ALA A CB  1 
ATOM   94   N  N   . GLY A 1 12  ? -0.722  -18.844 -0.975  1.00 21.44 ? 15  GLY A N   1 
ATOM   95   C  CA  . GLY A 1 12  ? -0.331  -19.408 -2.256  1.00 22.32 ? 15  GLY A CA  1 
ATOM   96   C  C   . GLY A 1 12  ? -0.869  -18.674 -3.472  0.74 22.85 ? 15  GLY A C   1 
ATOM   97   O  O   . GLY A 1 12  ? -0.417  -18.915 -4.592  1.00 23.60 ? 15  GLY A O   1 
ATOM   98   N  N   . GLU A 1 13  ? -1.830  -17.781 -3.262  1.00 22.68 ? 16  GLU A N   1 
ATOM   99   C  CA  . GLU A 1 13  ? -2.423  -17.027 -4.364  1.00 23.16 ? 16  GLU A CA  1 
ATOM   100  C  C   . GLU A 1 13  ? -1.711  -15.702 -4.625  1.00 23.27 ? 16  GLU A C   1 
ATOM   101  O  O   . GLU A 1 13  ? -1.903  -15.080 -5.672  1.00 23.67 ? 16  GLU A O   1 
ATOM   102  C  CB  . GLU A 1 13  ? -3.909  -16.769 -4.081  0.76 23.55 ? 16  GLU A CB  1 
ATOM   103  C  CG  . GLU A 1 13  ? -4.757  -18.035 -4.018  0.75 24.29 ? 16  GLU A CG  1 
ATOM   104  C  CD  . GLU A 1 13  ? -6.208  -17.753 -3.680  0.32 24.61 ? 16  GLU A CD  1 
ATOM   105  O  OE1 . GLU A 1 13  ? -6.475  -17.228 -2.578  0.56 25.15 ? 16  GLU A OE1 1 
ATOM   106  O  OE2 . GLU A 1 13  ? -7.083  -18.058 -4.518  0.16 24.71 ? 16  GLU A OE2 1 
ATOM   107  N  N   . LEU A 1 14  ? -0.890  -15.271 -3.675  1.00 23.04 ? 17  LEU A N   1 
ATOM   108  C  CA  . LEU A 1 14  ? -0.159  -14.015 -3.820  1.00 23.41 ? 17  LEU A CA  1 
ATOM   109  C  C   . LEU A 1 14  ? 0.888   -14.104 -4.925  0.90 24.02 ? 17  LEU A C   1 
ATOM   110  O  O   . LEU A 1 14  ? 1.423   -15.176 -5.206  1.00 24.48 ? 17  LEU A O   1 
ATOM   111  C  CB  . LEU A 1 14  ? 0.536   -13.652 -2.508  1.00 22.35 ? 17  LEU A CB  1 
ATOM   112  C  CG  . LEU A 1 14  ? -0.371  -13.449 -1.294  1.00 22.43 ? 17  LEU A CG  1 
ATOM   113  C  CD1 . LEU A 1 14  ? 0.483   -13.210 -0.063  0.97 22.43 ? 17  LEU A CD1 1 
ATOM   114  C  CD2 . LEU A 1 14  ? -1.314  -12.277 -1.545  1.00 22.03 ? 17  LEU A CD2 1 
ATOM   115  N  N   . LYS A 1 15  ? 1.173   -12.968 -5.549  1.00 24.31 ? 18  LYS A N   1 
ATOM   116  C  CA  . LYS A 1 15  ? 2.172   -12.902 -6.607  1.00 24.52 ? 18  LYS A CA  1 
ATOM   117  C  C   . LYS A 1 15  ? 2.921   -11.588 -6.467  1.00 24.72 ? 18  LYS A C   1 
ATOM   118  O  O   . LYS A 1 15  ? 2.503   -10.706 -5.716  1.00 24.65 ? 18  LYS A O   1 
ATOM   119  C  CB  . LYS A 1 15  ? 1.504   -12.955 -7.988  1.00 24.93 ? 18  LYS A CB  1 
ATOM   120  C  CG  . LYS A 1 15  ? 0.722   -14.229 -8.259  0.53 25.38 ? 18  LYS A CG  1 
ATOM   121  C  CD  . LYS A 1 15  ? 0.134   -14.223 -9.658  0.47 25.59 ? 18  LYS A CD  1 
ATOM   122  C  CE  . LYS A 1 15  ? -0.627  -15.509 -9.945  0.26 25.74 ? 18  LYS A CE  1 
ATOM   123  N  NZ  . LYS A 1 15  ? -1.176  -15.534 -11.329 0.20 25.75 ? 18  LYS A NZ  1 
ATOM   124  N  N   . GLU A 1 16  ? 4.040   -11.462 -7.172  1.00 24.53 ? 19  GLU A N   1 
ATOM   125  C  CA  . GLU A 1 16  ? 4.795   -10.222 -7.134  1.00 24.33 ? 19  GLU A CA  1 
ATOM   126  C  C   . GLU A 1 16  ? 3.814   -9.140  -7.564  1.00 23.65 ? 19  GLU A C   1 
ATOM   127  O  O   . GLU A 1 16  ? 3.090   -9.309  -8.545  1.00 23.65 ? 19  GLU A O   1 
ATOM   128  C  CB  . GLU A 1 16  ? 5.974   -10.283 -8.105  0.90 24.64 ? 19  GLU A CB  1 
ATOM   129  C  CG  . GLU A 1 16  ? 7.075   -11.235 -7.671  0.45 24.97 ? 19  GLU A CG  1 
ATOM   130  C  CD  . GLU A 1 16  ? 8.184   -11.345 -8.694  0.36 25.34 ? 19  GLU A CD  1 
ATOM   131  O  OE1 . GLU A 1 16  ? 8.713   -10.296 -9.115  0.50 25.44 ? 19  GLU A OE1 1 
ATOM   132  O  OE2 . GLU A 1 16  ? 8.532   -12.483 -9.070  0.37 25.67 ? 19  GLU A OE2 1 
ATOM   133  N  N   . GLY A 1 17  ? 3.771   -8.043  -6.817  1.00 23.13 ? 20  GLY A N   1 
ATOM   134  C  CA  . GLY A 1 17  ? 2.851   -6.973  -7.156  1.00 22.46 ? 20  GLY A CA  1 
ATOM   135  C  C   . GLY A 1 17  ? 1.581   -6.991  -6.327  0.91 22.07 ? 20  GLY A C   1 
ATOM   136  O  O   . GLY A 1 17  ? 0.851   -6.003  -6.294  1.00 22.69 ? 20  GLY A O   1 
ATOM   137  N  N   . SER A 1 18  ? 1.303   -8.111  -5.664  1.00 21.20 ? 21  SER A N   1 
ATOM   138  C  CA  . SER A 1 18  ? 0.114   -8.213  -4.822  1.00 20.19 ? 21  SER A CA  1 
ATOM   139  C  C   . SER A 1 18  ? 0.328   -7.367  -3.570  1.00 19.49 ? 21  SER A C   1 
ATOM   140  O  O   . SER A 1 18  ? 1.449   -6.970  -3.268  1.00 19.11 ? 21  SER A O   1 
ATOM   141  C  CB  . SER A 1 18  ? -0.124  -9.670  -4.392  0.92 20.39 ? 21  SER A CB  1 
ATOM   142  O  OG  . SER A 1 18  ? -0.401  -10.512 -5.500  0.77 19.98 ? 21  SER A OG  1 
ATOM   143  N  N   . TYR A 1 19  ? -0.751  -7.074  -2.852  1.00 19.19 ? 22  TYR A N   1 
ATOM   144  C  CA  . TYR A 1 19  ? -0.626  -6.325  -1.609  1.00 19.08 ? 22  TYR A CA  1 
ATOM   145  C  C   . TYR A 1 19  ? -1.084  -7.182  -0.443  1.00 18.98 ? 22  TYR A C   1 
ATOM   146  O  O   . TYR A 1 19  ? -2.070  -7.917  -0.545  1.00 19.18 ? 22  TYR A O   1 
ATOM   147  C  CB  . TYR A 1 19  ? -1.406  -5.010  -1.661  1.00 18.88 ? 22  TYR A CB  1 
ATOM   148  C  CG  . TYR A 1 19  ? -0.739  -3.993  -2.552  1.00 18.72 ? 22  TYR A CG  1 
ATOM   149  C  CD1 . TYR A 1 19  ? -0.870  -4.058  -3.938  0.88 18.99 ? 22  TYR A CD1 1 
ATOM   150  C  CD2 . TYR A 1 19  ? 0.098   -3.017  -2.014  1.00 18.63 ? 22  TYR A CD2 1 
ATOM   151  C  CE1 . TYR A 1 19  ? -0.180  -3.179  -4.766  0.86 19.02 ? 22  TYR A CE1 1 
ATOM   152  C  CE2 . TYR A 1 19  ? 0.794   -2.132  -2.835  0.87 18.97 ? 22  TYR A CE2 1 
ATOM   153  C  CZ  . TYR A 1 19  ? 0.650   -2.221  -4.209  0.92 19.11 ? 22  TYR A CZ  1 
ATOM   154  O  OH  . TYR A 1 19  ? 1.340   -1.356  -5.026  0.72 18.69 ? 22  TYR A OH  1 
ATOM   155  N  N   . VAL A 1 20  ? -0.346  -7.090  0.659   1.00 18.50 ? 23  VAL A N   1 
ATOM   156  C  CA  . VAL A 1 20  ? -0.624  -7.865  1.857   1.00 18.62 ? 23  VAL A CA  1 
ATOM   157  C  C   . VAL A 1 20  ? -0.301  -7.059  3.108   1.00 18.19 ? 23  VAL A C   1 
ATOM   158  O  O   . VAL A 1 20  ? 0.490   -6.117  3.060   1.00 19.70 ? 23  VAL A O   1 
ATOM   159  C  CB  A VAL A 1 20  ? 0.226   -9.153  1.869   0.56 18.54 ? 23  VAL A CB  1 
ATOM   160  C  CB  B VAL A 1 20  ? 0.220   -9.158  1.894   0.54 18.46 ? 23  VAL A CB  1 
ATOM   161  C  CG1 A VAL A 1 20  ? 0.062   -9.875  3.179   0.70 18.75 ? 23  VAL A CG1 1 
ATOM   162  C  CG1 B VAL A 1 20  ? -0.085  -10.009 0.677   0.44 18.68 ? 23  VAL A CG1 1 
ATOM   163  C  CG2 A VAL A 1 20  ? -0.180  -10.048 0.715   0.12 18.68 ? 23  VAL A CG2 1 
ATOM   164  C  CG2 B VAL A 1 20  ? 1.706   -8.810  1.945   1.00 18.43 ? 23  VAL A CG2 1 
ATOM   165  N  N   . VAL A 1 21  ? -0.918  -7.428  4.224   1.00 17.07 ? 24  VAL A N   1 
ATOM   166  C  CA  . VAL A 1 21  ? -0.646  -6.759  5.487   1.00 16.72 ? 24  VAL A CA  1 
ATOM   167  C  C   . VAL A 1 21  ? 0.229   -7.683  6.328   1.00 16.70 ? 24  VAL A C   1 
ATOM   168  O  O   . VAL A 1 21  ? -0.127  -8.840  6.565   1.00 16.72 ? 24  VAL A O   1 
ATOM   169  C  CB  . VAL A 1 21  ? -1.940  -6.459  6.276   1.00 16.76 ? 24  VAL A CB  1 
ATOM   170  C  CG1 . VAL A 1 21  ? -1.593  -5.832  7.622   1.00 17.07 ? 24  VAL A CG1 1 
ATOM   171  C  CG2 . VAL A 1 21  ? -2.836  -5.517  5.475   0.96 16.81 ? 24  VAL A CG2 1 
ATOM   172  N  N   . ILE A 1 22  ? 1.381   -7.179  6.753   1.00 16.07 ? 25  ILE A N   1 
ATOM   173  C  CA  . ILE A 1 22  ? 2.290   -7.953  7.590   1.00 16.20 ? 25  ILE A CA  1 
ATOM   174  C  C   . ILE A 1 22  ? 2.531   -7.130  8.851   1.00 16.58 ? 25  ILE A C   1 
ATOM   175  O  O   . ILE A 1 22  ? 3.028   -6.008  8.782   1.00 16.54 ? 25  ILE A O   1 
ATOM   176  C  CB  . ILE A 1 22  ? 3.636   -8.210  6.879   0.92 16.12 ? 25  ILE A CB  1 
ATOM   177  C  CG1 . ILE A 1 22  ? 3.391   -8.968  5.568   1.00 15.85 ? 25  ILE A CG1 1 
ATOM   178  C  CG2 . ILE A 1 22  ? 4.568   -9.011  7.800   0.91 16.00 ? 25  ILE A CG2 1 
ATOM   179  C  CD1 . ILE A 1 22  ? 4.654   -9.225  4.754   0.98 16.13 ? 25  ILE A CD1 1 
ATOM   180  N  N   . ASP A 1 23  ? 2.169   -7.694  9.998   1.00 16.16 ? 26  ASP A N   1 
ATOM   181  C  CA  . ASP A 1 23  ? 2.319   -7.015  11.280  1.00 17.01 ? 26  ASP A CA  1 
ATOM   182  C  C   . ASP A 1 23  ? 1.795   -5.580  11.261  1.00 17.88 ? 26  ASP A C   1 
ATOM   183  O  O   . ASP A 1 23  ? 2.489   -4.641  11.663  1.00 18.27 ? 26  ASP A O   1 
ATOM   184  C  CB  . ASP A 1 23  ? 3.783   -7.039  11.740  1.00 16.88 ? 26  ASP A CB  1 
ATOM   185  C  CG  . ASP A 1 23  ? 4.282   -8.447  11.996  0.95 16.74 ? 26  ASP A CG  1 
ATOM   186  O  OD1 . ASP A 1 23  ? 3.531   -9.226  12.618  0.88 16.33 ? 26  ASP A OD1 1 
ATOM   187  O  OD2 . ASP A 1 23  ? 5.419   -8.770  11.599  0.99 16.58 ? 26  ASP A OD2 1 
ATOM   188  N  N   . GLY A 1 24  ? 0.568   -5.424  10.770  1.00 18.31 ? 27  GLY A N   1 
ATOM   189  C  CA  . GLY A 1 24  ? -0.075  -4.120  10.728  1.00 19.17 ? 27  GLY A CA  1 
ATOM   190  C  C   . GLY A 1 24  ? 0.305   -3.141  9.634   0.92 19.60 ? 27  GLY A C   1 
ATOM   191  O  O   . GLY A 1 24  ? -0.273  -2.056  9.555   1.00 21.08 ? 27  GLY A O   1 
ATOM   192  N  N   . GLU A 1 25  ? 1.267   -3.497  8.790   1.00 18.75 ? 28  GLU A N   1 
ATOM   193  C  CA  . GLU A 1 25  ? 1.700   -2.602  7.715   1.00 18.41 ? 28  GLU A CA  1 
ATOM   194  C  C   . GLU A 1 25  ? 1.309   -3.136  6.345   1.00 17.52 ? 28  GLU A C   1 
ATOM   195  O  O   . GLU A 1 25  ? 1.613   -4.279  6.012   1.00 17.22 ? 28  GLU A O   1 
ATOM   196  C  CB  . GLU A 1 25  ? 3.223   -2.426  7.765   0.96 18.58 ? 28  GLU A CB  1 
ATOM   197  C  CG  . GLU A 1 25  ? 3.859   -1.592  6.637   1.00 18.62 ? 28  GLU A CG  1 
ATOM   198  C  CD  . GLU A 1 25  ? 3.571   -0.097  6.721   0.57 18.63 ? 28  GLU A CD  1 
ATOM   199  O  OE1 . GLU A 1 25  ? 3.052   0.369   7.756   0.80 18.53 ? 28  GLU A OE1 1 
ATOM   200  O  OE2 . GLU A 1 25  ? 3.891   0.618   5.749   0.81 19.13 ? 28  GLU A OE2 1 
ATOM   201  N  N   . PRO A 1 26  ? 0.589   -2.329  5.548   1.00 17.39 ? 29  PRO A N   1 
ATOM   202  C  CA  . PRO A 1 26  ? 0.202   -2.791  4.213   1.00 17.12 ? 29  PRO A CA  1 
ATOM   203  C  C   . PRO A 1 26  ? 1.483   -2.777  3.384   1.00 17.75 ? 29  PRO A C   1 
ATOM   204  O  O   . PRO A 1 26  ? 2.207   -1.782  3.382   1.00 17.77 ? 29  PRO A O   1 
ATOM   205  C  CB  . PRO A 1 26  ? -0.800  -1.730  3.772   1.00 17.34 ? 29  PRO A CB  1 
ATOM   206  C  CG  . PRO A 1 26  ? -0.223  -0.482  4.398   0.92 17.02 ? 29  PRO A CG  1 
ATOM   207  C  CD  . PRO A 1 26  ? 0.029   -0.990  5.809   1.00 16.94 ? 29  PRO A CD  1 
ATOM   208  N  N   . CYS A 1 27  ? 1.770   -3.877  2.692   1.00 18.14 ? 30  CYS A N   1 
ATOM   209  C  CA  . CYS A 1 27  ? 2.997   -3.980  1.900   1.00 18.26 ? 30  CYS A CA  1 
ATOM   210  C  C   . CYS A 1 27  ? 2.768   -4.489  0.485   1.00 18.58 ? 30  CYS A C   1 
ATOM   211  O  O   . CYS A 1 27  ? 1.783   -5.174  0.216   1.00 18.93 ? 30  CYS A O   1 
ATOM   212  C  CB  . CYS A 1 27  ? 3.971   -4.958  2.565   1.00 18.17 ? 30  CYS A CB  1 
ATOM   213  S  SG  . CYS A 1 27  ? 4.351   -4.659  4.285   1.00 17.69 ? 30  CYS A SG  1 
ATOM   214  N  N   . ARG A 1 28  ? 3.701   -4.164  -0.411  1.00 18.88 ? 31  ARG A N   1 
ATOM   215  C  CA  . ARG A 1 28  ? 3.637   -4.642  -1.788  1.00 18.80 ? 31  ARG A CA  1 
ATOM   216  C  C   . ARG A 1 28  ? 4.597   -5.830  -1.864  1.00 18.40 ? 31  ARG A C   1 
ATOM   217  O  O   . ARG A 1 28  ? 5.749   -5.726  -1.446  1.00 18.35 ? 31  ARG A O   1 
ATOM   218  C  CB  . ARG A 1 28  ? 4.088   -3.565  -2.787  0.93 19.28 ? 31  ARG A CB  1 
ATOM   219  C  CG  . ARG A 1 28  ? 3.935   -4.024  -4.236  0.92 19.93 ? 31  ARG A CG  1 
ATOM   220  C  CD  . ARG A 1 28  ? 4.347   -2.986  -5.286  0.72 20.63 ? 31  ARG A CD  1 
ATOM   221  N  NE  . ARG A 1 28  ? 5.792   -2.808  -5.413  0.38 21.26 ? 31  ARG A NE  1 
ATOM   222  C  CZ  . ARG A 1 28  ? 6.556   -2.119  -4.572  0.48 21.60 ? 31  ARG A CZ  1 
ATOM   223  N  NH1 . ARG A 1 28  ? 6.025   -1.522  -3.515  0.40 22.15 ? 31  ARG A NH1 1 
ATOM   224  N  NH2 . ARG A 1 28  ? 7.861   -2.026  -4.793  0.43 21.86 ? 31  ARG A NH2 1 
ATOM   225  N  N   . VAL A 1 29  ? 4.127   -6.958  -2.383  1.00 18.76 ? 32  VAL A N   1 
ATOM   226  C  CA  . VAL A 1 29  ? 4.973   -8.146  -2.482  1.00 18.67 ? 32  VAL A CA  1 
ATOM   227  C  C   . VAL A 1 29  ? 6.022   -7.980  -3.578  1.00 19.62 ? 32  VAL A C   1 
ATOM   228  O  O   . VAL A 1 29  ? 5.687   -7.654  -4.715  1.00 20.03 ? 32  VAL A O   1 
ATOM   229  C  CB  . VAL A 1 29  ? 4.122   -9.404  -2.783  1.00 18.14 ? 32  VAL A CB  1 
ATOM   230  C  CG1 . VAL A 1 29  ? 5.027   -10.621 -2.972  1.00 17.55 ? 32  VAL A CG1 1 
ATOM   231  C  CG2 . VAL A 1 29  ? 3.140   -9.649  -1.641  1.00 17.32 ? 32  VAL A CG2 1 
ATOM   232  N  N   . VAL A 1 30  ? 7.289   -8.196  -3.233  1.00 20.57 ? 33  VAL A N   1 
ATOM   233  C  CA  . VAL A 1 30  ? 8.370   -8.067  -4.209  1.00 21.61 ? 33  VAL A CA  1 
ATOM   234  C  C   . VAL A 1 30  ? 8.948   -9.418  -4.620  1.00 22.42 ? 33  VAL A C   1 
ATOM   235  O  O   . VAL A 1 30  ? 9.559   -9.545  -5.679  1.00 22.63 ? 33  VAL A O   1 
ATOM   236  C  CB  . VAL A 1 30  ? 9.504   -7.158  -3.682  1.00 22.03 ? 33  VAL A CB  1 
ATOM   237  C  CG1 . VAL A 1 30  ? 8.985   -5.738  -3.509  0.81 22.36 ? 33  VAL A CG1 1 
ATOM   238  C  CG2 . VAL A 1 30  ? 10.039  -7.689  -2.369  0.84 22.35 ? 33  VAL A CG2 1 
ATOM   239  N  N   . GLU A 1 31  ? 8.761   -10.428 -3.780  1.00 22.31 ? 34  GLU A N   1 
ATOM   240  C  CA  . GLU A 1 31  ? 9.242   -11.765 -4.104  1.00 22.96 ? 34  GLU A CA  1 
ATOM   241  C  C   . GLU A 1 31  ? 8.567   -12.837 -3.266  1.00 22.98 ? 34  GLU A C   1 
ATOM   242  O  O   . GLU A 1 31  ? 8.220   -12.615 -2.106  1.00 22.24 ? 34  GLU A O   1 
ATOM   243  C  CB  . GLU A 1 31  ? 10.771  -11.849 -3.967  0.87 23.42 ? 34  GLU A CB  1 
ATOM   244  C  CG  . GLU A 1 31  ? 11.344  -11.378 -2.652  0.16 23.65 ? 34  GLU A CG  1 
ATOM   245  C  CD  . GLU A 1 31  ? 12.867  -11.405 -2.630  0.50 23.96 ? 34  GLU A CD  1 
ATOM   246  O  OE1 . GLU A 1 31  ? 13.448  -12.496 -2.805  0.51 24.40 ? 34  GLU A OE1 1 
ATOM   247  O  OE2 . GLU A 1 31  ? 13.482  -10.336 -2.438  0.35 24.07 ? 34  GLU A OE2 1 
ATOM   248  N  N   . ILE A 1 32  ? 8.354   -13.997 -3.879  1.00 23.07 ? 35  ILE A N   1 
ATOM   249  C  CA  . ILE A 1 32  ? 7.722   -15.117 -3.198  1.00 23.12 ? 35  ILE A CA  1 
ATOM   250  C  C   . ILE A 1 32  ? 8.472   -16.396 -3.538  0.88 23.24 ? 35  ILE A C   1 
ATOM   251  O  O   . ILE A 1 32  ? 8.797   -16.647 -4.701  0.96 23.62 ? 35  ILE A O   1 
ATOM   252  C  CB  . ILE A 1 32  ? 6.253   -15.291 -3.634  0.69 23.39 ? 35  ILE A CB  1 
ATOM   253  C  CG1 . ILE A 1 32  ? 5.485   -13.988 -3.417  0.81 23.61 ? 35  ILE A CG1 1 
ATOM   254  C  CG2 . ILE A 1 32  ? 5.603   -16.408 -2.825  0.90 23.48 ? 35  ILE A CG2 1 
ATOM   255  C  CD1 . ILE A 1 32  ? 4.040   -14.055 -3.857  0.48 23.67 ? 35  ILE A CD1 1 
ATOM   256  N  N   . GLU A 1 33  ? 8.749   -17.198 -2.519  1.00 22.59 ? 36  GLU A N   1 
ATOM   257  C  CA  . GLU A 1 33  ? 9.455   -18.458 -2.710  1.00 22.63 ? 36  GLU A CA  1 
ATOM   258  C  C   . GLU A 1 33  ? 8.577   -19.566 -2.144  0.80 22.23 ? 36  GLU A C   1 
ATOM   259  O  O   . GLU A 1 33  ? 7.942   -19.392 -1.102  1.00 22.61 ? 36  GLU A O   1 
ATOM   260  C  CB  . GLU A 1 33  ? 10.790  -18.432 -1.968  0.98 22.97 ? 36  GLU A CB  1 
ATOM   261  C  CG  . GLU A 1 33  ? 11.724  -19.569 -2.334  0.19 23.35 ? 36  GLU A CG  1 
ATOM   262  C  CD  . GLU A 1 33  ? 12.937  -19.638 -1.430  0.37 23.59 ? 36  GLU A CD  1 
ATOM   263  O  OE1 . GLU A 1 33  ? 13.669  -18.630 -1.319  0.26 23.93 ? 36  GLU A OE1 1 
ATOM   264  O  OE2 . GLU A 1 33  ? 13.157  -20.712 -0.830  0.14 23.66 ? 36  GLU A OE2 1 
ATOM   265  N  N   . LYS A 1 34  ? 8.534   -20.702 -2.833  1.00 21.42 ? 37  LYS A N   1 
ATOM   266  C  CA  . LYS A 1 34  ? 7.731   -21.833 -2.389  1.00 21.24 ? 37  LYS A CA  1 
ATOM   267  C  C   . LYS A 1 34  ? 8.660   -22.991 -2.035  1.00 20.32 ? 37  LYS A C   1 
ATOM   268  O  O   . LYS A 1 34  ? 9.740   -23.127 -2.603  1.00 19.52 ? 37  LYS A O   1 
ATOM   269  C  CB  . LYS A 1 34  ? 6.774   -22.264 -3.506  0.90 21.98 ? 37  LYS A CB  1 
ATOM   270  C  CG  . LYS A 1 34  ? 5.869   -21.152 -4.022  0.56 23.31 ? 37  LYS A CG  1 
ATOM   271  C  CD  . LYS A 1 34  ? 4.845   -20.735 -2.989  0.91 24.45 ? 37  LYS A CD  1 
ATOM   272  C  CE  . LYS A 1 34  ? 4.092   -19.488 -3.435  0.89 24.72 ? 37  LYS A CE  1 
ATOM   273  N  NZ  . LYS A 1 34  ? 3.427   -19.633 -4.755  0.78 25.72 ? 37  LYS A NZ  1 
ATOM   274  N  N   . SER A 1 35  ? 8.243   -23.819 -1.086  1.00 20.19 ? 38  SER A N   1 
ATOM   275  C  CA  . SER A 1 35  ? 9.048   -24.965 -0.676  1.00 20.22 ? 38  SER A CA  1 
ATOM   276  C  C   . SER A 1 35  ? 8.133   -26.037 -0.111  1.00 20.45 ? 38  SER A C   1 
ATOM   277  O  O   . SER A 1 35  ? 6.961   -25.780 0.168   1.00 19.54 ? 38  SER A O   1 
ATOM   278  C  CB  . SER A 1 35  ? 10.072  -24.554 0.382   0.90 20.51 ? 38  SER A CB  1 
ATOM   279  O  OG  . SER A 1 35  ? 9.429   -24.059 1.543   0.90 20.13 ? 38  SER A OG  1 
ATOM   280  N  N   . LYS A 1 36  ? 8.668   -27.240 0.057   1.00 21.08 ? 39  LYS A N   1 
ATOM   281  C  CA  . LYS A 1 36  ? 7.882   -28.345 0.591   1.00 22.32 ? 39  LYS A CA  1 
ATOM   282  C  C   . LYS A 1 36  ? 8.852   -29.375 1.158   1.00 23.31 ? 39  LYS A C   1 
ATOM   283  O  O   . LYS A 1 36  ? 9.449   -30.151 0.415   1.00 24.42 ? 39  LYS A O   1 
ATOM   284  C  CB  . LYS A 1 36  ? 7.040   -28.954 -0.530  0.94 22.12 ? 39  LYS A CB  1 
ATOM   285  C  CG  . LYS A 1 36  ? 5.948   -29.902 -0.081  0.99 21.69 ? 39  LYS A CG  1 
ATOM   286  C  CD  . LYS A 1 36  ? 5.079   -30.252 -1.285  0.89 21.93 ? 39  LYS A CD  1 
ATOM   287  C  CE  . LYS A 1 36  ? 3.872   -31.068 -0.901  0.78 21.48 ? 39  LYS A CE  1 
ATOM   288  N  NZ  . LYS A 1 36  ? 3.013   -31.340 -2.087  1.00 20.52 ? 39  LYS A NZ  1 
ATOM   289  N  N   . THR A 1 37  ? 9.008   -29.370 2.478   1.00 24.41 ? 40  THR A N   1 
ATOM   290  C  CA  . THR A 1 37  ? 9.926   -30.283 3.154   1.00 25.51 ? 40  THR A CA  1 
ATOM   291  C  C   . THR A 1 37  ? 9.260   -31.572 3.598   1.00 26.79 ? 40  THR A C   1 
ATOM   292  O  O   . THR A 1 37  ? 9.903   -32.621 3.663   1.00 26.36 ? 40  THR A O   1 
ATOM   293  C  CB  . THR A 1 37  ? 10.538  -29.623 4.397   1.00 25.42 ? 40  THR A CB  1 
ATOM   294  O  OG1 . THR A 1 37  ? 9.489   -29.244 5.299   0.77 25.32 ? 40  THR A OG1 1 
ATOM   295  C  CG2 . THR A 1 37  ? 11.340  -28.396 4.006   0.88 25.55 ? 40  THR A CG2 1 
ATOM   296  N  N   . GLY A 1 38  ? 7.973   -31.482 3.917   1.00 27.98 ? 41  GLY A N   1 
ATOM   297  C  CA  . GLY A 1 38  ? 7.234   -32.646 4.365   0.93 29.59 ? 41  GLY A CA  1 
ATOM   298  C  C   . GLY A 1 38  ? 6.780   -33.522 3.217   1.00 30.44 ? 41  GLY A C   1 
ATOM   299  O  O   . GLY A 1 38  ? 6.082   -33.063 2.310   0.80 31.01 ? 41  GLY A O   1 
ATOM   300  N  N   . LYS A 1 39  ? 7.175   -34.789 3.259   0.76 31.28 ? 42  LYS A N   1 
ATOM   301  C  CA  . LYS A 1 39  ? 6.817   -35.750 2.221   0.89 32.19 ? 42  LYS A CA  1 
ATOM   302  C  C   . LYS A 1 39  ? 5.324   -35.683 1.897   0.61 32.34 ? 42  LYS A C   1 
ATOM   303  O  O   . LYS A 1 39  ? 4.928   -35.719 0.731   1.00 33.12 ? 42  LYS A O   1 
ATOM   304  C  CB  . LYS A 1 39  ? 7.197   -37.159 2.680   0.63 32.39 ? 42  LYS A CB  1 
ATOM   305  C  CG  . LYS A 1 39  ? 6.968   -38.248 1.651   0.11 32.79 ? 42  LYS A CG  1 
ATOM   306  C  CD  . LYS A 1 39  ? 7.438   -39.587 2.191   0.25 33.03 ? 42  LYS A CD  1 
ATOM   307  C  CE  . LYS A 1 39  ? 7.258   -40.702 1.181   0.38 33.23 ? 42  LYS A CE  1 
ATOM   308  N  NZ  . LYS A 1 39  ? 7.736   -41.997 1.734   0.42 33.31 ? 42  LYS A NZ  1 
ATOM   309  N  N   . HIS A 1 40  ? 4.499   -35.584 2.934   1.00 32.22 ? 43  HIS A N   1 
ATOM   310  C  CA  . HIS A 1 40  ? 3.054   -35.502 2.756   1.00 31.86 ? 43  HIS A CA  1 
ATOM   311  C  C   . HIS A 1 40  ? 2.519   -34.231 3.412   0.99 31.29 ? 43  HIS A C   1 
ATOM   312  O  O   . HIS A 1 40  ? 1.330   -34.129 3.719   0.72 31.56 ? 43  HIS A O   1 
ATOM   313  C  CB  . HIS A 1 40  ? 2.380   -36.730 3.376   0.57 32.40 ? 43  HIS A CB  1 
ATOM   314  C  CG  . HIS A 1 40  ? 2.786   -38.025 2.743   0.57 32.80 ? 43  HIS A CG  1 
ATOM   315  N  ND1 . HIS A 1 40  ? 2.521   -38.326 1.425   0.70 33.10 ? 43  HIS A ND1 1 
ATOM   316  C  CD2 . HIS A 1 40  ? 3.447   -39.095 3.248   0.41 33.02 ? 43  HIS A CD2 1 
ATOM   317  C  CE1 . HIS A 1 40  ? 3.000   -39.523 1.142   0.45 33.09 ? 43  HIS A CE1 1 
ATOM   318  N  NE2 . HIS A 1 40  ? 3.568   -40.012 2.231   0.59 33.09 ? 43  HIS A NE2 1 
ATOM   319  N  N   . GLY A 1 41  ? 3.406   -33.261 3.615   1.00 30.48 ? 44  GLY A N   1 
ATOM   320  C  CA  . GLY A 1 41  ? 3.007   -32.016 4.246   0.65 28.62 ? 44  GLY A CA  1 
ATOM   321  C  C   . GLY A 1 41  ? 2.524   -30.943 3.286   0.97 27.47 ? 44  GLY A C   1 
ATOM   322  O  O   . GLY A 1 41  ? 2.431   -31.159 2.076   1.00 27.83 ? 44  GLY A O   1 
ATOM   323  N  N   . SER A 1 42  ? 2.216   -29.775 3.834   1.00 25.70 ? 45  SER A N   1 
ATOM   324  C  CA  . SER A 1 42  ? 1.738   -28.660 3.030   1.00 23.68 ? 45  SER A CA  1 
ATOM   325  C  C   . SER A 1 42  ? 2.912   -27.857 2.497   1.00 22.29 ? 45  SER A C   1 
ATOM   326  O  O   . SER A 1 42  ? 3.967   -27.792 3.126   1.00 21.72 ? 45  SER A O   1 
ATOM   327  C  CB  . SER A 1 42  ? 0.852   -27.744 3.873   0.57 23.98 ? 45  SER A CB  1 
ATOM   328  O  OG  . SER A 1 42  ? 1.590   -27.192 4.951   0.63 23.98 ? 45  SER A OG  1 
ATOM   329  N  N   . ALA A 1 43  ? 2.730   -27.258 1.328   1.00 20.39 ? 46  ALA A N   1 
ATOM   330  C  CA  . ALA A 1 43  ? 3.774   -26.428 0.745   1.00 18.88 ? 46  ALA A CA  1 
ATOM   331  C  C   . ALA A 1 43  ? 3.775   -25.141 1.565   1.00 17.95 ? 46  ALA A C   1 
ATOM   332  O  O   . ALA A 1 43  ? 2.743   -24.753 2.113   1.00 17.26 ? 46  ALA A O   1 
ATOM   333  C  CB  . ALA A 1 43  ? 3.454   -26.125 -0.710  1.00 19.14 ? 46  ALA A CB  1 
ATOM   334  N  N   . LYS A 1 44  ? 4.929   -24.491 1.649   1.00 17.13 ? 47  LYS A N   1 
ATOM   335  C  CA  . LYS A 1 44  ? 5.054   -23.252 2.404   1.00 17.37 ? 47  LYS A CA  1 
ATOM   336  C  C   . LYS A 1 44  ? 5.438   -22.126 1.458   0.92 17.08 ? 47  LYS A C   1 
ATOM   337  O  O   . LYS A 1 44  ? 6.032   -22.359 0.406   1.00 16.74 ? 47  LYS A O   1 
ATOM   338  C  CB  . LYS A 1 44  ? 6.139   -23.389 3.474   1.00 17.10 ? 47  LYS A CB  1 
ATOM   339  C  CG  . LYS A 1 44  ? 5.977   -24.589 4.398   0.68 17.64 ? 47  LYS A CG  1 
ATOM   340  C  CD  . LYS A 1 44  ? 4.650   -24.565 5.137   0.72 18.21 ? 47  LYS A CD  1 
ATOM   341  C  CE  . LYS A 1 44  ? 4.586   -25.667 6.182   0.85 18.87 ? 47  LYS A CE  1 
ATOM   342  N  NZ  . LYS A 1 44  ? 4.792   -27.020 5.596   0.70 19.18 ? 47  LYS A NZ  1 
ATOM   343  N  N   . ALA A 1 45  ? 5.095   -20.901 1.833   1.00 16.84 ? 48  ALA A N   1 
ATOM   344  C  CA  . ALA A 1 45  ? 5.436   -19.742 1.024   1.00 17.01 ? 48  ALA A CA  1 
ATOM   345  C  C   . ALA A 1 45  ? 6.230   -18.762 1.871   1.00 17.14 ? 48  ALA A C   1 
ATOM   346  O  O   . ALA A 1 45  ? 5.912   -18.546 3.040   1.00 18.06 ? 48  ALA A O   1 
ATOM   347  C  CB  . ALA A 1 45  ? 4.174   -19.069 0.511   1.00 16.60 ? 48  ALA A CB  1 
ATOM   348  N  N   . ARG A 1 46  ? 7.281   -18.192 1.290   1.00 17.25 ? 49  ARG A N   1 
ATOM   349  C  CA  . ARG A 1 46  ? 8.081   -17.194 1.989   1.00 17.10 ? 49  ARG A CA  1 
ATOM   350  C  C   . ARG A 1 46  ? 7.888   -15.929 1.180   1.00 17.48 ? 49  ARG A C   1 
ATOM   351  O  O   . ARG A 1 46  ? 8.326   -15.838 0.033   1.00 17.19 ? 49  ARG A O   1 
ATOM   352  C  CB  . ARG A 1 46  ? 9.565   -17.563 2.024   1.00 17.62 ? 49  ARG A CB  1 
ATOM   353  C  CG  . ARG A 1 46  ? 10.414  -16.508 2.737   0.71 18.33 ? 49  ARG A CG  1 
ATOM   354  C  CD  . ARG A 1 46  ? 11.859  -16.954 2.929   0.49 18.57 ? 49  ARG A CD  1 
ATOM   355  N  NE  . ARG A 1 46  ? 12.647  -15.957 3.650   0.33 19.34 ? 49  ARG A NE  1 
ATOM   356  C  CZ  . ARG A 1 46  ? 13.014  -14.781 3.150   0.46 19.56 ? 49  ARG A CZ  1 
ATOM   357  N  NH1 . ARG A 1 46  ? 12.667  -14.444 1.916   0.58 20.29 ? 49  ARG A NH1 1 
ATOM   358  N  NH2 . ARG A 1 46  ? 13.720  -13.935 3.889   0.43 19.64 ? 49  ARG A NH2 1 
ATOM   359  N  N   . ILE A 1 47  ? 7.215   -14.962 1.789   1.00 17.48 ? 50  ILE A N   1 
ATOM   360  C  CA  . ILE A 1 47  ? 6.902   -13.701 1.142   1.00 17.67 ? 50  ILE A CA  1 
ATOM   361  C  C   . ILE A 1 47  ? 7.823   -12.578 1.586   1.00 17.48 ? 50  ILE A C   1 
ATOM   362  O  O   . ILE A 1 47  ? 8.111   -12.434 2.771   1.00 17.98 ? 50  ILE A O   1 
ATOM   363  C  CB  . ILE A 1 47  ? 5.459   -13.282 1.483   1.00 17.62 ? 50  ILE A CB  1 
ATOM   364  C  CG1 . ILE A 1 47  ? 4.490   -14.391 1.074   0.96 18.19 ? 50  ILE A CG1 1 
ATOM   365  C  CG2 . ILE A 1 47  ? 5.116   -11.963 0.798   0.94 18.04 ? 50  ILE A CG2 1 
ATOM   366  C  CD1 . ILE A 1 47  ? 3.102   -14.215 1.644   0.57 18.19 ? 50  ILE A CD1 1 
ATOM   367  N  N   . VAL A 1 48  ? 8.290   -11.788 0.625   1.00 17.31 ? 51  VAL A N   1 
ATOM   368  C  CA  . VAL A 1 48  ? 9.127   -10.635 0.925   1.00 17.33 ? 51  VAL A CA  1 
ATOM   369  C  C   . VAL A 1 48  ? 8.319   -9.470  0.373   1.00 17.30 ? 51  VAL A C   1 
ATOM   370  O  O   . VAL A 1 48  ? 7.857   -9.513  -0.770  1.00 17.23 ? 51  VAL A O   1 
ATOM   371  C  CB  . VAL A 1 48  ? 10.496  -10.701 0.209   0.86 17.53 ? 51  VAL A CB  1 
ATOM   372  C  CG1 . VAL A 1 48  ? 11.324  -9.463  0.545   1.00 17.44 ? 51  VAL A CG1 1 
ATOM   373  C  CG2 . VAL A 1 48  ? 11.240  -11.965 0.622   0.81 17.72 ? 51  VAL A CG2 1 
ATOM   374  N  N   . ALA A 1 49  ? 8.117   -8.443  1.188   1.00 17.62 ? 52  ALA A N   1 
ATOM   375  C  CA  . ALA A 1 49  ? 7.333   -7.296  0.753   1.00 17.70 ? 52  ALA A CA  1 
ATOM   376  C  C   . ALA A 1 49  ? 7.894   -5.998  1.302   1.00 17.86 ? 52  ALA A C   1 
ATOM   377  O  O   . ALA A 1 49  ? 8.785   -6.003  2.147   1.00 18.43 ? 52  ALA A O   1 
ATOM   378  C  CB  . ALA A 1 49  ? 5.881   -7.465  1.184   0.95 17.79 ? 52  ALA A CB  1 
ATOM   379  N  N   . VAL A 1 50  ? 7.366   -4.883  0.811   1.00 17.48 ? 53  VAL A N   1 
ATOM   380  C  CA  . VAL A 1 50  ? 7.826   -3.574  1.245   1.00 17.53 ? 53  VAL A CA  1 
ATOM   381  C  C   . VAL A 1 50  ? 6.658   -2.729  1.723   1.00 17.50 ? 53  VAL A C   1 
ATOM   382  O  O   . VAL A 1 50  ? 5.632   -2.632  1.050   1.00 17.59 ? 53  VAL A O   1 
ATOM   383  C  CB  A VAL A 1 50  ? 8.553   -2.844  0.105   0.47 17.38 ? 53  VAL A CB  1 
ATOM   384  C  CB  B VAL A 1 50  ? 8.531   -2.830  0.095   0.51 17.56 ? 53  VAL A CB  1 
ATOM   385  C  CG1 A VAL A 1 50  ? 9.759   -3.646  -0.313  0.40 17.37 ? 53  VAL A CG1 1 
ATOM   386  C  CG1 B VAL A 1 50  ? 9.110   -1.509  0.598   0.73 17.92 ? 53  VAL A CG1 1 
ATOM   387  C  CG2 A VAL A 1 50  ? 7.620   -2.648  -1.079  0.49 17.27 ? 53  VAL A CG2 1 
ATOM   388  C  CG2 B VAL A 1 50  ? 9.614   -3.709  -0.496  0.03 17.63 ? 53  VAL A CG2 1 
ATOM   389  N  N   . GLY A 1 51  ? 6.828   -2.118  2.890   1.00 18.07 ? 54  GLY A N   1 
ATOM   390  C  CA  . GLY A 1 51  ? 5.778   -1.297  3.461   1.00 18.34 ? 54  GLY A CA  1 
ATOM   391  C  C   . GLY A 1 51  ? 5.393   -0.123  2.585   0.99 18.74 ? 54  GLY A C   1 
ATOM   392  O  O   . GLY A 1 51  ? 6.248   0.644   2.147   1.00 18.66 ? 54  GLY A O   1 
ATOM   393  N  N   . VAL A 1 52  ? 4.097   0.011   2.324   1.00 18.36 ? 55  VAL A N   1 
ATOM   394  C  CA  . VAL A 1 52  ? 3.595   1.103   1.506   1.00 19.00 ? 55  VAL A CA  1 
ATOM   395  C  C   . VAL A 1 52  ? 3.892   2.444   2.172   1.00 19.30 ? 55  VAL A C   1 
ATOM   396  O  O   . VAL A 1 52  ? 4.248   3.414   1.498   1.00 19.85 ? 55  VAL A O   1 
ATOM   397  C  CB  . VAL A 1 52  ? 2.071   0.975   1.289   0.94 18.83 ? 55  VAL A CB  1 
ATOM   398  C  CG1 . VAL A 1 52  ? 1.526   2.223   0.592   1.00 18.45 ? 55  VAL A CG1 1 
ATOM   399  C  CG2 . VAL A 1 52  ? 1.779   -0.248  0.440   0.91 18.83 ? 55  VAL A CG2 1 
ATOM   400  N  N   . PHE A 1 53  ? 3.765   2.500   3.494   1.00 19.38 ? 56  PHE A N   1 
ATOM   401  C  CA  . PHE A 1 53  ? 4.020   3.755   4.190   1.00 19.89 ? 56  PHE A CA  1 
ATOM   402  C  C   . PHE A 1 53  ? 5.415   3.951   4.773   1.00 20.52 ? 56  PHE A C   1 
ATOM   403  O  O   . PHE A 1 53  ? 6.002   5.017   4.585   1.00 20.81 ? 56  PHE A O   1 
ATOM   404  C  CB  . PHE A 1 53  ? 2.958   3.998   5.268   1.00 19.20 ? 56  PHE A CB  1 
ATOM   405  C  CG  . PHE A 1 53  ? 1.567   4.148   4.713   0.87 19.10 ? 56  PHE A CG  1 
ATOM   406  C  CD1 . PHE A 1 53  ? 1.108   5.393   4.290   0.84 19.21 ? 56  PHE A CD1 1 
ATOM   407  C  CD2 . PHE A 1 53  ? 0.744   3.041   4.546   1.00 19.02 ? 56  PHE A CD2 1 
ATOM   408  C  CE1 . PHE A 1 53  ? -0.148  5.531   3.704   0.78 19.04 ? 56  PHE A CE1 1 
ATOM   409  C  CE2 . PHE A 1 53  ? -0.517  3.167   3.962   0.94 18.64 ? 56  PHE A CE2 1 
ATOM   410  C  CZ  . PHE A 1 53  ? -0.963  4.416   3.539   0.67 18.85 ? 56  PHE A CZ  1 
ATOM   411  N  N   . ASP A 1 54  ? 5.966   2.956   5.467   1.00 20.63 ? 57  ASP A N   1 
ATOM   412  C  CA  . ASP A 1 54  ? 7.302   3.148   6.029   1.00 21.16 ? 57  ASP A CA  1 
ATOM   413  C  C   . ASP A 1 54  ? 8.438   2.661   5.137   1.00 21.47 ? 57  ASP A C   1 
ATOM   414  O  O   . ASP A 1 54  ? 9.611   2.849   5.465   1.00 22.05 ? 57  ASP A O   1 
ATOM   415  C  CB  . ASP A 1 54  ? 7.441   2.512   7.425   0.97 21.63 ? 57  ASP A CB  1 
ATOM   416  C  CG  . ASP A 1 54  ? 7.264   1.001   7.422   0.91 21.93 ? 57  ASP A CG  1 
ATOM   417  O  OD1 . ASP A 1 54  ? 7.550   0.352   6.395   1.00 21.89 ? 57  ASP A OD1 1 
ATOM   418  O  OD2 . ASP A 1 54  ? 6.866   0.461   8.475   0.78 22.70 ? 57  ASP A OD2 1 
ATOM   419  N  N   . GLY A 1 55  ? 8.093   2.045   4.012   1.00 21.37 ? 58  GLY A N   1 
ATOM   420  C  CA  . GLY A 1 55  ? 9.102   1.553   3.088   1.00 21.68 ? 58  GLY A CA  1 
ATOM   421  C  C   . GLY A 1 55  ? 10.019  0.485   3.660   0.93 22.09 ? 58  GLY A C   1 
ATOM   422  O  O   . GLY A 1 55  ? 11.091  0.215   3.113   1.00 23.17 ? 58  GLY A O   1 
ATOM   423  N  N   . GLY A 1 56  ? 9.603   -0.134  4.756   1.00 21.93 ? 59  GLY A N   1 
ATOM   424  C  CA  . GLY A 1 56  ? 10.428  -1.159  5.370   1.00 21.61 ? 59  GLY A CA  1 
ATOM   425  C  C   . GLY A 1 56  ? 10.235  -2.544  4.785   1.00 21.38 ? 59  GLY A C   1 
ATOM   426  O  O   . GLY A 1 56  ? 9.128   -2.922  4.401   1.00 21.32 ? 59  GLY A O   1 
ATOM   427  N  N   . LYS A 1 57  ? 11.323  -3.303  4.709   1.00 20.78 ? 60  LYS A N   1 
ATOM   428  C  CA  . LYS A 1 57  ? 11.266  -4.660  4.185   1.00 20.29 ? 60  LYS A CA  1 
ATOM   429  C  C   . LYS A 1 57  ? 10.679  -5.571  5.255   1.00 19.64 ? 60  LYS A C   1 
ATOM   430  O  O   . LYS A 1 57  ? 11.069  -5.505  6.421   1.00 19.78 ? 60  LYS A O   1 
ATOM   431  C  CB  . LYS A 1 57  ? 12.668  -5.154  3.819   0.89 20.72 ? 60  LYS A CB  1 
ATOM   432  C  CG  . LYS A 1 57  ? 12.712  -6.613  3.370   0.83 21.36 ? 60  LYS A CG  1 
ATOM   433  C  CD  . LYS A 1 57  ? 14.140  -7.068  3.087   0.54 22.02 ? 60  LYS A CD  1 
ATOM   434  C  CE  . LYS A 1 57  ? 14.185  -8.538  2.690   0.32 22.22 ? 60  LYS A CE  1 
ATOM   435  N  NZ  . LYS A 1 57  ? 15.575  -9.005  2.425   0.44 22.74 ? 60  LYS A NZ  1 
ATOM   436  N  N   . ARG A 1 58  ? 9.729   -6.408  4.859   1.00 19.07 ? 61  ARG A N   1 
ATOM   437  C  CA  . ARG A 1 58  ? 9.115   -7.345  5.789   1.00 18.59 ? 61  ARG A CA  1 
ATOM   438  C  C   . ARG A 1 58  ? 9.022   -8.712  5.131   1.00 17.89 ? 61  ARG A C   1 
ATOM   439  O  O   . ARG A 1 58  ? 8.984   -8.820  3.907   1.00 18.21 ? 61  ARG A O   1 
ATOM   440  C  CB  . ARG A 1 58  ? 7.724   -6.863  6.205   1.00 18.60 ? 61  ARG A CB  1 
ATOM   441  C  CG  . ARG A 1 58  ? 7.744   -5.601  7.069   0.92 19.02 ? 61  ARG A CG  1 
ATOM   442  C  CD  . ARG A 1 58  ? 6.341   -5.201  7.475   0.97 19.34 ? 61  ARG A CD  1 
ATOM   443  N  NE  . ARG A 1 58  ? 6.316   -4.111  8.448   0.98 19.81 ? 61  ARG A NE  1 
ATOM   444  C  CZ  . ARG A 1 58  ? 6.724   -2.868  8.218   0.46 20.08 ? 61  ARG A CZ  1 
ATOM   445  N  NH1 . ARG A 1 58  ? 7.205   -2.513  7.030   1.00 20.48 ? 61  ARG A NH1 1 
ATOM   446  N  NH2 . ARG A 1 58  ? 6.635   -1.970  9.190   0.80 20.45 ? 61  ARG A NH2 1 
ATOM   447  N  N   . THR A 1 59  ? 9.003   -9.757  5.944   1.00 17.95 ? 62  THR A N   1 
ATOM   448  C  CA  . THR A 1 59  ? 8.905   -11.107 5.412   1.00 17.43 ? 62  THR A CA  1 
ATOM   449  C  C   . THR A 1 59  ? 7.848   -11.891 6.171   1.00 17.33 ? 62  THR A C   1 
ATOM   450  O  O   . THR A 1 59  ? 7.541   -11.581 7.321   1.00 17.36 ? 62  THR A O   1 
ATOM   451  C  CB  . THR A 1 59  ? 10.251  -11.852 5.515   0.96 17.78 ? 62  THR A CB  1 
ATOM   452  O  OG1 . THR A 1 59  ? 10.634  -11.971 6.891   0.76 17.71 ? 62  THR A OG1 1 
ATOM   453  C  CG2 . THR A 1 59  ? 11.336  -11.090 4.765   1.00 17.52 ? 62  THR A CG2 1 
ATOM   454  N  N   . LEU A 1 60  ? 7.279   -12.893 5.513   1.00 16.75 ? 63  LEU A N   1 
ATOM   455  C  CA  . LEU A 1 60  ? 6.270   -13.734 6.139   1.00 16.18 ? 63  LEU A CA  1 
ATOM   456  C  C   . LEU A 1 60  ? 6.351   -15.135 5.547   1.00 15.85 ? 63  LEU A C   1 
ATOM   457  O  O   . LEU A 1 60  ? 6.235   -15.318 4.336   1.00 16.30 ? 63  LEU A O   1 
ATOM   458  C  CB  . LEU A 1 60  ? 4.869   -13.158 5.915   1.00 16.53 ? 63  LEU A CB  1 
ATOM   459  C  CG  . LEU A 1 60  ? 3.738   -13.900 6.640   1.00 15.85 ? 63  LEU A CG  1 
ATOM   460  C  CD1 . LEU A 1 60  ? 3.952   -13.792 8.152   1.00 16.43 ? 63  LEU A CD1 1 
ATOM   461  C  CD2 . LEU A 1 60  ? 2.393   -13.315 6.255   0.93 16.50 ? 63  LEU A CD2 1 
ATOM   462  N  N   . SER A 1 61  ? 6.567   -16.119 6.410   1.00 15.26 ? 64  SER A N   1 
ATOM   463  C  CA  . SER A 1 61  ? 6.656   -17.513 5.992   1.00 15.38 ? 64  SER A CA  1 
ATOM   464  C  C   . SER A 1 61  ? 5.512   -18.281 6.639   1.00 15.11 ? 64  SER A C   1 
ATOM   465  O  O   . SER A 1 61  ? 5.371   -18.278 7.864   1.00 15.97 ? 64  SER A O   1 
ATOM   466  C  CB  A SER A 1 61  ? 8.002   -18.113 6.405   0.46 15.54 ? 64  SER A CB  1 
ATOM   467  C  CB  B SER A 1 61  ? 7.997   -18.102 6.441   0.47 15.50 ? 64  SER A CB  1 
ATOM   468  O  OG  A SER A 1 61  ? 9.065   -17.493 5.702   0.50 15.94 ? 64  SER A OG  1 
ATOM   469  O  OG  B SER A 1 61  ? 8.093   -19.478 6.127   0.45 15.85 ? 64  SER A OG  1 
ATOM   470  N  N   . LEU A 1 62  ? 4.698   -18.929 5.811   1.00 14.42 ? 65  LEU A N   1 
ATOM   471  C  CA  . LEU A 1 62  ? 3.543   -19.688 6.291   1.00 14.66 ? 65  LEU A CA  1 
ATOM   472  C  C   . LEU A 1 62  ? 3.036   -20.658 5.217   1.00 14.46 ? 65  LEU A C   1 
ATOM   473  O  O   . LEU A 1 62  ? 3.452   -20.582 4.057   1.00 14.20 ? 65  LEU A O   1 
ATOM   474  C  CB  A LEU A 1 62  ? 2.431   -18.723 6.723   0.83 15.60 ? 65  LEU A CB  1 
ATOM   475  C  CB  B LEU A 1 62  ? 2.409   -18.735 6.686   0.29 14.51 ? 65  LEU A CB  1 
ATOM   476  C  CG  A LEU A 1 62  ? 2.138   -17.488 5.863   0.11 15.79 ? 65  LEU A CG  1 
ATOM   477  C  CG  B LEU A 1 62  ? 1.631   -18.020 5.573   0.89 14.30 ? 65  LEU A CG  1 
ATOM   478  C  CD1 A LEU A 1 62  ? 1.910   -17.878 4.419   0.35 16.51 ? 65  LEU A CD1 1 
ATOM   479  C  CD1 B LEU A 1 62  ? 0.520   -17.187 6.200   0.45 14.00 ? 65  LEU A CD1 1 
ATOM   480  C  CD2 A LEU A 1 62  ? 0.925   -16.768 6.428   0.52 16.41 ? 65  LEU A CD2 1 
ATOM   481  C  CD2 B LEU A 1 62  ? 2.554   -17.146 4.735   0.75 13.94 ? 65  LEU A CD2 1 
ATOM   482  N  N   . PRO A 1 63  ? 2.132   -21.584 5.587   1.00 14.47 ? 66  PRO A N   1 
ATOM   483  C  CA  . PRO A 1 63  ? 1.594   -22.551 4.620   1.00 14.78 ? 66  PRO A CA  1 
ATOM   484  C  C   . PRO A 1 63  ? 0.887   -21.857 3.452   0.94 15.21 ? 66  PRO A C   1 
ATOM   485  O  O   . PRO A 1 63  ? 0.305   -20.784 3.627   1.00 15.11 ? 66  PRO A O   1 
ATOM   486  C  CB  . PRO A 1 63  ? 0.634   -23.378 5.475   0.98 14.65 ? 66  PRO A CB  1 
ATOM   487  C  CG  . PRO A 1 63  ? 1.295   -23.317 6.856   0.89 14.69 ? 66  PRO A CG  1 
ATOM   488  C  CD  . PRO A 1 63  ? 1.540   -21.826 6.915   1.00 14.74 ? 66  PRO A CD  1 
ATOM   489  N  N   . VAL A 1 64  ? 0.922   -22.469 2.270   1.00 15.09 ? 67  VAL A N   1 
ATOM   490  C  CA  . VAL A 1 64  ? 0.285   -21.859 1.108   1.00 15.73 ? 67  VAL A CA  1 
ATOM   491  C  C   . VAL A 1 64  ? -1.231  -21.727 1.252   1.00 16.34 ? 67  VAL A C   1 
ATOM   492  O  O   . VAL A 1 64  ? -1.848  -20.898 0.580   1.00 16.98 ? 67  VAL A O   1 
ATOM   493  C  CB  . VAL A 1 64  ? 0.593   -22.638 -0.202  0.91 15.77 ? 67  VAL A CB  1 
ATOM   494  C  CG1 . VAL A 1 64  ? 2.089   -22.594 -0.499  1.00 15.54 ? 67  VAL A CG1 1 
ATOM   495  C  CG2 . VAL A 1 64  ? 0.124   -24.082 -0.082  0.91 15.80 ? 67  VAL A CG2 1 
ATOM   496  N  N   . ASP A 1 65  ? -1.834  -22.526 2.130   1.00 16.43 ? 68  ASP A N   1 
ATOM   497  C  CA  . ASP A 1 65  ? -3.278  -22.451 2.314   1.00 17.09 ? 68  ASP A CA  1 
ATOM   498  C  C   . ASP A 1 65  ? -3.696  -21.618 3.527   1.00 16.83 ? 68  ASP A C   1 
ATOM   499  O  O   . ASP A 1 65  ? -4.872  -21.581 3.889   1.00 17.36 ? 68  ASP A O   1 
ATOM   500  C  CB  . ASP A 1 65  ? -3.875  -23.870 2.388   0.67 17.58 ? 68  ASP A CB  1 
ATOM   501  C  CG  . ASP A 1 65  ? -3.399  -24.653 3.598   0.54 18.29 ? 68  ASP A CG  1 
ATOM   502  O  OD1 . ASP A 1 65  ? -2.329  -24.329 4.148   0.90 18.72 ? 68  ASP A OD1 1 
ATOM   503  O  OD2 . ASP A 1 65  ? -4.090  -25.619 3.987   0.65 18.50 ? 68  ASP A OD2 1 
ATOM   504  N  N   . ALA A 1 66  ? -2.741  -20.936 4.151   1.00 16.50 ? 69  ALA A N   1 
ATOM   505  C  CA  . ALA A 1 66  ? -3.065  -20.100 5.302   1.00 16.25 ? 69  ALA A CA  1 
ATOM   506  C  C   . ALA A 1 66  ? -3.546  -18.742 4.799   1.00 16.63 ? 69  ALA A C   1 
ATOM   507  O  O   . ALA A 1 66  ? -3.043  -18.234 3.802   1.00 16.36 ? 69  ALA A O   1 
ATOM   508  C  CB  . ALA A 1 66  ? -1.845  -19.927 6.192   1.00 16.60 ? 69  ALA A CB  1 
ATOM   509  N  N   . GLN A 1 67  ? -4.521  -18.161 5.488   1.00 16.75 ? 70  GLN A N   1 
ATOM   510  C  CA  . GLN A 1 67  ? -5.048  -16.862 5.089   1.00 17.99 ? 70  GLN A CA  1 
ATOM   511  C  C   . GLN A 1 67  ? -4.086  -15.731 5.413   0.84 18.35 ? 70  GLN A C   1 
ATOM   512  O  O   . GLN A 1 67  ? -3.408  -15.747 6.440   0.77 18.27 ? 70  GLN A O   1 
ATOM   513  C  CB  . GLN A 1 67  ? -6.380  -16.569 5.783   1.00 18.78 ? 70  GLN A CB  1 
ATOM   514  C  CG  . GLN A 1 67  ? -7.530  -17.480 5.411   0.67 19.49 ? 70  GLN A CG  1 
ATOM   515  C  CD  . GLN A 1 67  ? -8.837  -17.014 6.029   0.64 19.96 ? 70  GLN A CD  1 
ATOM   516  O  OE1 . GLN A 1 67  ? -8.939  -16.858 7.246   0.33 20.34 ? 70  GLN A OE1 1 
ATOM   517  N  NE2 . GLN A 1 67  ? -9.838  -16.785 5.191   0.35 20.21 ? 70  GLN A NE2 1 
ATOM   518  N  N   . VAL A 1 68  ? -4.034  -14.751 4.520   0.90 18.89 ? 71  VAL A N   1 
ATOM   519  C  CA  . VAL A 1 68  ? -3.196  -13.577 4.707   1.00 19.40 ? 71  VAL A CA  1 
ATOM   520  C  C   . VAL A 1 68  ? -4.103  -12.385 4.412   1.00 19.97 ? 71  VAL A C   1 
ATOM   521  O  O   . VAL A 1 68  ? -4.900  -12.423 3.472   1.00 20.00 ? 71  VAL A O   1 
ATOM   522  C  CB  A VAL A 1 68  ? -2.022  -13.574 3.718   0.65 19.64 ? 71  VAL A CB  1 
ATOM   523  C  CB  B VAL A 1 68  ? -1.980  -13.553 3.742   0.54 19.53 ? 71  VAL A CB  1 
ATOM   524  C  CG1 A VAL A 1 68  ? -1.061  -12.473 4.074   0.43 19.84 ? 71  VAL A CG1 1 
ATOM   525  C  CG1 B VAL A 1 68  ? -1.079  -14.754 4.001   0.57 19.63 ? 71  VAL A CG1 1 
ATOM   526  C  CG2 A VAL A 1 68  ? -1.317  -14.921 3.732   0.23 19.71 ? 71  VAL A CG2 1 
ATOM   527  C  CG2 B VAL A 1 68  ? -2.446  -13.545 2.305   0.74 19.34 ? 71  VAL A CG2 1 
ATOM   528  N  N   . GLU A 1 69  ? -4.003  -11.341 5.223   1.00 19.97 ? 72  GLU A N   1 
ATOM   529  C  CA  . GLU A 1 69  ? -4.835  -10.163 5.025   1.00 21.28 ? 72  GLU A CA  1 
ATOM   530  C  C   . GLU A 1 69  ? -4.359  -9.304  3.860   1.00 21.57 ? 72  GLU A C   1 
ATOM   531  O  O   . GLU A 1 69  ? -3.159  -9.090  3.676   1.00 21.71 ? 72  GLU A O   1 
ATOM   532  C  CB  . GLU A 1 69  ? -4.884  -9.328  6.313   1.00 21.75 ? 72  GLU A CB  1 
ATOM   533  C  CG  . GLU A 1 69  ? -5.477  -7.932  6.133   0.58 22.82 ? 72  GLU A CG  1 
ATOM   534  C  CD  . GLU A 1 69  ? -5.673  -7.190  7.449   0.72 23.46 ? 72  GLU A CD  1 
ATOM   535  O  OE1 . GLU A 1 69  ? -4.765  -7.223  8.304   0.68 23.82 ? 72  GLU A OE1 1 
ATOM   536  O  OE2 . GLU A 1 69  ? -6.733  -6.552  7.617   0.57 23.84 ? 72  GLU A OE2 1 
ATOM   537  N  N   . VAL A 1 70  ? -5.312  -8.828  3.067   1.00 21.61 ? 73  VAL A N   1 
ATOM   538  C  CA  . VAL A 1 70  ? -5.014  -7.972  1.930   1.00 21.82 ? 73  VAL A CA  1 
ATOM   539  C  C   . VAL A 1 70  ? -5.690  -6.633  2.195   1.00 21.98 ? 73  VAL A C   1 
ATOM   540  O  O   . VAL A 1 70  ? -6.881  -6.576  2.497   1.00 22.73 ? 73  VAL A O   1 
ATOM   541  C  CB  A VAL A 1 70  ? -5.572  -8.565  0.619   0.66 22.12 ? 73  VAL A CB  1 
ATOM   542  C  CB  B VAL A 1 70  ? -5.543  -8.579  0.610   0.20 21.90 ? 73  VAL A CB  1 
ATOM   543  C  CG1 A VAL A 1 70  ? -5.314  -7.608  -0.540  0.69 22.29 ? 73  VAL A CG1 1 
ATOM   544  C  CG1 B VAL A 1 70  ? -4.814  -9.880  0.313   0.30 21.89 ? 73  VAL A CG1 1 
ATOM   545  C  CG2 A VAL A 1 70  ? -4.921  -9.913  0.345   0.42 22.10 ? 73  VAL A CG2 1 
ATOM   546  C  CG2 B VAL A 1 70  ? -7.036  -8.828  0.709   0.46 21.97 ? 73  VAL A CG2 1 
ATOM   547  N  N   . PRO A 1 71  ? -4.927  -5.534  2.110   1.00 21.79 ? 74  PRO A N   1 
ATOM   548  C  CA  . PRO A 1 71  ? -5.478  -4.201  2.351   0.94 22.18 ? 74  PRO A CA  1 
ATOM   549  C  C   . PRO A 1 71  ? -6.440  -3.747  1.261   1.00 22.41 ? 74  PRO A C   1 
ATOM   550  O  O   . PRO A 1 71  ? -6.306  -4.131  0.101   1.00 22.70 ? 74  PRO A O   1 
ATOM   551  C  CB  . PRO A 1 71  ? -4.226  -3.334  2.397   1.00 21.43 ? 74  PRO A CB  1 
ATOM   552  C  CG  . PRO A 1 71  ? -3.378  -3.990  1.338   0.99 21.85 ? 74  PRO A CG  1 
ATOM   553  C  CD  . PRO A 1 71  ? -3.489  -5.436  1.805   1.00 21.67 ? 74  PRO A CD  1 
ATOM   554  N  N   . ILE A 1 72  ? -7.420  -2.940  1.650   1.00 23.05 ? 75  ILE A N   1 
ATOM   555  C  CA  . ILE A 1 72  ? -8.375  -2.393  0.700   1.00 23.66 ? 75  ILE A CA  1 
ATOM   556  C  C   . ILE A 1 72  ? -7.768  -1.061  0.288   1.00 23.65 ? 75  ILE A C   1 
ATOM   557  O  O   . ILE A 1 72  ? -7.536  -0.194  1.130   1.00 24.25 ? 75  ILE A O   1 
ATOM   558  C  CB  . ILE A 1 72  ? -9.754  -2.150  1.345   0.92 23.88 ? 75  ILE A CB  1 
ATOM   559  C  CG1 . ILE A 1 72  ? -10.363 -3.481  1.793   0.85 24.41 ? 75  ILE A CG1 1 
ATOM   560  C  CG2 . ILE A 1 72  ? -10.678 -1.455  0.352   0.74 23.86 ? 75  ILE A CG2 1 
ATOM   561  C  CD1 . ILE A 1 72  ? -10.583 -4.464  0.658   0.51 24.17 ? 75  ILE A CD1 1 
ATOM   562  N  N   . ILE A 1 73  ? -7.493  -0.908  -1.002  1.00 24.02 ? 76  ILE A N   1 
ATOM   563  C  CA  . ILE A 1 73  ? -6.888  0.318   -1.506  0.96 24.45 ? 76  ILE A CA  1 
ATOM   564  C  C   . ILE A 1 73  ? -7.840  1.106   -2.397  1.00 24.50 ? 76  ILE A C   1 
ATOM   565  O  O   . ILE A 1 73  ? -8.237  0.636   -3.464  1.00 24.60 ? 76  ILE A O   1 
ATOM   566  C  CB  . ILE A 1 73  ? -5.612  0.009   -2.314  0.93 24.58 ? 76  ILE A CB  1 
ATOM   567  C  CG1 . ILE A 1 73  ? -4.618  -0.765  -1.445  1.00 24.57 ? 76  ILE A CG1 1 
ATOM   568  C  CG2 . ILE A 1 73  ? -4.980  1.307   -2.800  0.84 24.74 ? 76  ILE A CG2 1 
ATOM   569  C  CD1 . ILE A 1 73  ? -3.374  -1.217  -2.187  1.00 25.23 ? 76  ILE A CD1 1 
ATOM   570  N  N   . GLU A 1 74  ? -8.199  2.306   -1.952  1.00 24.72 ? 77  GLU A N   1 
ATOM   571  C  CA  . GLU A 1 74  ? -9.091  3.172   -2.712  1.00 24.68 ? 77  GLU A CA  1 
ATOM   572  C  C   . GLU A 1 74  ? -8.233  4.193   -3.455  1.00 24.56 ? 77  GLU A C   1 
ATOM   573  O  O   . GLU A 1 74  ? -7.434  4.906   -2.847  1.00 24.92 ? 77  GLU A O   1 
ATOM   574  C  CB  . GLU A 1 74  ? -10.070 3.871   -1.765  1.00 24.96 ? 77  GLU A CB  1 
ATOM   575  C  CG  . GLU A 1 74  ? -11.113 4.736   -2.453  0.51 25.33 ? 77  GLU A CG  1 
ATOM   576  C  CD  . GLU A 1 74  ? -12.168 5.241   -1.485  0.47 25.41 ? 77  GLU A CD  1 
ATOM   577  O  OE1 . GLU A 1 74  ? -12.878 4.401   -0.892  0.12 25.46 ? 77  GLU A OE1 1 
ATOM   578  O  OE2 . GLU A 1 74  ? -12.284 6.470   -1.311  0.20 25.65 ? 77  GLU A OE2 1 
ATOM   579  N  N   . LYS A 1 75  ? -8.393  4.252   -4.772  1.00 24.34 ? 78  LYS A N   1 
ATOM   580  C  CA  . LYS A 1 75  ? -7.615  5.165   -5.599  1.00 24.11 ? 78  LYS A CA  1 
ATOM   581  C  C   . LYS A 1 75  ? -8.472  6.323   -6.095  0.94 23.62 ? 78  LYS A C   1 
ATOM   582  O  O   . LYS A 1 75  ? -9.604  6.120   -6.530  1.00 23.86 ? 78  LYS A O   1 
ATOM   583  C  CB  . LYS A 1 75  ? -7.040  4.412   -6.799  1.00 24.73 ? 78  LYS A CB  1 
ATOM   584  C  CG  . LYS A 1 75  ? -6.241  3.172   -6.428  0.94 25.21 ? 78  LYS A CG  1 
ATOM   585  C  CD  . LYS A 1 75  ? -5.728  2.462   -7.666  0.76 25.80 ? 78  LYS A CD  1 
ATOM   586  C  CE  . LYS A 1 75  ? -4.945  1.213   -7.299  0.57 25.84 ? 78  LYS A CE  1 
ATOM   587  N  NZ  . LYS A 1 75  ? -4.418  0.522   -8.507  0.55 26.27 ? 78  LYS A NZ  1 
ATOM   588  N  N   . PHE A 1 76  ? -7.933  7.537   -6.025  1.00 22.59 ? 79  PHE A N   1 
ATOM   589  C  CA  . PHE A 1 76  ? -8.670  8.706   -6.485  1.00 21.38 ? 79  PHE A CA  1 
ATOM   590  C  C   . PHE A 1 76  ? -7.729  9.812   -6.940  1.00 21.06 ? 79  PHE A C   1 
ATOM   591  O  O   . PHE A 1 76  ? -6.512  9.703   -6.793  1.00 21.16 ? 79  PHE A O   1 
ATOM   592  C  CB  . PHE A 1 76  ? -9.622  9.199   -5.383  0.98 21.09 ? 79  PHE A CB  1 
ATOM   593  C  CG  . PHE A 1 76  ? -8.934  9.746   -4.156  0.88 20.53 ? 79  PHE A CG  1 
ATOM   594  C  CD1 . PHE A 1 76  ? -8.553  8.898   -3.118  0.88 20.41 ? 79  PHE A CD1 1 
ATOM   595  C  CD2 . PHE A 1 76  ? -8.691  11.111  -4.028  1.00 20.59 ? 79  PHE A CD2 1 
ATOM   596  C  CE1 . PHE A 1 76  ? -7.947  9.405   -1.967  0.80 20.42 ? 79  PHE A CE1 1 
ATOM   597  C  CE2 . PHE A 1 76  ? -8.089  11.624  -2.884  1.00 20.12 ? 79  PHE A CE2 1 
ATOM   598  C  CZ  . PHE A 1 76  ? -7.716  10.773  -1.850  0.87 20.48 ? 79  PHE A CZ  1 
ATOM   599  N  N   . THR A 1 77  ? -8.296  10.866  -7.519  1.00 20.32 ? 80  THR A N   1 
ATOM   600  C  CA  . THR A 1 77  ? -7.506  11.986  -8.008  1.00 19.29 ? 80  THR A CA  1 
ATOM   601  C  C   . THR A 1 77  ? -7.701  13.207  -7.121  1.00 18.29 ? 80  THR A C   1 
ATOM   602  O  O   . THR A 1 77  ? -8.804  13.474  -6.641  1.00 18.22 ? 80  THR A O   1 
ATOM   603  C  CB  . THR A 1 77  ? -7.908  12.358  -9.457  0.75 19.76 ? 80  THR A CB  1 
ATOM   604  O  OG1 . THR A 1 77  ? -7.656  11.245  -10.323 0.74 19.82 ? 80  THR A OG1 1 
ATOM   605  C  CG2 . THR A 1 77  ? -7.111  13.559  -9.946  0.87 19.97 ? 80  THR A CG2 1 
ATOM   606  N  N   . ALA A 1 78  ? -6.617  13.941  -6.905  1.00 17.58 ? 81  ALA A N   1 
ATOM   607  C  CA  . ALA A 1 78  ? -6.653  15.148  -6.087  1.00 17.02 ? 81  ALA A CA  1 
ATOM   608  C  C   . ALA A 1 78  ? -5.809  16.232  -6.745  1.00 16.94 ? 81  ALA A C   1 
ATOM   609  O  O   . ALA A 1 78  ? -4.926  15.937  -7.547  1.00 17.79 ? 81  ALA A O   1 
ATOM   610  C  CB  . ALA A 1 78  ? -6.122  14.850  -4.688  1.00 16.91 ? 81  ALA A CB  1 
ATOM   611  N  N   . GLN A 1 79  ? -6.092  17.488  -6.411  1.00 16.13 ? 82  GLN A N   1 
ATOM   612  C  CA  . GLN A 1 79  ? -5.337  18.614  -6.956  1.00 15.82 ? 82  GLN A CA  1 
ATOM   613  C  C   . GLN A 1 79  ? -4.489  19.214  -5.843  1.00 14.69 ? 82  GLN A C   1 
ATOM   614  O  O   . GLN A 1 79  ? -4.971  19.414  -4.732  1.00 14.74 ? 82  GLN A O   1 
ATOM   615  C  CB  . GLN A 1 79  ? -6.284  19.688  -7.497  0.80 16.32 ? 82  GLN A CB  1 
ATOM   616  C  CG  . GLN A 1 79  ? -5.573  20.901  -8.079  1.00 17.45 ? 82  GLN A CG  1 
ATOM   617  C  CD  . GLN A 1 79  ? -6.541  21.946  -8.613  0.65 17.82 ? 82  GLN A CD  1 
ATOM   618  O  OE1 . GLN A 1 79  ? -7.329  21.673  -9.516  0.54 18.58 ? 82  GLN A OE1 1 
ATOM   619  N  NE2 . GLN A 1 79  ? -6.483  23.146  -8.052  0.58 18.27 ? 82  GLN A NE2 1 
ATOM   620  N  N   . ILE A 1 80  ? -3.226  19.498  -6.136  1.00 14.41 ? 83  ILE A N   1 
ATOM   621  C  CA  . ILE A 1 80  ? -2.349  20.078  -5.126  1.00 14.34 ? 83  ILE A CA  1 
ATOM   622  C  C   . ILE A 1 80  ? -2.698  21.549  -4.884  0.97 14.52 ? 83  ILE A C   1 
ATOM   623  O  O   . ILE A 1 80  ? -2.741  22.350  -5.825  1.00 14.92 ? 83  ILE A O   1 
ATOM   624  C  CB  . ILE A 1 80  ? -0.871  19.977  -5.549  1.00 14.43 ? 83  ILE A CB  1 
ATOM   625  C  CG1 . ILE A 1 80  ? -0.478  18.504  -5.722  0.97 15.10 ? 83  ILE A CG1 1 
ATOM   626  C  CG2 . ILE A 1 80  ? 0.016   20.642  -4.501  1.00 14.06 ? 83  ILE A CG2 1 
ATOM   627  C  CD1 . ILE A 1 80  ? 0.956   18.306  -6.176  0.93 15.85 ? 83  ILE A CD1 1 
ATOM   628  N  N   . LEU A 1 81  ? -2.960  21.889  -3.625  1.00 13.89 ? 84  LEU A N   1 
ATOM   629  C  CA  . LEU A 1 81  ? -3.285  23.261  -3.238  1.00 14.00 ? 84  LEU A CA  1 
ATOM   630  C  C   . LEU A 1 81  ? -2.019  24.000  -2.795  1.00 14.36 ? 84  LEU A C   1 
ATOM   631  O  O   . LEU A 1 81  ? -1.833  25.173  -3.116  1.00 14.28 ? 84  LEU A O   1 
ATOM   632  C  CB  . LEU A 1 81  ? -4.308  23.261  -2.097  0.90 13.98 ? 84  LEU A CB  1 
ATOM   633  C  CG  . LEU A 1 81  ? -5.661  22.622  -2.427  1.00 13.74 ? 84  LEU A CG  1 
ATOM   634  C  CD1 . LEU A 1 81  ? -6.557  22.643  -1.204  0.92 13.81 ? 84  LEU A CD1 1 
ATOM   635  C  CD2 . LEU A 1 81  ? -6.312  23.385  -3.580  0.91 14.26 ? 84  LEU A CD2 1 
ATOM   636  N  N   . SER A 1 82  ? -1.160  23.319  -2.041  1.00 14.40 ? 85  SER A N   1 
ATOM   637  C  CA  . SER A 1 82  ? 0.091   23.923  -1.579  1.00 14.76 ? 85  SER A CA  1 
ATOM   638  C  C   . SER A 1 82  ? 1.083   22.840  -1.197  1.00 14.92 ? 85  SER A C   1 
ATOM   639  O  O   . SER A 1 82  ? 0.699   21.706  -0.904  1.00 14.48 ? 85  SER A O   1 
ATOM   640  C  CB  . SER A 1 82  ? -0.140  24.841  -0.373  1.00 14.70 ? 85  SER A CB  1 
ATOM   641  O  OG  . SER A 1 82  ? -0.449  24.099  0.796   0.94 14.97 ? 85  SER A OG  1 
ATOM   642  N  N   . VAL A 1 83  ? 2.359   23.204  -1.199  1.00 14.93 ? 86  VAL A N   1 
ATOM   643  C  CA  . VAL A 1 83  ? 3.430   22.274  -0.872  1.00 15.75 ? 86  VAL A CA  1 
ATOM   644  C  C   . VAL A 1 83  ? 4.441   22.911  0.074   1.00 15.90 ? 86  VAL A C   1 
ATOM   645  O  O   . VAL A 1 83  ? 5.016   23.953  -0.244  1.00 16.05 ? 86  VAL A O   1 
ATOM   646  C  CB  . VAL A 1 83  ? 4.192   21.852  -2.146  0.96 16.01 ? 86  VAL A CB  1 
ATOM   647  C  CG1 . VAL A 1 83  ? 5.296   20.858  -1.799  0.96 16.34 ? 86  VAL A CG1 1 
ATOM   648  C  CG2 . VAL A 1 83  ? 3.224   21.261  -3.159  0.97 16.14 ? 86  VAL A CG2 1 
ATOM   649  N  N   . SER A 1 84  ? 4.648   22.298  1.236   1.00 15.69 ? 87  SER A N   1 
ATOM   650  C  CA  . SER A 1 84  ? 5.646   22.804  2.175   1.00 15.96 ? 87  SER A CA  1 
ATOM   651  C  C   . SER A 1 84  ? 6.705   21.714  2.208   1.00 16.14 ? 87  SER A C   1 
ATOM   652  O  O   . SER A 1 84  ? 6.602   20.724  1.484   1.00 16.54 ? 87  SER A O   1 
ATOM   653  C  CB  . SER A 1 84  ? 5.070   23.004  3.586   1.00 15.66 ? 87  SER A CB  1 
ATOM   654  O  OG  . SER A 1 84  ? 4.859   21.774  4.266   1.00 15.96 ? 87  SER A OG  1 
ATOM   655  N  N   . GLY A 1 85  ? 7.722   21.887  3.039   1.00 16.55 ? 88  GLY A N   1 
ATOM   656  C  CA  . GLY A 1 85  ? 8.752   20.871  3.119   1.00 16.64 ? 88  GLY A CA  1 
ATOM   657  C  C   . GLY A 1 85  ? 8.264   19.642  3.865   0.96 17.08 ? 88  GLY A C   1 
ATOM   658  O  O   . GLY A 1 85  ? 8.873   18.576  3.769   1.00 17.65 ? 88  GLY A O   1 
ATOM   659  N  N   . ASP A 1 86  ? 7.159   19.776  4.596   1.00 17.04 ? 89  ASP A N   1 
ATOM   660  C  CA  . ASP A 1 86  ? 6.632   18.665  5.383   1.00 17.35 ? 89  ASP A CA  1 
ATOM   661  C  C   . ASP A 1 86  ? 5.243   18.162  5.030   1.00 17.44 ? 89  ASP A C   1 
ATOM   662  O  O   . ASP A 1 86  ? 4.901   17.021  5.348   1.00 16.99 ? 89  ASP A O   1 
ATOM   663  C  CB  . ASP A 1 86  ? 6.614   19.027  6.870   0.97 18.33 ? 89  ASP A CB  1 
ATOM   664  C  CG  . ASP A 1 86  ? 7.972   19.428  7.390   0.98 19.36 ? 89  ASP A CG  1 
ATOM   665  O  OD1 . ASP A 1 86  ? 8.958   18.740  7.064   0.74 19.77 ? 89  ASP A OD1 1 
ATOM   666  O  OD2 . ASP A 1 86  ? 8.044   20.421  8.143   0.87 19.67 ? 89  ASP A OD2 1 
ATOM   667  N  N   . VAL A 1 87  ? 4.435   18.997  4.384   1.00 16.38 ? 90  VAL A N   1 
ATOM   668  C  CA  . VAL A 1 87  ? 3.068   18.595  4.078   1.00 16.72 ? 90  VAL A CA  1 
ATOM   669  C  C   . VAL A 1 87  ? 2.570   19.029  2.709   1.00 16.55 ? 90  VAL A C   1 
ATOM   670  O  O   . VAL A 1 87  ? 2.878   20.124  2.249   1.00 16.41 ? 90  VAL A O   1 
ATOM   671  C  CB  A VAL A 1 87  ? 2.093   19.182  5.134   0.75 17.37 ? 90  VAL A CB  1 
ATOM   672  C  CB  B VAL A 1 87  ? 2.086   19.134  5.128   0.32 16.84 ? 90  VAL A CB  1 
ATOM   673  C  CG1 A VAL A 1 87  ? 0.647   18.855  4.772   0.75 17.84 ? 90  VAL A CG1 1 
ATOM   674  C  CG1 B VAL A 1 87  ? 2.491   18.665  6.518   0.39 16.87 ? 90  VAL A CG1 1 
ATOM   675  C  CG2 A VAL A 1 87  ? 2.439   18.644  6.516   0.64 17.65 ? 90  VAL A CG2 1 
ATOM   676  C  CG2 B VAL A 1 87  ? 2.052   20.633  5.059   0.39 16.80 ? 90  VAL A CG2 1 
ATOM   677  N  N   . ILE A 1 88  ? 1.796   18.159  2.072   1.00 16.06 ? 91  ILE A N   1 
ATOM   678  C  CA  . ILE A 1 88  ? 1.197   18.477  0.783   1.00 16.04 ? 91  ILE A CA  1 
ATOM   679  C  C   . ILE A 1 88  ? -0.297  18.657  1.073   0.95 16.19 ? 91  ILE A C   1 
ATOM   680  O  O   . ILE A 1 88  ? -0.949  17.748  1.589   1.00 16.56 ? 91  ILE A O   1 
ATOM   681  C  CB  . ILE A 1 88  ? 1.349   17.326  -0.241  1.00 16.18 ? 91  ILE A CB  1 
ATOM   682  C  CG1 . ILE A 1 88  ? 2.815   16.890  -0.344  0.95 17.06 ? 91  ILE A CG1 1 
ATOM   683  C  CG2 . ILE A 1 88  ? 0.810   17.774  -1.599  1.00 16.09 ? 91  ILE A CG2 1 
ATOM   684  C  CD1 . ILE A 1 88  ? 3.771   17.989  -0.734  0.59 17.20 ? 91  ILE A CD1 1 
ATOM   685  N  N   . GLN A 1 89  ? -0.827  19.835  0.764   1.00 16.03 ? 92  GLN A N   1 
ATOM   686  C  CA  . GLN A 1 89  ? -2.244  20.135  0.979   1.00 16.31 ? 92  GLN A CA  1 
ATOM   687  C  C   . GLN A 1 89  ? -2.952  19.799  -0.337  1.00 16.04 ? 92  GLN A C   1 
ATOM   688  O  O   . GLN A 1 89  ? -2.562  20.294  -1.392  1.00 15.83 ? 92  GLN A O   1 
ATOM   689  C  CB  A GLN A 1 89  ? -2.394  21.611  1.338   0.65 16.45 ? 92  GLN A CB  1 
ATOM   690  C  CB  B GLN A 1 89  ? -2.420  21.627  1.277   0.52 16.84 ? 92  GLN A CB  1 
ATOM   691  C  CG  A GLN A 1 89  ? -3.811  22.089  1.545   0.55 16.87 ? 92  GLN A CG  1 
ATOM   692  C  CG  B GLN A 1 89  ? -1.649  22.122  2.484   0.57 17.80 ? 92  GLN A CG  1 
ATOM   693  C  CD  A GLN A 1 89  ? -3.850  23.555  1.929   0.51 17.18 ? 92  GLN A CD  1 
ATOM   694  C  CD  B GLN A 1 89  ? -2.333  21.801  3.787   0.19 18.51 ? 92  GLN A CD  1 
ATOM   695  O  OE1 A GLN A 1 89  ? -3.231  24.394  1.273   0.57 17.73 ? 92  GLN A OE1 1 
ATOM   696  O  OE1 B GLN A 1 89  ? -2.731  20.667  4.026   0.20 19.24 ? 92  GLN A OE1 1 
ATOM   697  N  NE2 A GLN A 1 89  ? -4.584  23.874  2.988   0.57 17.49 ? 92  GLN A NE2 1 
ATOM   698  N  NE2 B GLN A 1 89  ? -2.464  22.804  4.646   0.36 19.02 ? 92  GLN A NE2 1 
ATOM   699  N  N   . LEU A 1 90  ? -3.979  18.955  -0.277  1.00 15.79 ? 93  LEU A N   1 
ATOM   700  C  CA  . LEU A 1 90  ? -4.694  18.534  -1.485  1.00 15.68 ? 93  LEU A CA  1 
ATOM   701  C  C   . LEU A 1 90  ? -6.196  18.801  -1.448  1.00 16.00 ? 93  LEU A C   1 
ATOM   702  O  O   . LEU A 1 90  ? -6.795  18.891  -0.381  1.00 16.20 ? 93  LEU A O   1 
ATOM   703  C  CB  . LEU A 1 90  ? -4.521  17.024  -1.698  1.00 16.32 ? 93  LEU A CB  1 
ATOM   704  C  CG  . LEU A 1 90  ? -3.131  16.395  -1.792  1.00 15.98 ? 93  LEU A CG  1 
ATOM   705  C  CD1 . LEU A 1 90  ? -3.259  14.871  -1.795  0.84 16.61 ? 93  LEU A CD1 1 
ATOM   706  C  CD2 . LEU A 1 90  ? -2.433  16.881  -3.049  0.99 16.53 ? 93  LEU A CD2 1 
HETATM 707  N  N   . MSE A 1 91  ? -6.790  18.916  -2.633  1.00 16.65 ? 94  MSE A N   1 
HETATM 708  C  CA  . MSE A 1 91  ? -8.234  19.064  -2.769  1.00 17.31 ? 94  MSE A CA  1 
HETATM 709  C  C   . MSE A 1 91  ? -8.703  17.763  -3.425  1.00 17.80 ? 94  MSE A C   1 
HETATM 710  O  O   . MSE A 1 91  ? -8.325  17.453  -4.559  1.00 18.46 ? 94  MSE A O   1 
HETATM 711  C  CB  . MSE A 1 91  ? -8.624  20.266  -3.651  1.00 17.58 ? 94  MSE A CB  1 
HETATM 712  C  CG  . MSE A 1 91  ? -10.129 20.297  -3.982  0.94 18.40 ? 94  MSE A CG  1 
HETATM 713  SE SE  . MSE A 1 91  ? -10.771 21.807  -4.798  0.64 19.57 ? 94  MSE A SE  1 
HETATM 714  C  CE  . MSE A 1 91  ? -9.690  21.978  -6.167  1.00 19.39 ? 94  MSE A CE  1 
ATOM   715  N  N   . ASP A 1 92  ? -9.498  16.995  -2.688  1.00 18.74 ? 95  ASP A N   1 
ATOM   716  C  CA  . ASP A 1 92  ? -10.045 15.723  -3.165  1.00 19.93 ? 95  ASP A CA  1 
ATOM   717  C  C   . ASP A 1 92  ? -11.002 16.101  -4.297  1.00 20.92 ? 95  ASP A C   1 
ATOM   718  O  O   . ASP A 1 92  ? -11.992 16.781  -4.052  1.00 21.19 ? 95  ASP A O   1 
ATOM   719  C  CB  . ASP A 1 92  ? -10.828 15.057  -2.026  1.00 19.82 ? 95  ASP A CB  1 
ATOM   720  C  CG  . ASP A 1 92  ? -11.233 13.627  -2.340  0.89 19.92 ? 95  ASP A CG  1 
ATOM   721  O  OD1 . ASP A 1 92  ? -11.613 13.346  -3.495  0.83 20.03 ? 95  ASP A OD1 1 
ATOM   722  O  OD2 . ASP A 1 92  ? -11.193 12.791  -1.410  0.76 19.96 ? 95  ASP A OD2 1 
HETATM 723  N  N   . MSE A 1 93  ? -10.721 15.674  -5.527  1.00 21.58 ? 96  MSE A N   1 
HETATM 724  C  CA  . MSE A 1 93  ? -11.588 16.038  -6.647  1.00 22.67 ? 96  MSE A CA  1 
HETATM 725  C  C   . MSE A 1 93  ? -12.946 15.344  -6.664  0.85 23.15 ? 96  MSE A C   1 
HETATM 726  O  O   . MSE A 1 93  ? -13.783 15.626  -7.522  0.82 23.63 ? 96  MSE A O   1 
HETATM 727  C  CB  . MSE A 1 93  ? -10.880 15.797  -7.981  1.00 22.63 ? 96  MSE A CB  1 
HETATM 728  C  CG  . MSE A 1 93  ? -9.679  16.703  -8.259  1.00 23.15 ? 96  MSE A CG  1 
HETATM 729  SE SE  . MSE A 1 93  ? -10.053 18.487  -8.176  0.59 23.53 ? 96  MSE A SE  1 
HETATM 730  C  CE  . MSE A 1 93  ? -8.802  19.134  -9.214  0.28 23.62 ? 96  MSE A CE  1 
ATOM   731  N  N   . ARG A 1 94  ? -13.168 14.438  -5.718  1.00 23.71 ? 97  ARG A N   1 
ATOM   732  C  CA  . ARG A 1 94  ? -14.441 13.730  -5.644  1.00 24.58 ? 97  ARG A CA  1 
ATOM   733  C  C   . ARG A 1 94  ? -15.476 14.549  -4.883  0.89 25.07 ? 97  ARG A C   1 
ATOM   734  O  O   . ARG A 1 94  ? -16.614 14.693  -5.333  0.83 25.53 ? 97  ARG A O   1 
ATOM   735  C  CB  . ARG A 1 94  ? -14.251 12.374  -4.964  1.00 24.50 ? 97  ARG A CB  1 
ATOM   736  C  CG  . ARG A 1 94  ? -13.365 11.423  -5.747  0.57 24.45 ? 97  ARG A CG  1 
ATOM   737  C  CD  . ARG A 1 94  ? -13.067 10.180  -4.942  0.91 24.70 ? 97  ARG A CD  1 
ATOM   738  N  NE  . ARG A 1 94  ? -12.415 10.516  -3.680  0.86 24.64 ? 97  ARG A NE  1 
ATOM   739  C  CZ  . ARG A 1 94  ? -12.027 9.620   -2.780  1.00 24.45 ? 97  ARG A CZ  1 
ATOM   740  N  NH1 . ARG A 1 94  ? -12.227 8.328   -3.006  0.70 24.61 ? 97  ARG A NH1 1 
ATOM   741  N  NH2 . ARG A 1 94  ? -11.446 10.016  -1.657  1.00 24.17 ? 97  ARG A NH2 1 
ATOM   742  N  N   . ASP A 1 95  ? -15.075 15.089  -3.735  1.00 24.95 ? 98  ASP A N   1 
ATOM   743  C  CA  . ASP A 1 95  ? -15.970 15.889  -2.902  0.96 24.83 ? 98  ASP A CA  1 
ATOM   744  C  C   . ASP A 1 95  ? -15.431 17.286  -2.597  1.00 24.41 ? 98  ASP A C   1 
ATOM   745  O  O   . ASP A 1 95  ? -16.055 18.047  -1.863  1.00 24.37 ? 98  ASP A O   1 
ATOM   746  C  CB  . ASP A 1 95  ? -16.252 15.167  -1.587  1.00 25.22 ? 98  ASP A CB  1 
ATOM   747  C  CG  . ASP A 1 95  ? -14.992 14.665  -0.920  0.57 25.82 ? 98  ASP A CG  1 
ATOM   748  O  OD1 . ASP A 1 95  ? -13.983 15.400  -0.922  0.96 26.38 ? 98  ASP A OD1 1 
ATOM   749  O  OD2 . ASP A 1 95  ? -15.015 13.541  -0.381  0.51 26.41 ? 98  ASP A OD2 1 
ATOM   750  N  N   . TYR A 1 96  ? -14.260 17.597  -3.144  1.00 24.18 ? 99  TYR A N   1 
ATOM   751  C  CA  . TYR A 1 96  ? -13.624 18.901  -2.974  0.99 24.05 ? 99  TYR A CA  1 
ATOM   752  C  C   . TYR A 1 96  ? -13.118 19.221  -1.565  1.00 23.62 ? 99  TYR A C   1 
ATOM   753  O  O   . TYR A 1 96  ? -12.783 20.370  -1.274  1.00 23.68 ? 99  TYR A O   1 
ATOM   754  C  CB  . TYR A 1 96  ? -14.585 20.004  -3.447  1.00 24.69 ? 99  TYR A CB  1 
ATOM   755  C  CG  . TYR A 1 96  ? -15.117 19.761  -4.844  1.00 24.99 ? 99  TYR A CG  1 
ATOM   756  C  CD1 . TYR A 1 96  ? -14.253 19.645  -5.929  0.85 25.26 ? 99  TYR A CD1 1 
ATOM   757  C  CD2 . TYR A 1 96  ? -16.485 19.595  -5.072  1.00 25.72 ? 99  TYR A CD2 1 
ATOM   758  C  CE1 . TYR A 1 96  ? -14.729 19.362  -7.207  0.81 25.62 ? 99  TYR A CE1 1 
ATOM   759  C  CE2 . TYR A 1 96  ? -16.972 19.311  -6.348  1.00 25.32 ? 99  TYR A CE2 1 
ATOM   760  C  CZ  . TYR A 1 96  ? -16.088 19.194  -7.407  0.57 25.71 ? 99  TYR A CZ  1 
ATOM   761  O  OH  . TYR A 1 96  ? -16.559 18.894  -8.665  0.87 26.14 ? 99  TYR A OH  1 
ATOM   762  N  N   . LYS A 1 97  ? -13.037 18.219  -0.694  1.00 22.81 ? 100 LYS A N   1 
ATOM   763  C  CA  . LYS A 1 97  ? -12.557 18.468  0.662   1.00 22.13 ? 100 LYS A CA  1 
ATOM   764  C  C   . LYS A 1 97  ? -11.036 18.572  0.665   1.00 21.81 ? 100 LYS A C   1 
ATOM   765  O  O   . LYS A 1 97  ? -10.372 18.078  -0.247  1.00 21.40 ? 100 LYS A O   1 
ATOM   766  C  CB  . LYS A 1 97  ? -12.989 17.352  1.617   0.86 22.73 ? 100 LYS A CB  1 
ATOM   767  C  CG  . LYS A 1 97  ? -12.357 15.996  1.344   0.62 23.17 ? 100 LYS A CG  1 
ATOM   768  C  CD  . LYS A 1 97  ? -12.801 14.978  2.389   0.38 23.74 ? 100 LYS A CD  1 
ATOM   769  C  CE  . LYS A 1 97  ? -12.220 13.602  2.113   0.75 24.31 ? 100 LYS A CE  1 
ATOM   770  N  NZ  . LYS A 1 97  ? -12.665 13.083  0.797   0.72 24.57 ? 100 LYS A NZ  1 
ATOM   771  N  N   . THR A 1 98  ? -10.491 19.219  1.690   1.00 21.31 ? 101 THR A N   1 
ATOM   772  C  CA  . THR A 1 98  ? -9.048  19.372  1.801   1.00 20.83 ? 101 THR A CA  1 
ATOM   773  C  C   . THR A 1 98  ? -8.462  18.258  2.656   1.00 20.76 ? 101 THR A C   1 
ATOM   774  O  O   . THR A 1 98  ? -8.966  17.960  3.738   1.00 21.56 ? 101 THR A O   1 
ATOM   775  C  CB  . THR A 1 98  ? -8.676  20.738  2.414   0.96 20.92 ? 101 THR A CB  1 
ATOM   776  O  OG1 . THR A 1 98  ? -9.132  21.781  1.546   0.94 20.75 ? 101 THR A OG1 1 
ATOM   777  C  CG2 . THR A 1 98  ? -7.165  20.859  2.586   1.00 20.68 ? 101 THR A CG2 1 
ATOM   778  N  N   . ILE A 1 99  ? -7.400  17.639  2.150   1.00 19.77 ? 102 ILE A N   1 
ATOM   779  C  CA  . ILE A 1 99  ? -6.719  16.552  2.841   1.00 19.77 ? 102 ILE A CA  1 
ATOM   780  C  C   . ILE A 1 99  ? -5.238  16.901  2.923   1.00 19.88 ? 102 ILE A C   1 
ATOM   781  O  O   . ILE A 1 99  ? -4.679  17.450  1.977   1.00 20.17 ? 102 ILE A O   1 
ATOM   782  C  CB  . ILE A 1 99  ? -6.864  15.223  2.066   1.00 19.92 ? 102 ILE A CB  1 
ATOM   783  C  CG1 . ILE A 1 99  ? -8.342  14.842  1.952   0.79 19.92 ? 102 ILE A CG1 1 
ATOM   784  C  CG2 . ILE A 1 99  ? -6.071  14.119  2.760   0.49 20.13 ? 102 ILE A CG2 1 
ATOM   785  C  CD1 . ILE A 1 99  ? -8.591  13.567  1.170   0.17 19.91 ? 102 ILE A CD1 1 
ATOM   786  N  N   . GLU A 1 100 ? -4.608  16.591  4.050   1.00 19.39 ? 103 GLU A N   1 
ATOM   787  C  CA  . GLU A 1 100 ? -3.189  16.877  4.211   1.00 19.96 ? 103 GLU A CA  1 
ATOM   788  C  C   . GLU A 1 100 ? -2.411  15.569  4.193   1.00 19.70 ? 103 GLU A C   1 
ATOM   789  O  O   . GLU A 1 100 ? -2.758  14.628  4.904   1.00 20.29 ? 103 GLU A O   1 
ATOM   790  C  CB  . GLU A 1 100 ? -2.938  17.614  5.529   0.99 20.91 ? 103 GLU A CB  1 
ATOM   791  C  CG  . GLU A 1 100 ? -3.815  18.844  5.698   0.48 22.23 ? 103 GLU A CG  1 
ATOM   792  C  CD  . GLU A 1 100 ? -3.357  19.749  6.824   0.58 22.97 ? 103 GLU A CD  1 
ATOM   793  O  OE1 . GLU A 1 100 ? -3.222  19.262  7.963   0.41 23.87 ? 103 GLU A OE1 1 
ATOM   794  O  OE2 . GLU A 1 100 ? -3.141  20.952  6.566   0.44 23.57 ? 103 GLU A OE2 1 
ATOM   795  N  N   . VAL A 1 101 ? -1.366  15.509  3.372   1.00 18.54 ? 104 VAL A N   1 
ATOM   796  C  CA  . VAL A 1 101 ? -0.545  14.308  3.270   1.00 17.99 ? 104 VAL A CA  1 
ATOM   797  C  C   . VAL A 1 101 ? 0.908   14.623  3.627   1.00 18.02 ? 104 VAL A C   1 
ATOM   798  O  O   . VAL A 1 101 ? 1.503   15.545  3.078   1.00 17.13 ? 104 VAL A O   1 
ATOM   799  C  CB  . VAL A 1 101 ? -0.577  13.734  1.837   0.96 18.07 ? 104 VAL A CB  1 
ATOM   800  C  CG1 . VAL A 1 101 ? 0.260   12.459  1.764   0.77 17.78 ? 104 VAL A CG1 1 
ATOM   801  C  CG2 . VAL A 1 101 ? -2.016  13.460  1.418   0.87 17.84 ? 104 VAL A CG2 1 
ATOM   802  N  N   . PRO A 1 102 ? 1.497   13.871  4.570   1.00 17.98 ? 105 PRO A N   1 
ATOM   803  C  CA  . PRO A 1 102 ? 2.888   14.110  4.956   1.00 18.23 ? 105 PRO A CA  1 
ATOM   804  C  C   . PRO A 1 102 ? 3.833   13.871  3.772   1.00 18.19 ? 105 PRO A C   1 
ATOM   805  O  O   . PRO A 1 102 ? 3.605   12.971  2.961   1.00 18.01 ? 105 PRO A O   1 
ATOM   806  C  CB  A PRO A 1 102 ? 3.094   13.112  6.097   0.60 18.10 ? 105 PRO A CB  1 
ATOM   807  C  CB  B PRO A 1 102 ? 3.104   13.081  6.071   0.45 18.02 ? 105 PRO A CB  1 
ATOM   808  C  CG  A PRO A 1 102 ? 2.184   11.987  5.698   0.46 18.05 ? 105 PRO A CG  1 
ATOM   809  C  CG  B PRO A 1 102 ? 1.702   12.895  6.635   0.73 18.00 ? 105 PRO A CG  1 
ATOM   810  C  CD  A PRO A 1 102 ? 0.936   12.775  5.376   0.74 18.25 ? 105 PRO A CD  1 
ATOM   811  C  CD  B PRO A 1 102 ? 0.945   12.749  5.343   0.40 18.08 ? 105 PRO A CD  1 
HETATM 812  N  N   . MSE A 1 103 ? 4.886   14.677  3.671   1.00 18.08 ? 106 MSE A N   1 
HETATM 813  C  CA  . MSE A 1 103 ? 5.849   14.534  2.579   1.00 18.90 ? 106 MSE A CA  1 
HETATM 814  C  C   . MSE A 1 103 ? 6.446   13.127  2.536   1.00 19.12 ? 106 MSE A C   1 
HETATM 815  O  O   . MSE A 1 103 ? 6.809   12.638  1.465   1.00 18.75 ? 106 MSE A O   1 
HETATM 816  C  CB  . MSE A 1 103 ? 6.978   15.568  2.720   1.00 19.35 ? 106 MSE A CB  1 
HETATM 817  C  CG  . MSE A 1 103 ? 7.092   16.554  1.548   0.25 19.90 ? 106 MSE A CG  1 
HETATM 818  SE SE  . MSE A 1 103 ? 7.523   15.821  -0.064  0.67 19.05 ? 106 MSE A SE  1 
HETATM 819  C  CE  . MSE A 1 103 ? 9.121   15.116  0.322   0.14 20.78 ? 106 MSE A CE  1 
ATOM   820  N  N   . LYS A 1 104 ? 6.542   12.475  3.692   1.00 19.26 ? 107 LYS A N   1 
ATOM   821  C  CA  . LYS A 1 104 ? 7.105   11.129  3.740   1.00 19.93 ? 107 LYS A CA  1 
ATOM   822  C  C   . LYS A 1 104 ? 6.228   10.105  3.020   0.96 20.55 ? 107 LYS A C   1 
ATOM   823  O  O   . LYS A 1 104 ? 6.701   9.024   2.651   1.00 20.76 ? 107 LYS A O   1 
ATOM   824  C  CB  . LYS A 1 104 ? 7.335   10.687  5.190   1.00 20.21 ? 107 LYS A CB  1 
ATOM   825  C  CG  . LYS A 1 104 ? 6.086   10.593  6.044   0.89 20.28 ? 107 LYS A CG  1 
ATOM   826  C  CD  . LYS A 1 104 ? 6.431   10.108  7.447   0.70 21.04 ? 107 LYS A CD  1 
ATOM   827  C  CE  . LYS A 1 104 ? 5.187   9.976   8.312   0.80 21.38 ? 107 LYS A CE  1 
ATOM   828  N  NZ  . LYS A 1 104 ? 5.510   9.491   9.685   0.47 21.82 ? 107 LYS A NZ  1 
ATOM   829  N  N   . TYR A 1 105 ? 4.954   10.441  2.820   1.00 20.40 ? 108 TYR A N   1 
ATOM   830  C  CA  . TYR A 1 105 ? 4.027   9.543   2.133   1.00 20.71 ? 108 TYR A CA  1 
ATOM   831  C  C   . TYR A 1 105 ? 3.840   9.908   0.662   1.00 21.33 ? 108 TYR A C   1 
ATOM   832  O  O   . TYR A 1 105 ? 2.753   9.760   0.099   1.00 21.42 ? 108 TYR A O   1 
ATOM   833  C  CB  . TYR A 1 105 ? 2.670   9.529   2.842   1.00 20.23 ? 108 TYR A CB  1 
ATOM   834  C  CG  . TYR A 1 105 ? 2.686   8.859   4.201   0.95 20.00 ? 108 TYR A CG  1 
ATOM   835  C  CD1 . TYR A 1 105 ? 3.801   8.143   4.640   1.00 19.99 ? 108 TYR A CD1 1 
ATOM   836  C  CD2 . TYR A 1 105 ? 1.579   8.933   5.045   1.00 19.80 ? 108 TYR A CD2 1 
ATOM   837  C  CE1 . TYR A 1 105 ? 3.810   7.519   5.887   1.00 20.05 ? 108 TYR A CE1 1 
ATOM   838  C  CE2 . TYR A 1 105 ? 1.580   8.315   6.289   0.99 19.87 ? 108 TYR A CE2 1 
ATOM   839  C  CZ  . TYR A 1 105 ? 2.698   7.612   6.703   0.89 20.07 ? 108 TYR A CZ  1 
ATOM   840  O  OH  . TYR A 1 105 ? 2.696   7.005   7.936   0.83 19.94 ? 108 TYR A OH  1 
ATOM   841  N  N   . VAL A 1 106 ? 4.910   10.391  0.046   1.00 22.11 ? 109 VAL A N   1 
ATOM   842  C  CA  . VAL A 1 106 ? 4.890   10.748  -1.364  1.00 23.19 ? 109 VAL A CA  1 
ATOM   843  C  C   . VAL A 1 106 ? 5.946   9.898   -2.059  1.00 24.69 ? 109 VAL A C   1 
ATOM   844  O  O   . VAL A 1 106 ? 7.116   9.947   -1.687  1.00 25.09 ? 109 VAL A O   1 
ATOM   845  C  CB  . VAL A 1 106 ? 5.243   12.237  -1.585  1.00 22.67 ? 109 VAL A CB  1 
ATOM   846  C  CG1 . VAL A 1 106 ? 5.271   12.549  -3.076  1.00 22.69 ? 109 VAL A CG1 1 
ATOM   847  C  CG2 . VAL A 1 106 ? 4.233   13.127  -0.877  0.97 22.54 ? 109 VAL A CG2 1 
ATOM   848  N  N   . GLU A 1 107 ? 5.529   9.104   -3.044  1.00 26.15 ? 110 GLU A N   1 
ATOM   849  C  CA  . GLU A 1 107 ? 6.464   8.271   -3.795  1.00 28.02 ? 110 GLU A CA  1 
ATOM   850  C  C   . GLU A 1 107 ? 7.643   9.140   -4.218  1.00 29.07 ? 110 GLU A C   1 
ATOM   851  O  O   . GLU A 1 107 ? 7.450   10.237  -4.745  1.00 28.74 ? 110 GLU A O   1 
ATOM   852  C  CB  . GLU A 1 107 ? 5.788   7.697   -5.043  1.00 28.28 ? 110 GLU A CB  1 
ATOM   853  C  CG  . GLU A 1 107 ? 4.758   6.602   -4.792  0.57 29.15 ? 110 GLU A CG  1 
ATOM   854  C  CD  . GLU A 1 107 ? 5.393   5.291   -4.370  0.63 29.63 ? 110 GLU A CD  1 
ATOM   855  O  OE1 . GLU A 1 107 ? 6.273   4.799   -5.104  0.50 29.91 ? 110 GLU A OE1 1 
ATOM   856  O  OE2 . GLU A 1 107 ? 5.010   4.745   -3.318  0.46 29.84 ? 110 GLU A OE2 1 
ATOM   857  N  N   . GLU A 1 108 ? 8.859   8.650   -3.987  0.99 30.57 ? 111 GLU A N   1 
ATOM   858  C  CA  . GLU A 1 108 ? 10.063  9.396   -4.336  0.74 31.84 ? 111 GLU A CA  1 
ATOM   859  C  C   . GLU A 1 108 ? 10.040  9.984   -5.734  1.00 32.40 ? 111 GLU A C   1 
ATOM   860  O  O   . GLU A 1 108 ? 10.402  11.145  -5.928  1.00 32.85 ? 111 GLU A O   1 
ATOM   861  C  CB  . GLU A 1 108 ? 11.307  8.517   -4.184  0.63 32.28 ? 111 GLU A CB  1 
ATOM   862  C  CG  . GLU A 1 108 ? 11.727  8.282   -2.750  0.30 33.03 ? 111 GLU A CG  1 
ATOM   863  C  CD  . GLU A 1 108 ? 12.009  9.582   -2.022  0.91 33.47 ? 111 GLU A CD  1 
ATOM   864  O  OE1 . GLU A 1 108 ? 12.828  10.382  -2.521  0.64 33.83 ? 111 GLU A OE1 1 
ATOM   865  O  OE2 . GLU A 1 108 ? 11.413  9.798   -0.947  0.45 33.74 ? 111 GLU A OE2 1 
ATOM   866  N  N   . GLU A 1 109 ? 9.617   9.185   -6.707  1.00 33.03 ? 112 GLU A N   1 
ATOM   867  C  CA  . GLU A 1 109 ? 9.561   9.640   -8.089  1.00 33.43 ? 112 GLU A CA  1 
ATOM   868  C  C   . GLU A 1 109 ? 8.587   10.782  -8.358  0.98 33.43 ? 112 GLU A C   1 
ATOM   869  O  O   . GLU A 1 109 ? 8.722   11.491  -9.353  0.98 33.80 ? 112 GLU A O   1 
ATOM   870  C  CB  . GLU A 1 109 ? 9.246   8.465   -9.027  1.00 33.82 ? 112 GLU A CB  1 
ATOM   871  C  CG  . GLU A 1 109 ? 8.492   7.303   -8.391  0.01 34.16 ? 112 GLU A CG  1 
ATOM   872  C  CD  . GLU A 1 109 ? 9.371   6.473   -7.469  0.25 34.39 ? 112 GLU A CD  1 
ATOM   873  O  OE1 . GLU A 1 109 ? 10.413  5.970   -7.941  0.16 34.42 ? 112 GLU A OE1 1 
ATOM   874  O  OE2 . GLU A 1 109 ? 9.024   6.318   -6.280  0.74 34.60 ? 112 GLU A OE2 1 
ATOM   875  N  N   . ALA A 1 110 ? 7.614   10.972  -7.472  1.00 32.82 ? 113 ALA A N   1 
ATOM   876  C  CA  . ALA A 1 110 ? 6.631   12.035  -7.658  1.00 31.89 ? 113 ALA A CA  1 
ATOM   877  C  C   . ALA A 1 110 ? 7.022   13.337  -6.966  1.00 31.61 ? 113 ALA A C   1 
ATOM   878  O  O   . ALA A 1 110 ? 6.554   14.409  -7.346  1.00 31.11 ? 113 ALA A O   1 
ATOM   879  C  CB  . ALA A 1 110 ? 5.267   11.574  -7.158  1.00 32.02 ? 113 ALA A CB  1 
ATOM   880  N  N   . LYS A 1 111 ? 7.883   13.246  -5.958  1.00 31.29 ? 114 LYS A N   1 
ATOM   881  C  CA  . LYS A 1 111 ? 8.302   14.429  -5.217  0.92 31.26 ? 114 LYS A CA  1 
ATOM   882  C  C   . LYS A 1 111 ? 8.865   15.531  -6.108  1.00 31.15 ? 114 LYS A C   1 
ATOM   883  O  O   . LYS A 1 111 ? 8.673   16.717  -5.835  1.00 31.19 ? 114 LYS A O   1 
ATOM   884  C  CB  . LYS A 1 111 ? 9.339   14.055  -4.149  1.00 31.43 ? 114 LYS A CB  1 
ATOM   885  C  CG  . LYS A 1 111 ? 8.804   13.139  -3.056  0.73 31.69 ? 114 LYS A CG  1 
ATOM   886  C  CD  . LYS A 1 111 ? 9.849   12.873  -1.976  0.97 32.18 ? 114 LYS A CD  1 
ATOM   887  C  CE  . LYS A 1 111 ? 9.285   11.986  -0.872  1.00 32.42 ? 114 LYS A CE  1 
ATOM   888  N  NZ  . LYS A 1 111 ? 10.261  11.759  0.231   0.80 32.94 ? 114 LYS A NZ  1 
ATOM   889  N  N   . GLY A 1 112 ? 9.546   15.138  -7.177  1.00 30.70 ? 115 GLY A N   1 
ATOM   890  C  CA  . GLY A 1 112 ? 10.142  16.112  -8.073  1.00 30.16 ? 115 GLY A CA  1 
ATOM   891  C  C   . GLY A 1 112 ? 9.188   16.962  -8.891  1.00 29.79 ? 115 GLY A C   1 
ATOM   892  O  O   . GLY A 1 112 ? 9.576   18.023  -9.379  0.84 30.08 ? 115 GLY A O   1 
ATOM   893  N  N   . ARG A 1 113 ? 7.947   16.515  -9.051  1.00 28.83 ? 116 ARG A N   1 
ATOM   894  C  CA  . ARG A 1 113 ? 6.985   17.279  -9.836  1.00 27.88 ? 116 ARG A CA  1 
ATOM   895  C  C   . ARG A 1 113 ? 5.819   17.812  -9.012  1.00 27.03 ? 116 ARG A C   1 
ATOM   896  O  O   . ARG A 1 113 ? 4.783   18.188  -9.558  1.00 26.72 ? 116 ARG A O   1 
ATOM   897  C  CB  . ARG A 1 113 ? 6.466   16.432  -11.002 0.82 28.26 ? 116 ARG A CB  1 
ATOM   898  C  CG  . ARG A 1 113 ? 7.578   15.924  -11.911 0.80 28.73 ? 116 ARG A CG  1 
ATOM   899  C  CD  . ARG A 1 113 ? 7.035   15.252  -13.159 0.63 29.08 ? 116 ARG A CD  1 
ATOM   900  N  NE  . ARG A 1 113 ? 6.362   16.202  -14.039 0.52 29.50 ? 116 ARG A NE  1 
ATOM   901  C  CZ  . ARG A 1 113 ? 5.084   16.121  -14.390 0.35 29.70 ? 116 ARG A CZ  1 
ATOM   902  N  NH1 . ARG A 1 113 ? 4.329   15.130  -13.937 0.38 29.94 ? 116 ARG A NH1 1 
ATOM   903  N  NH2 . ARG A 1 113 ? 4.558   17.031  -15.199 0.19 29.87 ? 116 ARG A NH2 1 
ATOM   904  N  N   . LEU A 1 114 ? 5.994   17.843  -7.695  1.00 26.19 ? 117 LEU A N   1 
ATOM   905  C  CA  . LEU A 1 114 ? 4.960   18.364  -6.810  1.00 25.27 ? 117 LEU A CA  1 
ATOM   906  C  C   . LEU A 1 114 ? 4.911   19.873  -6.981  1.00 24.99 ? 117 LEU A C   1 
ATOM   907  O  O   . LEU A 1 114 ? 5.901   20.562  -6.734  1.00 26.07 ? 117 LEU A O   1 
ATOM   908  C  CB  . LEU A 1 114 ? 5.283   18.039  -5.351  1.00 24.60 ? 117 LEU A CB  1 
ATOM   909  C  CG  . LEU A 1 114 ? 5.256   16.576  -4.911  0.90 24.46 ? 117 LEU A CG  1 
ATOM   910  C  CD1 . LEU A 1 114 ? 5.725   16.473  -3.467  0.84 24.05 ? 117 LEU A CD1 1 
ATOM   911  C  CD2 . LEU A 1 114 ? 3.843   16.023  -5.061  1.00 24.08 ? 117 LEU A CD2 1 
ATOM   912  N  N   . ALA A 1 115 ? 3.762   20.384  -7.407  1.00 23.85 ? 118 ALA A N   1 
ATOM   913  C  CA  . ALA A 1 115 ? 3.595   21.815  -7.608  1.00 23.00 ? 118 ALA A CA  1 
ATOM   914  C  C   . ALA A 1 115 ? 2.124   22.181  -7.492  1.00 21.88 ? 118 ALA A C   1 
ATOM   915  O  O   . ALA A 1 115 ? 1.251   21.415  -7.896  1.00 21.11 ? 118 ALA A O   1 
ATOM   916  C  CB  . ALA A 1 115 ? 4.118   22.214  -8.980  1.00 23.03 ? 118 ALA A CB  1 
ATOM   917  N  N   . PRO A 1 116 ? 1.827   23.366  -6.938  1.00 21.50 ? 119 PRO A N   1 
ATOM   918  C  CA  . PRO A 1 116 ? 0.430   23.774  -6.803  1.00 21.20 ? 119 PRO A CA  1 
ATOM   919  C  C   . PRO A 1 116 ? -0.268  23.745  -8.162  1.00 21.37 ? 119 PRO A C   1 
ATOM   920  O  O   . PRO A 1 116 ? 0.287   24.204  -9.162  1.00 21.32 ? 119 PRO A O   1 
ATOM   921  C  CB  . PRO A 1 116 ? 0.550   25.185  -6.221  1.00 21.05 ? 119 PRO A CB  1 
ATOM   922  C  CG  . PRO A 1 116 ? 1.910   25.644  -6.742  0.83 21.37 ? 119 PRO A CG  1 
ATOM   923  C  CD  . PRO A 1 116 ? 2.712   24.419  -6.417  1.00 21.31 ? 119 PRO A CD  1 
ATOM   924  N  N   . GLY A 1 117 ? -1.473  23.184  -8.194  1.00 20.74 ? 120 GLY A N   1 
ATOM   925  C  CA  . GLY A 1 117 ? -2.223  23.109  -9.435  1.00 21.68 ? 120 GLY A CA  1 
ATOM   926  C  C   . GLY A 1 117 ? -2.141  21.765  -10.134 1.00 21.55 ? 120 GLY A C   1 
ATOM   927  O  O   . GLY A 1 117 ? -3.017  21.420  -10.924 1.00 22.38 ? 120 GLY A O   1 
ATOM   928  N  N   . ALA A 1 118 ? -1.096  20.997  -9.849  1.00 21.47 ? 121 ALA A N   1 
ATOM   929  C  CA  . ALA A 1 118 ? -0.937  19.693  -10.484 1.00 21.57 ? 121 ALA A CA  1 
ATOM   930  C  C   . ALA A 1 118 ? -1.920  18.687  -9.899  1.00 21.93 ? 121 ALA A C   1 
ATOM   931  O  O   . ALA A 1 118 ? -2.333  18.813  -8.743  1.00 21.63 ? 121 ALA A O   1 
ATOM   932  C  CB  . ALA A 1 118 ? 0.490   19.193  -10.298 0.99 21.75 ? 121 ALA A CB  1 
ATOM   933  N  N   . GLU A 1 119 ? -2.317  17.705  -10.702 1.00 21.78 ? 122 GLU A N   1 
ATOM   934  C  CA  . GLU A 1 119 ? -3.221  16.671  -10.213 1.00 22.40 ? 122 GLU A CA  1 
ATOM   935  C  C   . GLU A 1 119 ? -2.363  15.469  -9.875  1.00 21.96 ? 122 GLU A C   1 
ATOM   936  O  O   . GLU A 1 119 ? -1.341  15.232  -10.518 1.00 22.63 ? 122 GLU A O   1 
ATOM   937  C  CB  . GLU A 1 119 ? -4.257  16.262  -11.263 0.94 23.33 ? 122 GLU A CB  1 
ATOM   938  C  CG  . GLU A 1 119 ? -5.273  17.323  -11.621 0.89 24.48 ? 122 GLU A CG  1 
ATOM   939  C  CD  . GLU A 1 119 ? -6.459  16.742  -12.369 0.51 25.27 ? 122 GLU A CD  1 
ATOM   940  O  OE1 . GLU A 1 119 ? -6.236  16.011  -13.355 0.66 26.58 ? 122 GLU A OE1 1 
ATOM   941  O  OE2 . GLU A 1 119 ? -7.613  17.016  -11.974 0.56 25.68 ? 122 GLU A OE2 1 
ATOM   942  N  N   . VAL A 1 120 ? -2.773  14.715  -8.867  1.00 21.51 ? 123 VAL A N   1 
ATOM   943  C  CA  . VAL A 1 120 ? -2.019  13.541  -8.454  1.00 20.96 ? 123 VAL A CA  1 
ATOM   944  C  C   . VAL A 1 120 ? -2.924  12.345  -8.209  1.00 20.82 ? 123 VAL A C   1 
ATOM   945  O  O   . VAL A 1 120 ? -4.118  12.495  -7.938  1.00 20.72 ? 123 VAL A O   1 
ATOM   946  C  CB  . VAL A 1 120 ? -1.229  13.812  -7.148  0.81 20.83 ? 123 VAL A CB  1 
ATOM   947  C  CG1 . VAL A 1 120 ? -0.163  14.872  -7.383  0.97 20.93 ? 123 VAL A CG1 1 
ATOM   948  C  CG2 . VAL A 1 120 ? -2.187  14.259  -6.047  1.00 20.60 ? 123 VAL A CG2 1 
ATOM   949  N  N   . GLU A 1 121 ? -2.343  11.154  -8.321  1.00 20.43 ? 124 GLU A N   1 
ATOM   950  C  CA  . GLU A 1 121 ? -3.071  9.922   -8.061  1.00 20.31 ? 124 GLU A CA  1 
ATOM   951  C  C   . GLU A 1 121 ? -2.827  9.685   -6.578  1.00 19.86 ? 124 GLU A C   1 
ATOM   952  O  O   . GLU A 1 121 ? -1.680  9.698   -6.128  1.00 20.17 ? 124 GLU A O   1 
ATOM   953  C  CB  . GLU A 1 121 ? -2.479  8.758   -8.862  0.94 20.80 ? 124 GLU A CB  1 
ATOM   954  C  CG  . GLU A 1 121 ? -3.313  7.483   -8.809  0.64 21.90 ? 124 GLU A CG  1 
ATOM   955  C  CD  . GLU A 1 121 ? -2.622  6.295   -9.460  0.70 22.28 ? 124 GLU A CD  1 
ATOM   956  O  OE1 . GLU A 1 121 ? -2.015  6.472   -10.536 0.73 22.99 ? 124 GLU A OE1 1 
ATOM   957  O  OE2 . GLU A 1 121 ? -2.704  5.179   -8.903  0.68 22.60 ? 124 GLU A OE2 1 
ATOM   958  N  N   . VAL A 1 122 ? -3.895  9.490   -5.816  1.00 19.67 ? 125 VAL A N   1 
ATOM   959  C  CA  . VAL A 1 122 ? -3.763  9.257   -4.387  1.00 19.81 ? 125 VAL A CA  1 
ATOM   960  C  C   . VAL A 1 122 ? -4.369  7.918   -3.998  1.00 20.12 ? 125 VAL A C   1 
ATOM   961  O  O   . VAL A 1 122 ? -5.389  7.502   -4.547  1.00 19.94 ? 125 VAL A O   1 
ATOM   962  C  CB  . VAL A 1 122 ? -4.474  10.362  -3.566  1.00 19.58 ? 125 VAL A CB  1 
ATOM   963  C  CG1 . VAL A 1 122 ? -4.203  10.169  -2.079  1.00 19.82 ? 125 VAL A CG1 1 
ATOM   964  C  CG2 . VAL A 1 122 ? -4.004  11.737  -4.021  0.96 19.51 ? 125 VAL A CG2 1 
ATOM   965  N  N   . TRP A 1 123 ? -3.725  7.242   -3.053  1.00 20.40 ? 126 TRP A N   1 
ATOM   966  C  CA  . TRP A 1 123 ? -4.210  5.964   -2.550  1.00 21.07 ? 126 TRP A CA  1 
ATOM   967  C  C   . TRP A 1 123 ? -4.548  6.117   -1.083  1.00 21.32 ? 126 TRP A C   1 
ATOM   968  O  O   . TRP A 1 123 ? -3.774  6.691   -0.314  1.00 21.47 ? 126 TRP A O   1 
ATOM   969  C  CB  . TRP A 1 123 ? -3.141  4.879   -2.683  1.00 21.68 ? 126 TRP A CB  1 
ATOM   970  C  CG  . TRP A 1 123 ? -2.913  4.380   -4.064  1.00 22.44 ? 126 TRP A CG  1 
ATOM   971  C  CD1 . TRP A 1 123 ? -3.315  4.961   -5.233  0.97 22.98 ? 126 TRP A CD1 1 
ATOM   972  C  CD2 . TRP A 1 123 ? -2.169  3.214   -4.428  1.00 23.01 ? 126 TRP A CD2 1 
ATOM   973  N  NE1 . TRP A 1 123 ? -2.863  4.225   -6.304  1.00 23.20 ? 126 TRP A NE1 1 
ATOM   974  C  CE2 . TRP A 1 123 ? -2.158  3.150   -5.837  1.00 23.26 ? 126 TRP A CE2 1 
ATOM   975  C  CE3 . TRP A 1 123 ? -1.508  2.217   -3.698  0.95 23.40 ? 126 TRP A CE3 1 
ATOM   976  C  CZ2 . TRP A 1 123 ? -1.510  2.125   -6.535  0.77 23.51 ? 126 TRP A CZ2 1 
ATOM   977  C  CZ3 . TRP A 1 123 ? -0.863  1.198   -4.392  0.75 23.47 ? 126 TRP A CZ3 1 
ATOM   978  C  CH2 . TRP A 1 123 ? -0.870  1.161   -5.796  0.79 23.59 ? 126 TRP A CH2 1 
ATOM   979  N  N   . GLN A 1 124 ? -5.712  5.620   -0.693  1.00 21.38 ? 127 GLN A N   1 
ATOM   980  C  CA  . GLN A 1 124 ? -6.108  5.671   0.700   1.00 22.21 ? 127 GLN A CA  1 
ATOM   981  C  C   . GLN A 1 124 ? -6.259  4.259   1.244   1.00 22.45 ? 127 GLN A C   1 
ATOM   982  O  O   . GLN A 1 124 ? -6.934  3.417   0.652   1.00 22.80 ? 127 GLN A O   1 
ATOM   983  C  CB  . GLN A 1 124 ? -7.418  6.443   0.877   0.95 22.60 ? 127 GLN A CB  1 
ATOM   984  C  CG  . GLN A 1 124 ? -8.026  6.274   2.261   1.00 23.27 ? 127 GLN A CG  1 
ATOM   985  C  CD  . GLN A 1 124 ? -9.175  7.223   2.526   0.84 23.91 ? 127 GLN A CD  1 
ATOM   986  O  OE1 . GLN A 1 124 ? -9.975  7.512   1.639   0.67 24.28 ? 127 GLN A OE1 1 
ATOM   987  N  NE2 . GLN A 1 124 ? -9.277  7.692   3.763   0.78 24.22 ? 127 GLN A NE2 1 
ATOM   988  N  N   . ILE A 1 125 ? -5.589  4.004   2.361   1.00 22.62 ? 128 ILE A N   1 
ATOM   989  C  CA  . ILE A 1 125 ? -5.650  2.713   3.030   1.00 22.79 ? 128 ILE A CA  1 
ATOM   990  C  C   . ILE A 1 125 ? -5.996  3.067   4.467   1.00 23.25 ? 128 ILE A C   1 
ATOM   991  O  O   . ILE A 1 125 ? -5.193  3.673   5.175   1.00 23.36 ? 128 ILE A O   1 
ATOM   992  C  CB  . ILE A 1 125 ? -4.294  1.982   2.983   1.00 22.63 ? 128 ILE A CB  1 
ATOM   993  C  CG1 . ILE A 1 125 ? -3.886  1.731   1.529   1.00 22.54 ? 128 ILE A CG1 1 
ATOM   994  C  CG2 . ILE A 1 125 ? -4.399  0.655   3.726   0.90 22.70 ? 128 ILE A CG2 1 
ATOM   995  C  CD1 . ILE A 1 125 ? -2.556  1.006   1.379   1.00 22.72 ? 128 ILE A CD1 1 
ATOM   996  N  N   . LEU A 1 126 ? -7.199  2.696   4.890   1.00 23.81 ? 129 LEU A N   1 
ATOM   997  C  CA  . LEU A 1 126 ? -7.669  3.020   6.226   1.00 24.58 ? 129 LEU A CA  1 
ATOM   998  C  C   . LEU A 1 126 ? -7.643  4.541   6.390   1.00 24.81 ? 129 LEU A C   1 
ATOM   999  O  O   . LEU A 1 126 ? -8.222  5.257   5.573   1.00 25.56 ? 129 LEU A O   1 
ATOM   1000 C  CB  . LEU A 1 126 ? -6.807  2.335   7.293   0.97 24.65 ? 129 LEU A CB  1 
ATOM   1001 C  CG  . LEU A 1 126 ? -6.888  0.802   7.295   0.96 24.79 ? 129 LEU A CG  1 
ATOM   1002 C  CD1 . LEU A 1 126 ? -6.027  0.239   8.411   0.78 24.72 ? 129 LEU A CD1 1 
ATOM   1003 C  CD2 . LEU A 1 126 ? -8.335  0.370   7.481   0.83 25.19 ? 129 LEU A CD2 1 
ATOM   1004 N  N   . ASP A 1 127 ? -6.964  5.040   7.418   1.00 24.62 ? 130 ASP A N   1 
ATOM   1005 C  CA  . ASP A 1 127 ? -6.916  6.482   7.650   0.99 24.89 ? 130 ASP A CA  1 
ATOM   1006 C  C   . ASP A 1 127 ? -5.671  7.186   7.116   0.88 24.33 ? 130 ASP A C   1 
ATOM   1007 O  O   . ASP A 1 127 ? -5.394  8.328   7.485   0.97 25.08 ? 130 ASP A O   1 
ATOM   1008 C  CB  . ASP A 1 127 ? -7.056  6.777   9.145   0.95 25.21 ? 130 ASP A CB  1 
ATOM   1009 C  CG  . ASP A 1 127 ? -8.352  6.244   9.723   0.43 25.47 ? 130 ASP A CG  1 
ATOM   1010 O  OD1 . ASP A 1 127 ? -9.426  6.587   9.186   0.45 25.81 ? 130 ASP A OD1 1 
ATOM   1011 O  OD2 . ASP A 1 127 ? -8.296  5.487   10.715  0.35 25.57 ? 130 ASP A OD2 1 
ATOM   1012 N  N   . ARG A 1 128 ? -4.917  6.517   6.252   1.00 23.44 ? 131 ARG A N   1 
ATOM   1013 C  CA  . ARG A 1 128 ? -3.717  7.134   5.700   1.00 22.56 ? 131 ARG A CA  1 
ATOM   1014 C  C   . ARG A 1 128 ? -3.759  7.274   4.187   1.00 22.10 ? 131 ARG A C   1 
ATOM   1015 O  O   . ARG A 1 128 ? -4.416  6.495   3.496   1.00 21.57 ? 131 ARG A O   1 
ATOM   1016 C  CB  . ARG A 1 128 ? -2.465  6.351   6.113   0.98 22.39 ? 131 ARG A CB  1 
ATOM   1017 C  CG  . ARG A 1 128 ? -2.149  6.450   7.597   0.94 22.05 ? 131 ARG A CG  1 
ATOM   1018 C  CD  . ARG A 1 128 ? -0.825  5.788   7.945   1.00 21.67 ? 131 ARG A CD  1 
ATOM   1019 N  NE  . ARG A 1 128 ? -0.852  4.340   7.759   0.91 21.78 ? 131 ARG A NE  1 
ATOM   1020 C  CZ  . ARG A 1 128 ? 0.186   3.542   7.992   0.82 21.51 ? 131 ARG A CZ  1 
ATOM   1021 N  NH1 . ARG A 1 128 ? 1.334   4.055   8.418   1.00 21.41 ? 131 ARG A NH1 1 
ATOM   1022 N  NH2 . ARG A 1 128 ? 0.075   2.232   7.815   0.88 21.57 ? 131 ARG A NH2 1 
ATOM   1023 N  N   . TYR A 1 129 ? -3.052  8.277   3.675   1.00 21.67 ? 132 TYR A N   1 
ATOM   1024 C  CA  . TYR A 1 129 ? -3.009  8.514   2.239   1.00 21.17 ? 132 TYR A CA  1 
ATOM   1025 C  C   . TYR A 1 129 ? -1.588  8.512   1.711   1.00 21.08 ? 132 TYR A C   1 
ATOM   1026 O  O   . TYR A 1 129 ? -0.647  8.879   2.417   1.00 20.52 ? 132 TYR A O   1 
ATOM   1027 C  CB  . TYR A 1 129 ? -3.629  9.869   1.877   1.00 22.04 ? 132 TYR A CB  1 
ATOM   1028 C  CG  . TYR A 1 129 ? -5.055  10.082  2.327   1.00 22.72 ? 132 TYR A CG  1 
ATOM   1029 C  CD1 . TYR A 1 129 ? -5.343  10.522  3.619   0.96 23.58 ? 132 TYR A CD1 1 
ATOM   1030 C  CD2 . TYR A 1 129 ? -6.118  9.862   1.453   1.00 22.93 ? 132 TYR A CD2 1 
ATOM   1031 C  CE1 . TYR A 1 129 ? -6.659  10.745  4.027   0.84 23.65 ? 132 TYR A CE1 1 
ATOM   1032 C  CE2 . TYR A 1 129 ? -7.433  10.078  1.848   1.00 22.97 ? 132 TYR A CE2 1 
ATOM   1033 C  CZ  . TYR A 1 129 ? -7.697  10.521  3.134   0.84 23.64 ? 132 TYR A CZ  1 
ATOM   1034 O  OH  . TYR A 1 129 ? -8.999  10.743  3.522   0.60 23.72 ? 132 TYR A OH  1 
ATOM   1035 N  N   . LYS A 1 130 ? -1.440  8.110   0.456   1.00 20.79 ? 133 LYS A N   1 
ATOM   1036 C  CA  . LYS A 1 130 ? -0.134  8.113   -0.171  1.00 21.21 ? 133 LYS A CA  1 
ATOM   1037 C  C   . LYS A 1 130 ? -0.246  8.676   -1.578  1.00 20.96 ? 133 LYS A C   1 
ATOM   1038 O  O   . LYS A 1 130 ? -1.092  8.245   -2.367  1.00 20.55 ? 133 LYS A O   1 
ATOM   1039 C  CB  . LYS A 1 130 ? 0.463   6.709   -0.231  1.00 22.03 ? 133 LYS A CB  1 
ATOM   1040 C  CG  . LYS A 1 130 ? 1.908   6.749   -0.693  0.83 22.83 ? 133 LYS A CG  1 
ATOM   1041 C  CD  . LYS A 1 130 ? 2.611   5.426   -0.567  0.59 23.18 ? 133 LYS A CD  1 
ATOM   1042 C  CE  . LYS A 1 130 ? 4.096   5.615   -0.831  0.75 23.57 ? 133 LYS A CE  1 
ATOM   1043 N  NZ  . LYS A 1 130 ? 4.847   4.342   -0.763  0.70 23.34 ? 133 LYS A NZ  1 
ATOM   1044 N  N   . ILE A 1 131 ? 0.594   9.659   -1.879  1.00 20.79 ? 134 ILE A N   1 
ATOM   1045 C  CA  . ILE A 1 131 ? 0.609   10.264  -3.202  1.00 20.81 ? 134 ILE A CA  1 
ATOM   1046 C  C   . ILE A 1 131 ? 1.493   9.372   -4.061  1.00 21.84 ? 134 ILE A C   1 
ATOM   1047 O  O   . ILE A 1 131 ? 2.686   9.214   -3.786  1.00 21.33 ? 134 ILE A O   1 
ATOM   1048 C  CB  . ILE A 1 131 ? 1.167   11.703  -3.155  1.00 20.02 ? 134 ILE A CB  1 
ATOM   1049 C  CG1 . ILE A 1 131 ? 0.202   12.595  -2.360  1.00 19.77 ? 134 ILE A CG1 1 
ATOM   1050 C  CG2 . ILE A 1 131 ? 1.364   12.231  -4.564  1.00 20.20 ? 134 ILE A CG2 1 
ATOM   1051 C  CD1 . ILE A 1 131 ? 0.656   14.041  -2.203  1.00 19.80 ? 134 ILE A CD1 1 
ATOM   1052 N  N   . ILE A 1 132 ? 0.892   8.788   -5.093  1.00 22.65 ? 135 ILE A N   1 
ATOM   1053 C  CA  . ILE A 1 132 ? 1.582   7.863   -5.987  1.00 24.26 ? 135 ILE A CA  1 
ATOM   1054 C  C   . ILE A 1 132 ? 2.341   8.517   -7.136  1.00 25.66 ? 135 ILE A C   1 
ATOM   1055 O  O   . ILE A 1 132 ? 3.498   8.180   -7.394  1.00 25.53 ? 135 ILE A O   1 
ATOM   1056 C  CB  . ILE A 1 132 ? 0.580   6.849   -6.578  0.90 24.51 ? 135 ILE A CB  1 
ATOM   1057 C  CG1 . ILE A 1 132 ? -0.184  6.153   -5.446  0.92 24.37 ? 135 ILE A CG1 1 
ATOM   1058 C  CG2 . ILE A 1 132 ? 1.312   5.828   -7.438  0.75 24.48 ? 135 ILE A CG2 1 
ATOM   1059 C  CD1 . ILE A 1 132 ? 0.690   5.380   -4.478  0.69 24.40 ? 135 ILE A CD1 1 
ATOM   1060 N  N   . ARG A 1 133 ? 1.700   9.447   -7.835  1.00 26.80 ? 136 ARG A N   1 
ATOM   1061 C  CA  . ARG A 1 133 ? 2.357   10.110  -8.951  1.00 28.79 ? 136 ARG A CA  1 
ATOM   1062 C  C   . ARG A 1 133 ? 1.600   11.351  -9.401  1.00 29.65 ? 136 ARG A C   1 
ATOM   1063 O  O   . ARG A 1 133 ? 0.413   11.504  -9.113  1.00 29.37 ? 136 ARG A O   1 
ATOM   1064 C  CB  . ARG A 1 133 ? 2.494   9.127   -10.116 1.00 29.00 ? 136 ARG A CB  1 
ATOM   1065 C  CG  . ARG A 1 133 ? 1.174   8.644   -10.681 0.91 29.93 ? 136 ARG A CG  1 
ATOM   1066 C  CD  . ARG A 1 133 ? 1.309   7.228   -11.218 0.55 30.71 ? 136 ARG A CD  1 
ATOM   1067 N  NE  . ARG A 1 133 ? 2.431   7.080   -12.139 0.40 31.20 ? 136 ARG A NE  1 
ATOM   1068 C  CZ  . ARG A 1 133 ? 2.816   5.919   -12.662 0.35 31.55 ? 136 ARG A CZ  1 
ATOM   1069 N  NH1 . ARG A 1 133 ? 2.166   4.805   -12.352 0.47 32.01 ? 136 ARG A NH1 1 
ATOM   1070 N  NH2 . ARG A 1 133 ? 3.851   5.870   -13.488 0.11 31.71 ? 136 ARG A NH2 1 
ATOM   1071 N  N   . VAL A 1 134 ? 2.302   12.239  -10.096 1.00 31.02 ? 137 VAL A N   1 
ATOM   1072 C  CA  . VAL A 1 134 ? 1.695   13.458  -10.600 1.00 32.91 ? 137 VAL A CA  1 
ATOM   1073 C  C   . VAL A 1 134 ? 0.928   13.149  -11.882 1.00 34.23 ? 137 VAL A C   1 
ATOM   1074 O  O   . VAL A 1 134 ? 1.408   12.397  -12.732 1.00 34.85 ? 137 VAL A O   1 
ATOM   1075 C  CB  . VAL A 1 134 ? 2.760   14.536  -10.881 1.00 32.87 ? 137 VAL A CB  1 
ATOM   1076 C  CG1 . VAL A 1 134 ? 2.102   15.797  -11.415 1.00 32.94 ? 137 VAL A CG1 1 
ATOM   1077 C  CG2 . VAL A 1 134 ? 3.532   14.841  -9.604  0.82 33.12 ? 137 VAL A CG2 1 
ATOM   1078 N  N   . LYS A 1 135 ? -0.263  13.738  -11.981 0.91 35.50 ? 138 LYS A N   1 
ATOM   1079 C  CA  . LYS A 1 135 ? -1.222  13.614  -13.086 1.00 36.88 ? 138 LYS A CA  1 
ATOM   1080 C  C   . LYS A 1 135 ? -2.495  12.935  -12.593 0.35 37.24 ? 138 LYS A C   1 
ATOM   1081 O  O   . LYS A 1 135 ? -3.402  13.597  -12.091 0.01 37.37 ? 138 LYS A O   1 
ATOM   1082 C  CB  . LYS A 1 135 ? -0.646  12.842  -14.280 0.43 37.13 ? 138 LYS A CB  1 
ATOM   1083 C  CG  . LYS A 1 135 ? 0.489   13.564  -14.996 1.00 37.78 ? 138 LYS A CG  1 
ATOM   1084 C  CD  . LYS A 1 135 ? 0.068   14.947  -15.457 0.89 38.26 ? 138 LYS A CD  1 
ATOM   1085 C  CE  . LYS A 1 135 ? 1.221   15.666  -16.140 0.34 38.21 ? 138 LYS A CE  1 
ATOM   1086 N  NZ  . LYS A 1 135 ? 0.837   17.033  -16.591 0.09 38.29 ? 138 LYS A NZ  1 
ATOM   1087 N  N   . GLY A 1 136 ? -2.560  11.615  -12.726 1.00 38.03 ? 139 GLY A N   1 
ATOM   1088 C  CA  . GLY A 1 136 ? -3.730  10.881  -12.273 0.67 38.20 ? 139 GLY A CA  1 
ATOM   1089 C  C   . GLY A 1 136 ? -5.025  11.331  -12.919 1.00 38.45 ? 139 GLY A C   1 
ATOM   1090 O  O   . GLY A 1 136 ? -4.981  12.244  -13.774 0.13 38.38 ? 139 GLY A O   1 
ATOM   1091 O  OXT . GLY A 1 136 ? -6.090  10.772  -12.573 0.04 38.35 ? 139 GLY A OXT 1 
HETATM 1092 O  O   . HOH B 2 .   ? 11.301  -7.362  8.707   0.94 23.69 ? 201 HOH A O   1 
HETATM 1093 O  O   . HOH B 2 .   ? 9.082   -8.832  8.736   0.93 15.37 ? 202 HOH A O   1 
HETATM 1094 O  O   . HOH B 2 .   ? 7.186   -7.321  10.207  0.96 18.68 ? 203 HOH A O   1 
HETATM 1095 O  O   . HOH B 2 .   ? 10.045  -4.011  10.062  0.88 44.77 ? 204 HOH A O   1 
HETATM 1096 O  O   . HOH B 2 .   ? 12.359  -6.454  11.272  0.85 36.13 ? 205 HOH A O   1 
HETATM 1097 O  O   . HOH B 2 .   ? 2.605   -11.745 11.977  1.00 24.70 ? 206 HOH A O   1 
HETATM 1098 O  O   . HOH B 2 .   ? 1.318   -10.436 9.998   1.00 21.98 ? 207 HOH A O   1 
HETATM 1099 O  O   . HOH B 2 .   ? -0.361  -12.422 8.837   1.00 41.14 ? 208 HOH A O   1 
HETATM 1100 O  O   . HOH B 2 .   ? -1.962  -10.714 6.926   0.76 28.25 ? 209 HOH A O   1 
HETATM 1101 O  O   . HOH B 2 .   ? -3.154  -9.090  9.109   1.00 32.75 ? 210 HOH A O   1 
HETATM 1102 O  O   . HOH B 2 .   ? -1.325  -7.561  10.751  0.96 22.84 ? 211 HOH A O   1 
HETATM 1103 O  O   . HOH B 2 .   ? -0.627  -9.556  12.575  0.83 43.16 ? 212 HOH A O   1 
HETATM 1104 O  O   . HOH B 2 .   ? -2.442  -10.016 14.488  0.65 42.00 ? 213 HOH A O   1 
HETATM 1105 O  O   . HOH B 2 .   ? 1.613   -8.615  14.465  0.91 28.90 ? 214 HOH A O   1 
HETATM 1106 O  O   . HOH B 2 .   ? 2.368   -1.884  12.002  0.73 29.50 ? 215 HOH A O   1 
HETATM 1107 O  O   . HOH B 2 .   ? 1.788   0.389   9.932   0.82 26.36 ? 216 HOH A O   1 
HETATM 1108 O  O   . HOH B 2 .   ? 3.929   2.843   8.868   0.96 23.16 ? 217 HOH A O   1 
HETATM 1109 O  O   . HOH B 2 .   ? 4.890   5.157   8.199   0.74 21.00 ? 218 HOH A O   1 
HETATM 1110 O  O   . HOH B 2 .   ? 7.316   6.514   8.414   0.73 42.14 ? 219 HOH A O   1 
HETATM 1111 O  O   . HOH B 2 .   ? 10.263  4.720   7.619   0.58 31.46 ? 220 HOH A O   1 
HETATM 1112 O  O   . HOH B 2 .   ? 6.037   6.418   2.010   0.73 27.19 ? 221 HOH A O   1 
HETATM 1113 O  O   . HOH B 2 .   ? 7.552   5.519   -0.642  0.84 44.53 ? 222 HOH A O   1 
HETATM 1114 O  O   . HOH B 2 .   ? 7.143   2.399   0.280   0.86 29.63 ? 223 HOH A O   1 
HETATM 1115 O  O   . HOH B 2 .   ? 11.803  1.622   0.769   0.65 26.77 ? 224 HOH A O   1 
HETATM 1116 O  O   . HOH B 2 .   ? 8.980   9.260   1.314   0.79 45.66 ? 225 HOH A O   1 
HETATM 1117 O  O   . HOH B 2 .   ? 11.717  13.897  1.116   0.89 40.59 ? 226 HOH A O   1 
HETATM 1118 O  O   . HOH B 2 .   ? 11.719  16.526  0.225   0.58 40.23 ? 227 HOH A O   1 
HETATM 1119 O  O   . HOH B 2 .   ? 11.100  18.256  2.230   0.94 29.43 ? 228 HOH A O   1 
HETATM 1120 O  O   . HOH B 2 .   ? 8.722   20.936  -0.683  0.80 28.96 ? 229 HOH A O   1 
HETATM 1121 O  O   . HOH B 2 .   ? 7.696   23.961  -0.447  0.89 25.64 ? 230 HOH A O   1 
HETATM 1122 O  O   . HOH B 2 .   ? 1.489   22.632  2.352   1.00 16.86 ? 231 HOH A O   1 
HETATM 1123 O  O   . HOH B 2 .   ? -4.107  26.547  -0.071  0.92 31.16 ? 232 HOH A O   1 
HETATM 1124 O  O   . HOH B 2 .   ? -6.956  26.294  0.109   0.91 31.58 ? 233 HOH A O   1 
HETATM 1125 O  O   . HOH B 2 .   ? -8.036  24.298  2.083   1.00 37.56 ? 234 HOH A O   1 
HETATM 1126 O  O   . HOH B 2 .   ? -12.176 20.491  3.393   0.94 28.55 ? 235 HOH A O   1 
HETATM 1127 O  O   . HOH B 2 .   ? -15.939 19.725  0.356   0.91 37.18 ? 236 HOH A O   1 
HETATM 1128 O  O   . HOH B 2 .   ? -13.887 17.239  -9.744  0.86 34.63 ? 237 HOH A O   1 
HETATM 1129 O  O   . HOH B 2 .   ? -7.218  19.726  -11.481 1.00 47.19 ? 238 HOH A O   1 
HETATM 1130 O  O   . HOH B 2 .   ? -5.332  21.514  -12.092 0.64 43.95 ? 239 HOH A O   1 
HETATM 1131 O  O   . HOH B 2 .   ? -4.483  24.357  -6.818  1.00 24.17 ? 240 HOH A O   1 
HETATM 1132 O  O   . HOH B 2 .   ? -6.548  26.090  -5.851  1.00 24.62 ? 241 HOH A O   1 
HETATM 1133 O  O   . HOH B 2 .   ? -5.632  28.018  -4.522  0.83 42.92 ? 242 HOH A O   1 
HETATM 1134 O  O   . HOH B 2 .   ? -4.003  26.833  -3.040  0.92 25.49 ? 243 HOH A O   1 
HETATM 1135 O  O   . HOH B 2 .   ? -6.120  15.453  6.232   0.92 30.54 ? 244 HOH A O   1 
HETATM 1136 O  O   . HOH B 2 .   ? -5.356  12.619  7.341   0.72 31.87 ? 245 HOH A O   1 
HETATM 1137 O  O   . HOH B 2 .   ? -7.227  10.557  7.735   0.84 34.83 ? 246 HOH A O   1 
HETATM 1138 O  O   . HOH B 2 .   ? -3.612  9.576   9.059   0.91 37.14 ? 247 HOH A O   1 
HETATM 1139 O  O   . HOH B 2 .   ? -1.004  9.954   8.380   0.93 28.41 ? 248 HOH A O   1 
HETATM 1140 O  O   . HOH B 2 .   ? -0.291  12.361  9.238   0.76 43.04 ? 249 HOH A O   1 
HETATM 1141 O  O   . HOH B 2 .   ? -1.519  14.269  7.988   0.71 36.45 ? 250 HOH A O   1 
HETATM 1142 O  O   . HOH B 2 .   ? 0.439   16.041  7.490   0.81 36.65 ? 251 HOH A O   1 
HETATM 1143 O  O   . HOH B 2 .   ? -1.065  17.921  8.488   0.66 35.43 ? 252 HOH A O   1 
HETATM 1144 O  O   . HOH B 2 .   ? 2.571   15.747  9.136   0.82 33.70 ? 253 HOH A O   1 
HETATM 1145 O  O   . HOH B 2 .   ? 4.997   15.935  7.692   0.96 32.29 ? 254 HOH A O   1 
HETATM 1146 O  O   . HOH B 2 .   ? 6.807   13.945  6.202   1.00 23.27 ? 255 HOH A O   1 
HETATM 1147 O  O   . HOH B 2 .   ? 9.266   16.163  5.706   0.92 38.03 ? 256 HOH A O   1 
HETATM 1148 O  O   . HOH B 2 .   ? 6.203   20.372  10.377  0.93 27.18 ? 257 HOH A O   1 
HETATM 1149 O  O   . HOH B 2 .   ? 3.902   18.918  10.269  0.78 42.27 ? 258 HOH A O   1 
HETATM 1150 O  O   . HOH B 2 .   ? 6.338   22.950  11.289  0.87 26.50 ? 259 HOH A O   1 
HETATM 1151 O  O   . HOH B 2 .   ? -3.105  12.323  5.843   0.83 27.05 ? 260 HOH A O   1 
HETATM 1152 O  O   . HOH B 2 .   ? -1.691  10.150  5.513   1.00 25.23 ? 261 HOH A O   1 
HETATM 1153 O  O   . HOH B 2 .   ? 1.153   8.443   9.683   0.65 36.44 ? 262 HOH A O   1 
HETATM 1154 O  O   . HOH B 2 .   ? -4.620  4.038   9.484   0.81 36.29 ? 263 HOH A O   1 
HETATM 1155 O  O   . HOH B 2 .   ? -3.403  3.050   7.101   0.86 23.25 ? 264 HOH A O   1 
HETATM 1156 O  O   . HOH B 2 .   ? -2.436  0.630   7.551   0.98 29.99 ? 265 HOH A O   1 
HETATM 1157 O  O   . HOH B 2 .   ? -3.249  -1.729  6.412   0.96 29.83 ? 266 HOH A O   1 
HETATM 1158 O  O   . HOH B 2 .   ? -5.559  -2.698  5.626   1.00 34.28 ? 267 HOH A O   1 
HETATM 1159 O  O   . HOH B 2 .   ? -7.718  -1.886  4.413   1.00 33.09 ? 268 HOH A O   1 
HETATM 1160 O  O   . HOH B 2 .   ? -8.671  0.585   3.637   1.00 31.06 ? 269 HOH A O   1 
HETATM 1161 O  O   . HOH B 2 .   ? -10.277 4.053   4.074   0.79 37.83 ? 270 HOH A O   1 
HETATM 1162 O  O   . HOH B 2 .   ? -10.728 10.292  1.636   0.81 34.65 ? 271 HOH A O   1 
HETATM 1163 O  O   . HOH B 2 .   ? -12.872 6.666   -5.268  0.77 31.64 ? 272 HOH A O   1 
HETATM 1164 O  O   . HOH B 2 .   ? -10.217 2.622   -6.183  0.82 35.08 ? 273 HOH A O   1 
HETATM 1165 O  O   . HOH B 2 .   ? -8.474  -2.897  -3.020  0.77 31.50 ? 274 HOH A O   1 
HETATM 1166 O  O   . HOH B 2 .   ? -3.280  -6.952  -4.571  0.93 44.54 ? 275 HOH A O   1 
HETATM 1167 O  O   . HOH B 2 .   ? -3.482  -8.762  -2.803  0.99 35.60 ? 276 HOH A O   1 
HETATM 1168 O  O   . HOH B 2 .   ? -3.683  -11.183 -4.424  0.97 43.78 ? 277 HOH A O   1 
HETATM 1169 O  O   . HOH B 2 .   ? -1.815  -5.599  -6.941  0.60 36.50 ? 278 HOH A O   1 
HETATM 1170 O  O   . HOH B 2 .   ? 0.980   -3.997  -8.039  0.77 34.48 ? 279 HOH A O   1 
HETATM 1171 O  O   . HOH B 2 .   ? 0.897   -1.512  -7.652  0.62 26.96 ? 280 HOH A O   1 
HETATM 1172 O  O   . HOH B 2 .   ? -2.677  -1.504  -7.623  1.00 47.53 ? 281 HOH A O   1 
HETATM 1173 O  O   . HOH B 2 .   ? -2.693  2.673   -10.004 0.70 33.29 ? 282 HOH A O   1 
HETATM 1174 O  O   . HOH B 2 .   ? 3.330   0.335   -3.531  0.82 37.16 ? 283 HOH A O   1 
HETATM 1175 O  O   . HOH B 2 .   ? 6.320   -5.515  -6.510  0.74 25.49 ? 284 HOH A O   1 
HETATM 1176 O  O   . HOH B 2 .   ? 8.940   -14.168 -6.618  0.70 34.91 ? 285 HOH A O   1 
HETATM 1177 O  O   . HOH B 2 .   ? 8.414   -18.862 -6.556  0.59 34.27 ? 286 HOH A O   1 
HETATM 1178 O  O   . HOH B 2 .   ? 9.809   -20.824 -5.366  0.87 27.40 ? 287 HOH A O   1 
HETATM 1179 O  O   . HOH B 2 .   ? 9.253   -21.402 1.136   0.91 22.57 ? 288 HOH A O   1 
HETATM 1180 O  O   . HOH B 2 .   ? 11.860  -20.519 1.692   0.68 40.86 ? 289 HOH A O   1 
HETATM 1181 O  O   . HOH B 2 .   ? 13.221  -22.903 2.666   0.73 36.62 ? 290 HOH A O   1 
HETATM 1182 O  O   . HOH B 2 .   ? 12.282  -25.267 3.435   0.84 26.33 ? 291 HOH A O   1 
HETATM 1183 O  O   . HOH B 2 .   ? 9.636   -25.164 4.009   0.84 39.73 ? 292 HOH A O   1 
HETATM 1184 O  O   . HOH B 2 .   ? 9.120   -23.020 5.466   0.83 37.78 ? 293 HOH A O   1 
HETATM 1185 O  O   . HOH B 2 .   ? 10.604  -21.324 6.974   0.67 36.84 ? 294 HOH A O   1 
HETATM 1186 O  O   . HOH B 2 .   ? 10.701  -19.442 8.855   0.85 35.16 ? 295 HOH A O   1 
HETATM 1187 O  O   . HOH B 2 .   ? 11.195  -19.472 5.025   0.79 43.64 ? 296 HOH A O   1 
HETATM 1188 O  O   . HOH B 2 .   ? 8.675   -20.773 4.038   0.73 21.66 ? 297 HOH A O   1 
HETATM 1189 O  O   . HOH B 2 .   ? 8.210   -25.367 7.017   0.85 48.90 ? 298 HOH A O   1 
HETATM 1190 O  O   . HOH B 2 .   ? 7.757   -27.121 5.016   0.99 44.36 ? 299 HOH A O   1 
HETATM 1191 O  O   . HOH B 2 .   ? 5.871   -29.686 3.925   0.83 29.65 ? 300 HOH A O   1 
HETATM 1192 O  O   . HOH B 2 .   ? 8.956   -31.095 7.223   0.74 35.40 ? 301 HOH A O   1 
HETATM 1193 O  O   . HOH B 2 .   ? 3.633   -28.444 8.351   0.92 30.64 ? 302 HOH A O   1 
HETATM 1194 O  O   . HOH B 2 .   ? 1.917   -29.954 6.914   0.76 35.33 ? 303 HOH A O   1 
HETATM 1195 O  O   . HOH B 2 .   ? -0.761  -29.147 8.035   0.81 35.01 ? 304 HOH A O   1 
HETATM 1196 O  O   . HOH B 2 .   ? 0.145   -26.678 7.177   0.97 28.34 ? 305 HOH A O   1 
HETATM 1197 O  O   . HOH B 2 .   ? -1.845  -25.023 6.952   0.89 27.14 ? 306 HOH A O   1 
HETATM 1198 O  O   . HOH B 2 .   ? 2.048   -26.077 8.962   1.00 28.43 ? 307 HOH A O   1 
HETATM 1199 O  O   . HOH B 2 .   ? 0.412   -27.835 0.060   0.89 29.13 ? 308 HOH A O   1 
HETATM 1200 O  O   . HOH B 2 .   ? -2.251  -26.921 -0.690  0.88 38.89 ? 309 HOH A O   1 
HETATM 1201 O  O   . HOH B 2 .   ? -3.324  -24.512 -2.019  0.78 32.99 ? 310 HOH A O   1 
HETATM 1202 O  O   . HOH B 2 .   ? -3.149  -21.920 -1.961  0.77 34.17 ? 311 HOH A O   1 
HETATM 1203 O  O   . HOH B 2 .   ? -5.771  -24.408 -0.993  0.72 37.19 ? 312 HOH A O   1 
HETATM 1204 O  O   . HOH B 2 .   ? -7.419  -22.318 3.231   0.71 33.05 ? 313 HOH A O   1 
HETATM 1205 O  O   . HOH B 2 .   ? -8.344  -24.573 4.295   0.63 44.28 ? 314 HOH A O   1 
HETATM 1206 O  O   . HOH B 2 .   ? -6.504  -26.478 3.698   0.78 32.80 ? 315 HOH A O   1 
HETATM 1207 O  O   . HOH B 2 .   ? 0.362   -30.449 -1.410  0.91 35.58 ? 316 HOH A O   1 
HETATM 1208 O  O   . HOH B 2 .   ? 1.637   -32.758 0.064   0.71 29.65 ? 317 HOH A O   1 
HETATM 1209 O  O   . HOH B 2 .   ? 0.479   -37.237 0.057   0.70 43.19 ? 318 HOH A O   1 
HETATM 1210 O  O   . HOH B 2 .   ? 2.036   -17.296 -3.572  0.78 24.97 ? 319 HOH A O   1 
HETATM 1211 O  O   . HOH B 2 .   ? 2.578   -17.072 -6.628  0.70 29.95 ? 320 HOH A O   1 
HETATM 1212 O  O   . HOH B 2 .   ? 11.174  -15.303 -0.367  0.60 39.01 ? 321 HOH A O   1 
HETATM 1213 O  O   . HOH B 2 .   ? 15.185  -12.634 2.036   0.78 45.71 ? 322 HOH A O   1 
HETATM 1214 O  O   . HOH B 2 .   ? 15.256  -11.271 -0.195  0.92 44.69 ? 323 HOH A O   1 
HETATM 1215 O  O   . HOH B 2 .   ? 13.075  -22.317 7.474   0.78 41.22 ? 324 HOH A O   1 
HETATM 1216 O  O   . HOH B 2 .   ? -3.557  -17.214 8.551   0.94 27.98 ? 325 HOH A O   1 
HETATM 1217 O  O   . HOH B 2 .   ? -8.335  -6.043  5.137   1.00 31.81 ? 326 HOH A O   1 
HETATM 1218 O  O   . HOH B 2 .   ? -6.373  -3.859  7.940   0.74 30.23 ? 327 HOH A O   1 
HETATM 1219 O  O   . HOH B 2 .   ? -3.438  -2.810  9.253   0.89 38.26 ? 328 HOH A O   1 
HETATM 1220 O  O   . HOH B 2 .   ? -11.095 10.560  -8.286  0.89 25.56 ? 329 HOH A O   1 
HETATM 1221 O  O   . HOH B 2 .   ? 4.814   11.191  -10.893 0.86 31.36 ? 330 HOH A O   1 
HETATM 1222 O  O   . HOH B 2 .   ? 11.380  13.128  -7.458  0.81 41.19 ? 331 HOH A O   1 
HETATM 1223 O  O   . HOH B 2 .   ? 12.607  -9.816  7.911   1.00 41.90 ? 332 HOH A O   1 
HETATM 1224 O  O   . HOH B 2 .   ? 2.919   12.671  9.900   1.00 42.74 ? 333 HOH A O   1 
HETATM 1225 O  O   . HOH B 2 .   ? -13.973 10.005  1.429   1.00 43.06 ? 334 HOH A O   1 
HETATM 1226 O  O   . HOH B 2 .   ? -1.860  8.233   -12.661 1.00 46.06 ? 335 HOH A O   1 
HETATM 1227 O  O   . HOH B 2 .   ? -0.807  17.481  -13.247 1.00 33.25 ? 336 HOH A O   1 
HETATM 1228 O  O   . HOH B 2 .   ? 3.979   19.474  -11.891 1.00 34.88 ? 337 HOH A O   1 
HETATM 1229 O  O   . HOH B 2 .   ? 9.800   1.704   -1.428  1.00 47.09 ? 338 HOH A O   1 
HETATM 1230 O  O   . HOH B 2 .   ? 5.100   -13.656 -8.648  1.00 41.58 ? 339 HOH A O   1 
HETATM 1231 O  O   . HOH B 2 .   ? -2.899  -15.840 -8.033  1.00 45.67 ? 340 HOH A O   1 
HETATM 1232 O  O   . HOH B 2 .   ? -3.287  -5.625  11.343  1.00 46.10 ? 341 HOH A O   1 
HETATM 1233 O  O   . HOH B 2 .   ? 2.158   -32.819 7.358   1.00 45.98 ? 342 HOH A O   1 
HETATM 1234 O  O   . HOH B 2 .   ? 4.612   -33.556 6.786   1.00 42.65 ? 343 HOH A O   1 
# 
